data_2J6D
#
_entry.id   2J6D
#
_cell.length_a   1.000
_cell.length_b   1.000
_cell.length_c   1.000
_cell.angle_alpha   90.00
_cell.angle_beta   90.00
_cell.angle_gamma   90.00
#
_symmetry.space_group_name_H-M   'P 1'
#
_entity_poly.entity_id   1
_entity_poly.type   'polypeptide(L)'
_entity_poly.pdbx_seq_one_letter_code
;ARPKDRPSYCNLPADSGSGTKPEQRIYYNSAKKQCVTFTYNGKGGNGNNFSRTNDCRQTCQYPVG
;
_entity_poly.pdbx_strand_id   A
#
# COMPACT_ATOMS: atom_id res chain seq x y z
N ALA A 1 -0.66 8.82 23.23
CA ALA A 1 -1.15 7.46 23.06
C ALA A 1 -1.49 7.23 21.61
N ARG A 2 -0.83 6.29 21.00
CA ARG A 2 -1.07 6.02 19.58
C ARG A 2 -1.30 4.55 19.34
N PRO A 3 -2.46 4.20 18.81
CA PRO A 3 -2.85 2.82 18.58
C PRO A 3 -2.64 2.34 17.15
N LYS A 4 -2.44 1.03 17.01
CA LYS A 4 -2.32 0.44 15.70
C LYS A 4 -3.16 -0.85 15.68
N ASP A 5 -4.26 -0.83 14.94
CA ASP A 5 -5.10 -2.05 14.90
C ASP A 5 -4.36 -2.96 13.96
N ARG A 6 -4.80 -4.14 13.60
CA ARG A 6 -4.28 -4.99 12.58
C ARG A 6 -4.11 -4.23 11.30
N PRO A 7 -3.04 -4.58 10.55
CA PRO A 7 -2.70 -4.05 9.25
C PRO A 7 -3.84 -3.39 8.52
N SER A 8 -4.87 -4.16 8.15
CA SER A 8 -6.08 -3.68 7.46
C SER A 8 -5.74 -2.94 6.15
N TYR A 9 -5.25 -1.71 6.31
CA TYR A 9 -4.96 -0.87 5.16
C TYR A 9 -3.73 -1.43 4.49
N CYS A 10 -2.95 -2.07 5.35
CA CYS A 10 -1.82 -2.78 4.84
C CYS A 10 -2.35 -3.83 3.84
N ASN A 11 -3.39 -4.58 4.17
CA ASN A 11 -3.78 -5.75 3.33
C ASN A 11 -4.65 -5.33 2.16
N LEU A 12 -4.93 -4.03 2.10
CA LEU A 12 -5.87 -3.53 1.10
C LEU A 12 -5.34 -3.68 -0.34
N PRO A 13 -6.24 -3.79 -1.31
CA PRO A 13 -5.91 -4.11 -2.69
C PRO A 13 -5.33 -2.96 -3.57
N ALA A 14 -4.36 -3.43 -4.40
CA ALA A 14 -3.81 -2.58 -5.41
C ALA A 14 -4.99 -2.42 -6.42
N ASP A 15 -5.52 -1.23 -6.65
CA ASP A 15 -6.54 -1.03 -7.68
C ASP A 15 -6.22 0.13 -8.55
N SER A 16 -5.97 -0.19 -9.78
CA SER A 16 -5.45 0.74 -10.69
C SER A 16 -6.52 1.71 -11.27
N GLY A 17 -7.74 1.22 -11.50
CA GLY A 17 -8.75 2.05 -12.16
C GLY A 17 -8.47 2.14 -13.67
N SER A 18 -9.21 3.09 -14.26
CA SER A 18 -9.22 3.17 -15.75
C SER A 18 -8.16 4.16 -16.22
N GLY A 19 -7.52 4.62 -15.21
CA GLY A 19 -6.33 5.36 -15.43
C GLY A 19 -6.51 6.81 -15.70
N THR A 20 -5.60 7.52 -15.16
CA THR A 20 -5.43 8.91 -15.28
C THR A 20 -3.96 9.28 -15.05
N LYS A 21 -3.44 8.96 -13.92
CA LYS A 21 -2.01 9.10 -13.75
C LYS A 21 -1.43 7.74 -13.40
N PRO A 22 -0.86 7.05 -14.40
CA PRO A 22 -0.29 5.73 -14.25
C PRO A 22 1.12 5.79 -13.72
N GLU A 23 1.31 5.29 -12.54
CA GLU A 23 2.58 5.33 -11.87
C GLU A 23 2.81 4.00 -11.20
N GLN A 24 4.01 3.85 -10.69
CA GLN A 24 4.31 2.80 -9.79
C GLN A 24 3.86 3.33 -8.47
N ARG A 25 3.26 2.52 -7.68
CA ARG A 25 2.92 2.85 -6.30
C ARG A 25 3.17 1.64 -5.53
N ILE A 26 2.90 1.64 -4.25
CA ILE A 26 3.35 0.56 -3.43
C ILE A 26 2.29 0.19 -2.35
N TYR A 27 2.04 -1.08 -2.11
CA TYR A 27 0.94 -1.52 -1.23
C TYR A 27 1.47 -2.77 -0.54
N TYR A 28 0.88 -3.13 0.57
CA TYR A 28 1.26 -4.28 1.33
C TYR A 28 0.57 -5.55 0.79
N ASN A 29 1.42 -6.49 0.58
CA ASN A 29 0.92 -7.78 0.11
C ASN A 29 0.22 -8.44 1.24
N SER A 30 -0.90 -9.03 0.86
CA SER A 30 -1.93 -9.53 1.74
C SER A 30 -1.44 -10.94 2.17
N ALA A 31 -1.34 -11.82 1.16
CA ALA A 31 -0.75 -13.16 1.34
C ALA A 31 0.70 -13.10 1.85
N LYS A 32 1.47 -12.41 1.02
CA LYS A 32 2.95 -12.47 1.04
C LYS A 32 3.63 -11.69 2.16
N LYS A 33 2.78 -10.82 2.69
CA LYS A 33 3.13 -9.95 3.81
C LYS A 33 4.42 -9.18 3.54
N GLN A 34 4.43 -8.60 2.37
CA GLN A 34 5.54 -7.82 1.80
C GLN A 34 4.96 -6.45 1.47
N CYS A 35 5.69 -5.64 0.75
CA CYS A 35 5.25 -4.33 0.33
C CYS A 35 5.72 -4.24 -1.07
N VAL A 36 4.88 -4.28 -2.04
CA VAL A 36 5.31 -4.35 -3.40
C VAL A 36 4.62 -3.24 -4.11
N THR A 37 5.08 -2.98 -5.26
CA THR A 37 4.49 -2.01 -6.09
C THR A 37 3.31 -2.53 -6.87
N PHE A 38 2.46 -1.60 -7.24
CA PHE A 38 1.34 -1.87 -8.02
C PHE A 38 1.22 -0.77 -9.00
N THR A 39 0.51 -1.06 -9.99
CA THR A 39 0.21 -0.18 -11.03
C THR A 39 -0.94 0.71 -10.56
N TYR A 40 -0.65 1.96 -10.40
CA TYR A 40 -1.70 2.85 -9.93
C TYR A 40 -2.06 3.79 -11.00
N ASN A 41 -3.23 3.63 -11.49
CA ASN A 41 -3.67 4.42 -12.58
C ASN A 41 -4.43 5.59 -12.08
N GLY A 42 -5.05 5.43 -10.92
CA GLY A 42 -5.53 6.57 -10.25
C GLY A 42 -7.00 6.79 -10.16
N LYS A 43 -7.89 5.84 -10.42
CA LYS A 43 -9.32 6.08 -10.39
C LYS A 43 -10.01 4.89 -9.69
N GLY A 44 -10.98 4.40 -10.44
CA GLY A 44 -11.70 3.17 -10.20
C GLY A 44 -11.20 2.21 -9.12
N GLY A 45 -12.02 2.07 -8.11
CA GLY A 45 -11.79 1.08 -7.10
C GLY A 45 -10.89 1.52 -5.98
N ASN A 46 -10.25 0.51 -5.36
CA ASN A 46 -9.37 0.82 -4.21
C ASN A 46 -8.14 1.66 -4.50
N GLY A 47 -7.86 2.39 -3.45
CA GLY A 47 -6.74 3.27 -3.48
C GLY A 47 -5.76 3.00 -2.41
N ASN A 48 -5.56 1.74 -2.08
CA ASN A 48 -4.51 1.39 -1.16
C ASN A 48 -3.21 1.63 -1.84
N ASN A 49 -2.57 2.65 -1.43
CA ASN A 49 -1.41 3.22 -1.95
C ASN A 49 -0.54 3.67 -0.83
N PHE A 50 0.68 3.26 -0.81
CA PHE A 50 1.66 3.87 0.04
C PHE A 50 2.69 4.36 -0.95
N SER A 51 2.99 5.63 -0.95
CA SER A 51 3.83 6.27 -1.95
C SER A 51 5.20 6.47 -1.40
N ARG A 52 5.41 6.01 -0.24
CA ARG A 52 6.67 6.10 0.38
C ARG A 52 6.86 4.75 0.95
N THR A 53 7.97 4.16 0.61
CA THR A 53 8.33 2.86 1.08
C THR A 53 8.40 2.88 2.62
N ASN A 54 8.86 4.01 3.17
CA ASN A 54 8.93 4.19 4.60
C ASN A 54 7.54 4.27 5.21
N ASP A 55 6.54 4.72 4.43
CA ASP A 55 5.18 4.76 4.92
C ASP A 55 4.61 3.40 4.98
N CYS A 56 4.97 2.53 4.04
CA CYS A 56 4.54 1.19 4.21
C CYS A 56 5.25 0.56 5.31
N ARG A 57 6.48 0.89 5.51
CA ARG A 57 7.22 0.38 6.70
C ARG A 57 6.45 0.64 7.99
N GLN A 58 5.89 1.84 8.08
CA GLN A 58 5.07 2.26 9.25
C GLN A 58 3.98 1.30 9.50
N THR A 59 3.18 1.26 8.56
CA THR A 59 2.13 0.39 8.36
C THR A 59 2.60 -1.05 8.57
N CYS A 60 3.28 -1.51 7.62
CA CYS A 60 3.54 -2.92 7.40
C CYS A 60 4.27 -3.09 6.11
N GLN A 61 5.50 -3.52 6.13
CA GLN A 61 5.96 -4.10 4.92
C GLN A 61 6.10 -5.55 5.11
N TYR A 62 7.01 -5.90 6.00
CA TYR A 62 7.34 -7.27 6.25
C TYR A 62 7.08 -7.72 7.69
N PRO A 63 5.87 -8.16 8.02
CA PRO A 63 5.62 -8.84 9.27
C PRO A 63 5.95 -10.31 9.04
N VAL A 64 7.15 -10.66 9.34
CA VAL A 64 7.67 -11.95 9.00
C VAL A 64 7.83 -12.84 10.19
N GLY A 65 8.30 -14.05 9.94
CA GLY A 65 8.36 -15.04 10.95
C GLY A 65 9.64 -15.78 10.80
N ALA A 1 -5.35 7.76 18.40
CA ALA A 1 -3.90 7.71 18.25
C ALA A 1 -3.54 6.38 17.65
N ARG A 2 -2.76 6.41 16.58
CA ARG A 2 -2.38 5.18 15.91
C ARG A 2 -1.31 4.46 16.71
N PRO A 3 -1.61 3.22 17.11
CA PRO A 3 -0.64 2.34 17.74
C PRO A 3 -0.05 1.51 16.61
N LYS A 4 0.03 0.19 16.75
CA LYS A 4 0.46 -0.50 15.58
C LYS A 4 -0.52 -1.63 15.32
N ASP A 5 -1.50 -1.27 14.53
CA ASP A 5 -2.54 -2.20 14.11
C ASP A 5 -1.97 -2.70 12.85
N ARG A 6 -2.69 -3.49 12.13
CA ARG A 6 -2.51 -3.48 10.76
C ARG A 6 -3.68 -2.62 10.34
N PRO A 7 -3.46 -1.36 9.98
CA PRO A 7 -4.52 -0.51 9.57
C PRO A 7 -5.00 -0.68 8.24
N SER A 8 -6.04 -1.57 8.17
CA SER A 8 -7.01 -1.77 7.07
C SER A 8 -6.42 -1.57 5.72
N TYR A 9 -6.08 -0.30 5.45
CA TYR A 9 -5.30 0.09 4.33
C TYR A 9 -4.21 -0.86 4.04
N CYS A 10 -3.39 -1.27 5.06
CA CYS A 10 -2.31 -2.20 4.88
C CYS A 10 -2.76 -3.39 4.07
N ASN A 11 -3.91 -3.92 4.40
CA ASN A 11 -4.33 -5.23 3.85
C ASN A 11 -5.19 -5.09 2.62
N LEU A 12 -5.41 -3.88 2.18
CA LEU A 12 -6.29 -3.62 1.04
C LEU A 12 -5.57 -3.78 -0.29
N PRO A 13 -6.26 -4.36 -1.28
CA PRO A 13 -5.73 -4.45 -2.65
C PRO A 13 -5.68 -3.07 -3.30
N ALA A 14 -4.72 -2.85 -4.16
CA ALA A 14 -4.58 -1.57 -4.82
C ALA A 14 -5.72 -1.33 -5.82
N ASP A 15 -6.07 -0.07 -6.04
CA ASP A 15 -6.98 0.35 -7.11
C ASP A 15 -6.37 1.51 -7.84
N SER A 16 -6.11 1.33 -9.08
CA SER A 16 -5.34 2.27 -9.81
C SER A 16 -6.16 3.47 -10.36
N GLY A 17 -7.43 3.25 -10.66
CA GLY A 17 -8.22 4.28 -11.32
C GLY A 17 -7.88 4.35 -12.83
N SER A 18 -8.48 5.38 -13.43
CA SER A 18 -8.44 5.44 -14.92
C SER A 18 -7.23 6.27 -15.37
N GLY A 19 -6.52 6.62 -14.39
CA GLY A 19 -5.25 7.18 -14.64
C GLY A 19 -5.23 8.65 -14.79
N THR A 20 -4.25 9.21 -14.21
CA THR A 20 -3.91 10.57 -14.33
C THR A 20 -2.42 10.72 -14.06
N LYS A 21 -1.98 10.34 -12.91
CA LYS A 21 -0.54 10.30 -12.74
C LYS A 21 -0.16 8.88 -12.40
N PRO A 22 0.33 8.10 -13.39
CA PRO A 22 0.75 6.71 -13.17
C PRO A 22 2.12 6.68 -12.53
N GLU A 23 2.20 6.20 -11.35
CA GLU A 23 3.41 6.23 -10.60
C GLU A 23 3.69 4.84 -10.07
N GLN A 24 4.85 4.67 -9.52
CA GLN A 24 5.13 3.52 -8.74
C GLN A 24 4.76 3.88 -7.38
N ARG A 25 4.02 3.08 -6.73
CA ARG A 25 3.65 3.32 -5.36
C ARG A 25 3.75 2.04 -4.69
N ILE A 26 3.52 1.98 -3.42
CA ILE A 26 3.85 0.80 -2.72
C ILE A 26 2.77 0.48 -1.64
N TYR A 27 2.35 -0.76 -1.54
CA TYR A 27 1.18 -1.14 -0.72
C TYR A 27 1.54 -2.48 -0.05
N TYR A 28 0.90 -2.79 1.09
CA TYR A 28 1.12 -4.02 1.82
C TYR A 28 0.35 -5.15 1.17
N ASN A 29 1.05 -6.17 0.94
CA ASN A 29 0.41 -7.37 0.45
C ASN A 29 -0.39 -7.94 1.57
N SER A 30 -1.55 -8.44 1.18
CA SER A 30 -2.62 -8.87 2.06
C SER A 30 -2.22 -10.31 2.46
N ALA A 31 -2.17 -11.15 1.42
CA ALA A 31 -1.69 -12.54 1.54
C ALA A 31 -0.26 -12.57 2.11
N LYS A 32 0.62 -11.94 1.31
CA LYS A 32 2.09 -12.19 1.32
C LYS A 32 2.87 -11.46 2.39
N LYS A 33 2.15 -10.49 2.94
CA LYS A 33 2.60 -9.72 4.08
C LYS A 33 3.94 -9.06 3.83
N GLN A 34 4.03 -8.46 2.67
CA GLN A 34 5.21 -7.77 2.17
C GLN A 34 4.76 -6.37 1.77
N CYS A 35 5.64 -5.63 1.11
CA CYS A 35 5.32 -4.26 0.74
C CYS A 35 5.79 -4.20 -0.66
N VAL A 36 4.93 -4.30 -1.62
CA VAL A 36 5.32 -4.31 -2.99
C VAL A 36 4.73 -3.08 -3.67
N THR A 37 5.20 -2.80 -4.85
CA THR A 37 4.72 -1.69 -5.60
C THR A 37 3.47 -1.99 -6.41
N PHE A 38 2.75 -0.93 -6.75
CA PHE A 38 1.58 -1.00 -7.52
C PHE A 38 1.51 0.19 -8.39
N THR A 39 0.74 0.05 -9.38
CA THR A 39 0.47 1.07 -10.31
C THR A 39 -0.57 2.01 -9.72
N TYR A 40 -0.12 3.17 -9.36
CA TYR A 40 -1.05 4.11 -8.84
C TYR A 40 -1.33 5.14 -9.87
N ASN A 41 -2.53 5.14 -10.38
CA ASN A 41 -2.88 6.06 -11.42
C ASN A 41 -3.43 7.30 -10.83
N GLY A 42 -4.07 7.16 -9.68
CA GLY A 42 -4.37 8.34 -8.93
C GLY A 42 -5.79 8.78 -8.84
N LYS A 43 -6.81 7.98 -9.19
CA LYS A 43 -8.17 8.45 -9.20
C LYS A 43 -9.09 7.44 -8.46
N GLY A 44 -10.14 7.14 -9.20
CA GLY A 44 -11.12 6.12 -8.85
C GLY A 44 -10.76 4.94 -7.99
N GLY A 45 -11.58 4.76 -6.98
CA GLY A 45 -11.54 3.61 -6.14
C GLY A 45 -10.57 3.72 -4.98
N ASN A 46 -10.20 2.55 -4.49
CA ASN A 46 -9.29 2.56 -3.32
C ASN A 46 -7.89 3.10 -3.52
N GLY A 47 -7.54 3.80 -2.48
CA GLY A 47 -6.30 4.49 -2.46
C GLY A 47 -5.34 3.99 -1.45
N ASN A 48 -5.27 2.68 -1.33
CA ASN A 48 -4.23 2.08 -0.52
C ASN A 48 -2.93 2.34 -1.23
N ASN A 49 -2.22 3.33 -0.79
CA ASN A 49 -1.05 3.83 -1.39
C ASN A 49 -0.12 4.31 -0.32
N PHE A 50 1.06 3.75 -0.25
CA PHE A 50 2.07 4.28 0.58
C PHE A 50 3.16 4.69 -0.38
N SER A 51 3.66 5.86 -0.27
CA SER A 51 4.58 6.40 -1.22
C SER A 51 5.97 6.52 -0.67
N ARG A 52 6.17 6.06 0.53
CA ARG A 52 7.48 6.09 1.11
C ARG A 52 7.72 4.73 1.70
N THR A 53 8.87 4.19 1.37
CA THR A 53 9.31 2.87 1.74
C THR A 53 9.30 2.68 3.25
N ASN A 54 9.77 3.66 3.98
CA ASN A 54 9.84 3.56 5.43
C ASN A 54 8.47 3.78 6.04
N ASP A 55 7.59 4.38 5.25
CA ASP A 55 6.25 4.68 5.74
C ASP A 55 5.32 3.51 5.57
N CYS A 56 5.54 2.64 4.59
CA CYS A 56 4.71 1.47 4.52
C CYS A 56 5.13 0.53 5.61
N ARG A 57 6.38 0.55 5.92
CA ARG A 57 6.93 -0.33 6.93
C ARG A 57 6.43 0.02 8.33
N GLN A 58 6.10 1.30 8.52
CA GLN A 58 5.45 1.79 9.77
C GLN A 58 4.19 1.06 10.00
N THR A 59 3.41 1.21 9.04
CA THR A 59 2.24 0.59 8.79
C THR A 59 2.30 -0.90 9.07
N CYS A 60 2.86 -1.64 8.21
CA CYS A 60 2.56 -3.08 8.31
C CYS A 60 3.41 -4.04 7.62
N GLN A 61 4.53 -3.70 7.19
CA GLN A 61 5.08 -4.53 6.16
C GLN A 61 5.57 -5.87 6.59
N TYR A 62 6.52 -5.90 7.45
CA TYR A 62 7.13 -7.17 7.75
C TYR A 62 6.96 -7.62 9.16
N PRO A 63 6.18 -8.67 9.37
CA PRO A 63 6.09 -9.34 10.64
C PRO A 63 7.18 -10.43 10.72
N VAL A 64 7.53 -10.85 11.89
CA VAL A 64 8.57 -11.85 12.00
C VAL A 64 7.98 -13.18 12.43
N GLY A 65 8.43 -14.22 11.78
CA GLY A 65 8.09 -15.55 12.14
C GLY A 65 9.30 -16.43 12.02
N ALA A 1 1.14 7.79 16.09
CA ALA A 1 0.09 6.79 16.38
C ALA A 1 0.38 6.19 17.74
N ARG A 2 -0.39 5.18 18.14
CA ARG A 2 -0.28 4.47 19.41
C ARG A 2 -0.85 3.10 19.16
N PRO A 3 -0.58 2.05 20.01
CA PRO A 3 -0.95 0.64 19.82
C PRO A 3 -1.73 0.26 18.54
N LYS A 4 -1.02 0.47 17.42
CA LYS A 4 -1.48 0.10 16.07
C LYS A 4 -2.28 -1.23 16.10
N ASP A 5 -3.44 -1.21 15.48
CA ASP A 5 -4.28 -2.41 15.35
C ASP A 5 -3.82 -3.10 14.13
N ARG A 6 -4.59 -4.04 13.59
CA ARG A 6 -4.47 -4.66 12.30
C ARG A 6 -4.02 -3.66 11.28
N PRO A 7 -3.03 -4.09 10.49
CA PRO A 7 -2.50 -3.41 9.32
C PRO A 7 -3.50 -2.57 8.58
N SER A 8 -4.66 -3.16 8.28
CA SER A 8 -5.80 -2.50 7.63
C SER A 8 -5.45 -1.91 6.27
N TYR A 9 -4.73 -0.78 6.28
CA TYR A 9 -4.38 -0.04 5.07
C TYR A 9 -3.32 -0.82 4.34
N CYS A 10 -2.58 -1.49 5.21
CA CYS A 10 -1.57 -2.34 4.71
C CYS A 10 -2.25 -3.38 3.78
N ASN A 11 -3.45 -3.81 4.13
CA ASN A 11 -4.12 -4.91 3.46
C ASN A 11 -5.01 -4.46 2.32
N LEU A 12 -5.00 -3.18 2.03
CA LEU A 12 -5.89 -2.63 1.00
C LEU A 12 -5.30 -2.78 -0.42
N PRO A 13 -6.15 -3.19 -1.39
CA PRO A 13 -5.76 -3.48 -2.77
C PRO A 13 -5.65 -2.23 -3.68
N ALA A 14 -4.74 -2.33 -4.63
CA ALA A 14 -4.47 -1.29 -5.62
C ALA A 14 -5.67 -1.07 -6.55
N ASP A 15 -5.94 0.19 -6.90
CA ASP A 15 -6.81 0.57 -8.02
C ASP A 15 -6.15 1.70 -8.76
N SER A 16 -5.88 1.49 -10.03
CA SER A 16 -5.16 2.51 -10.74
C SER A 16 -5.93 3.77 -11.23
N GLY A 17 -7.22 3.68 -11.49
CA GLY A 17 -7.92 4.82 -12.09
C GLY A 17 -7.67 4.90 -13.60
N SER A 18 -8.15 6.01 -14.16
CA SER A 18 -8.16 6.13 -15.64
C SER A 18 -6.90 6.83 -16.15
N GLY A 19 -6.12 7.08 -15.17
CA GLY A 19 -4.80 7.50 -15.46
C GLY A 19 -4.64 8.96 -15.64
N THR A 20 -3.58 9.43 -15.11
CA THR A 20 -3.13 10.74 -15.22
C THR A 20 -1.61 10.88 -15.03
N LYS A 21 -1.14 10.43 -13.90
CA LYS A 21 0.29 10.31 -13.69
C LYS A 21 0.61 8.86 -13.40
N PRO A 22 1.15 8.12 -14.40
CA PRO A 22 1.48 6.69 -14.25
C PRO A 22 2.77 6.55 -13.49
N GLU A 23 2.71 6.03 -12.30
CA GLU A 23 3.85 5.97 -11.45
C GLU A 23 3.94 4.57 -10.86
N GLN A 24 5.13 4.21 -10.41
CA GLN A 24 5.28 3.06 -9.59
C GLN A 24 4.98 3.50 -8.24
N ARG A 25 4.20 2.78 -7.56
CA ARG A 25 3.93 3.07 -6.18
C ARG A 25 4.03 1.80 -5.43
N ILE A 26 3.82 1.81 -4.15
CA ILE A 26 4.12 0.61 -3.41
C ILE A 26 3.04 0.38 -2.32
N TYR A 27 2.51 -0.82 -2.21
CA TYR A 27 1.36 -1.10 -1.34
C TYR A 27 1.66 -2.47 -0.70
N TYR A 28 1.06 -2.78 0.42
CA TYR A 28 1.28 -4.03 1.13
C TYR A 28 0.35 -5.12 0.57
N ASN A 29 0.92 -6.27 0.32
CA ASN A 29 0.12 -7.39 -0.12
C ASN A 29 -0.68 -7.90 1.02
N SER A 30 -1.90 -8.24 0.66
CA SER A 30 -2.97 -8.57 1.54
C SER A 30 -2.78 -10.06 1.88
N ALA A 31 -2.90 -10.87 0.82
CA ALA A 31 -2.62 -12.32 0.89
C ALA A 31 -1.18 -12.61 1.32
N LYS A 32 -0.28 -11.98 0.56
CA LYS A 32 1.14 -12.35 0.52
C LYS A 32 2.01 -11.70 1.57
N LYS A 33 1.43 -10.63 2.11
CA LYS A 33 1.97 -9.87 3.21
C LYS A 33 3.38 -9.34 2.93
N GLN A 34 3.49 -8.73 1.77
CA GLN A 34 4.75 -8.14 1.26
C GLN A 34 4.46 -6.66 1.02
N CYS A 35 5.37 -5.94 0.38
CA CYS A 35 5.07 -4.54 0.08
C CYS A 35 5.54 -4.44 -1.30
N VAL A 36 4.66 -4.49 -2.22
CA VAL A 36 5.02 -4.56 -3.58
C VAL A 36 4.52 -3.33 -4.29
N THR A 37 4.97 -3.16 -5.46
CA THR A 37 4.59 -2.06 -6.26
C THR A 37 3.29 -2.27 -7.04
N PHE A 38 2.67 -1.16 -7.41
CA PHE A 38 1.48 -1.18 -8.17
C PHE A 38 1.49 -0.02 -9.08
N THR A 39 0.68 -0.10 -10.05
CA THR A 39 0.47 0.91 -11.03
C THR A 39 -0.45 1.96 -10.44
N TYR A 40 0.06 3.12 -10.21
CA TYR A 40 -0.77 4.15 -9.66
C TYR A 40 -0.97 5.23 -10.65
N ASN A 41 -2.17 5.37 -11.11
CA ASN A 41 -2.45 6.34 -12.12
C ASN A 41 -2.89 7.62 -11.50
N GLY A 42 -3.57 7.54 -10.36
CA GLY A 42 -3.73 8.75 -9.63
C GLY A 42 -5.09 9.41 -9.55
N LYS A 43 -6.22 8.78 -9.85
CA LYS A 43 -7.49 9.48 -9.85
C LYS A 43 -8.56 8.70 -9.06
N GLY A 44 -9.64 8.57 -9.78
CA GLY A 44 -10.73 7.73 -9.36
C GLY A 44 -10.43 6.38 -8.74
N GLY A 45 -11.26 6.08 -7.78
CA GLY A 45 -11.19 4.80 -7.16
C GLY A 45 -10.18 4.74 -6.04
N ASN A 46 -9.92 3.51 -5.60
CA ASN A 46 -8.95 3.40 -4.49
C ASN A 46 -7.52 3.81 -4.78
N GLY A 47 -7.03 4.46 -3.75
CA GLY A 47 -5.71 5.00 -3.79
C GLY A 47 -4.88 4.61 -2.64
N ASN A 48 -5.00 3.38 -2.23
CA ASN A 48 -4.16 2.86 -1.18
C ASN A 48 -2.78 2.67 -1.74
N ASN A 49 -1.88 3.51 -1.31
CA ASN A 49 -0.55 3.64 -1.79
C ASN A 49 0.34 4.04 -0.65
N PHE A 50 1.46 3.40 -0.51
CA PHE A 50 2.43 3.85 0.44
C PHE A 50 3.54 4.52 -0.36
N SER A 51 3.50 5.81 -0.28
CA SER A 51 4.24 6.65 -1.19
C SER A 51 5.69 6.78 -0.73
N ARG A 52 6.02 6.28 0.42
CA ARG A 52 7.40 6.26 0.81
C ARG A 52 7.82 4.87 1.24
N THR A 53 8.94 4.39 0.72
CA THR A 53 9.40 3.03 0.99
C THR A 53 9.42 2.69 2.50
N ASN A 54 10.10 3.54 3.30
CA ASN A 54 10.15 3.35 4.77
C ASN A 54 8.80 3.53 5.38
N ASP A 55 7.91 4.15 4.65
CA ASP A 55 6.61 4.41 5.18
C ASP A 55 5.69 3.27 5.00
N CYS A 56 5.87 2.44 3.97
CA CYS A 56 5.12 1.23 3.99
C CYS A 56 5.67 0.37 5.04
N ARG A 57 6.95 0.41 5.25
CA ARG A 57 7.57 -0.33 6.36
C ARG A 57 6.92 -0.01 7.70
N GLN A 58 6.72 1.29 7.95
CA GLN A 58 6.03 1.78 9.18
C GLN A 58 4.79 1.02 9.44
N THR A 59 3.95 1.15 8.53
CA THR A 59 2.81 0.44 8.29
C THR A 59 3.13 -1.07 8.42
N CYS A 60 3.70 -1.58 7.41
CA CYS A 60 3.75 -3.01 7.14
C CYS A 60 4.43 -3.26 5.82
N GLN A 61 5.55 -3.95 5.81
CA GLN A 61 5.91 -4.56 4.58
C GLN A 61 5.78 -6.04 4.71
N TYR A 62 6.60 -6.56 5.55
CA TYR A 62 6.66 -7.93 5.85
C TYR A 62 6.38 -8.17 7.32
N PRO A 63 5.45 -9.06 7.65
CA PRO A 63 5.25 -9.48 9.02
C PRO A 63 6.43 -10.36 9.46
N VAL A 64 7.51 -9.70 9.81
CA VAL A 64 8.72 -10.33 10.25
C VAL A 64 9.09 -9.82 11.62
N GLY A 65 9.74 -10.63 12.38
CA GLY A 65 10.14 -10.28 13.69
C GLY A 65 10.10 -11.49 14.54
N ALA A 1 -4.46 9.50 20.92
CA ALA A 1 -3.15 8.88 21.03
C ALA A 1 -3.25 7.44 20.62
N ARG A 2 -2.56 7.11 19.59
CA ARG A 2 -2.53 5.76 19.09
C ARG A 2 -1.14 5.32 18.79
N PRO A 3 -0.84 4.07 19.16
CA PRO A 3 0.32 3.36 18.64
C PRO A 3 -0.12 2.85 17.25
N LYS A 4 0.14 1.64 16.88
CA LYS A 4 -0.39 1.12 15.66
C LYS A 4 -1.09 -0.19 15.91
N ASP A 5 -2.24 -0.36 15.30
CA ASP A 5 -2.89 -1.66 15.18
C ASP A 5 -2.26 -2.26 13.96
N ARG A 6 -2.95 -3.17 13.31
CA ARG A 6 -2.62 -3.44 11.93
C ARG A 6 -3.21 -2.24 11.17
N PRO A 7 -2.36 -1.36 10.63
CA PRO A 7 -2.76 -0.10 9.98
C PRO A 7 -3.50 -0.16 8.72
N SER A 8 -4.72 -0.70 8.86
CA SER A 8 -5.85 -0.63 7.95
C SER A 8 -5.50 -0.62 6.48
N TYR A 9 -4.90 0.48 6.04
CA TYR A 9 -4.50 0.70 4.70
C TYR A 9 -3.44 -0.27 4.30
N CYS A 10 -2.59 -0.64 5.29
CA CYS A 10 -1.54 -1.60 5.06
C CYS A 10 -2.12 -2.76 4.32
N ASN A 11 -3.26 -3.22 4.77
CA ASN A 11 -3.77 -4.52 4.26
C ASN A 11 -4.62 -4.39 3.01
N LEU A 12 -4.78 -3.20 2.50
CA LEU A 12 -5.67 -2.96 1.37
C LEU A 12 -5.01 -3.31 0.00
N PRO A 13 -5.78 -3.92 -0.90
CA PRO A 13 -5.32 -4.22 -2.27
C PRO A 13 -5.23 -2.95 -3.13
N ALA A 14 -4.29 -2.94 -4.07
CA ALA A 14 -4.05 -1.80 -4.96
C ALA A 14 -5.21 -1.59 -5.96
N ASP A 15 -5.57 -0.34 -6.24
CA ASP A 15 -6.51 0.04 -7.28
C ASP A 15 -5.95 1.19 -8.09
N SER A 16 -5.73 0.94 -9.35
CA SER A 16 -5.01 1.87 -10.16
C SER A 16 -5.88 2.98 -10.83
N GLY A 17 -7.15 2.69 -11.08
CA GLY A 17 -7.98 3.65 -11.81
C GLY A 17 -7.72 3.58 -13.32
N SER A 18 -8.31 4.58 -13.96
CA SER A 18 -8.33 4.55 -15.46
C SER A 18 -7.13 5.32 -16.02
N GLY A 19 -6.39 5.71 -15.06
CA GLY A 19 -5.11 6.23 -15.38
C GLY A 19 -5.07 7.66 -15.68
N THR A 20 -4.07 8.26 -15.17
CA THR A 20 -3.69 9.60 -15.39
C THR A 20 -2.19 9.74 -15.11
N LYS A 21 -1.78 9.40 -13.94
CA LYS A 21 -0.36 9.45 -13.64
C LYS A 21 0.16 8.01 -13.57
N PRO A 22 0.83 7.51 -14.61
CA PRO A 22 1.37 6.15 -14.61
C PRO A 22 2.70 6.11 -13.87
N GLU A 23 2.66 5.71 -12.62
CA GLU A 23 3.81 5.73 -11.74
C GLU A 23 3.91 4.39 -11.03
N GLN A 24 5.08 4.15 -10.47
CA GLN A 24 5.27 3.10 -9.55
C GLN A 24 4.95 3.61 -8.21
N ARG A 25 4.22 2.86 -7.49
CA ARG A 25 3.97 3.12 -6.10
C ARG A 25 4.13 1.90 -5.37
N ILE A 26 3.93 1.93 -4.09
CA ILE A 26 4.27 0.81 -3.31
C ILE A 26 3.21 0.64 -2.19
N TYR A 27 2.73 -0.56 -1.99
CA TYR A 27 1.58 -0.81 -1.10
C TYR A 27 1.94 -2.08 -0.33
N TYR A 28 1.33 -2.29 0.82
CA TYR A 28 1.57 -3.43 1.67
C TYR A 28 0.73 -4.62 1.17
N ASN A 29 1.40 -5.71 1.08
CA ASN A 29 0.68 -6.93 0.75
C ASN A 29 -0.09 -7.41 1.94
N SER A 30 -1.26 -7.90 1.60
CA SER A 30 -2.32 -8.27 2.53
C SER A 30 -1.94 -9.69 2.99
N ALA A 31 -1.92 -10.57 1.97
CA ALA A 31 -1.44 -11.95 2.13
C ALA A 31 0.00 -11.99 2.68
N LYS A 32 0.85 -11.42 1.86
CA LYS A 32 2.30 -11.69 1.87
C LYS A 32 3.11 -10.89 2.87
N LYS A 33 2.40 -9.89 3.38
CA LYS A 33 2.90 -9.02 4.43
C LYS A 33 4.23 -8.36 4.07
N GLN A 34 4.25 -7.85 2.86
CA GLN A 34 5.40 -7.19 2.28
C GLN A 34 4.98 -5.79 1.86
N CYS A 35 5.83 -5.12 1.14
CA CYS A 35 5.57 -3.78 0.66
C CYS A 35 6.06 -3.87 -0.71
N VAL A 36 5.21 -3.85 -1.69
CA VAL A 36 5.57 -4.15 -3.03
C VAL A 36 4.96 -3.06 -3.87
N THR A 37 5.42 -2.95 -5.06
CA THR A 37 4.97 -1.95 -5.96
C THR A 37 3.69 -2.28 -6.72
N PHE A 38 2.99 -1.23 -7.11
CA PHE A 38 1.80 -1.35 -7.86
C PHE A 38 1.75 -0.22 -8.80
N THR A 39 0.96 -0.40 -9.76
CA THR A 39 0.70 0.56 -10.74
C THR A 39 -0.27 1.57 -10.16
N TYR A 40 0.21 2.73 -9.89
CA TYR A 40 -0.68 3.72 -9.36
C TYR A 40 -0.96 4.72 -10.38
N ASN A 41 -2.16 4.72 -10.88
CA ASN A 41 -2.52 5.66 -11.90
C ASN A 41 -3.12 6.87 -11.29
N GLY A 42 -3.79 6.71 -10.17
CA GLY A 42 -4.11 7.88 -9.46
C GLY A 42 -5.52 8.35 -9.41
N LYS A 43 -6.55 7.57 -9.73
CA LYS A 43 -7.89 8.08 -9.76
C LYS A 43 -8.84 7.14 -8.99
N GLY A 44 -9.91 6.87 -9.70
CA GLY A 44 -10.92 5.89 -9.29
C GLY A 44 -10.53 4.68 -8.45
N GLY A 45 -11.35 4.50 -7.42
CA GLY A 45 -11.28 3.34 -6.57
C GLY A 45 -10.30 3.49 -5.45
N ASN A 46 -9.91 2.35 -4.89
CA ASN A 46 -8.97 2.43 -3.76
C ASN A 46 -7.58 2.96 -4.04
N GLY A 47 -7.20 3.73 -3.04
CA GLY A 47 -5.95 4.43 -3.13
C GLY A 47 -4.95 4.00 -2.14
N ASN A 48 -4.88 2.71 -1.88
CA ASN A 48 -3.84 2.21 -1.02
C ASN A 48 -2.53 2.34 -1.76
N ASN A 49 -1.79 3.33 -1.37
CA ASN A 49 -0.61 3.80 -1.99
C ASN A 49 0.30 4.34 -0.95
N PHE A 50 1.49 3.81 -0.84
CA PHE A 50 2.48 4.40 -0.02
C PHE A 50 3.54 4.97 -0.96
N SER A 51 3.50 6.28 -1.07
CA SER A 51 4.22 7.00 -2.13
C SER A 51 5.62 7.35 -1.67
N ARG A 52 5.93 6.98 -0.47
CA ARG A 52 7.23 7.20 0.09
C ARG A 52 7.62 5.86 0.67
N THR A 53 8.80 5.40 0.27
CA THR A 53 9.34 4.12 0.66
C THR A 53 9.40 3.98 2.18
N ASN A 54 9.87 5.01 2.88
CA ASN A 54 9.94 4.98 4.35
C ASN A 54 8.58 5.12 4.96
N ASP A 55 7.65 5.55 4.16
CA ASP A 55 6.32 5.68 4.68
C ASP A 55 5.53 4.42 4.65
N CYS A 56 5.78 3.49 3.70
CA CYS A 56 5.14 2.21 3.87
C CYS A 56 5.78 1.53 4.99
N ARG A 57 7.03 1.78 5.20
CA ARG A 57 7.75 1.25 6.34
C ARG A 57 7.10 1.62 7.65
N GLN A 58 6.75 2.89 7.79
CA GLN A 58 6.01 3.41 8.96
C GLN A 58 4.85 2.54 9.26
N THR A 59 4.02 2.52 8.32
CA THR A 59 2.93 1.72 8.17
C THR A 59 3.29 0.25 8.48
N CYS A 60 3.88 -0.35 7.55
CA CYS A 60 3.98 -1.79 7.46
C CYS A 60 4.68 -2.15 6.20
N GLN A 61 5.83 -2.72 6.26
CA GLN A 61 6.21 -3.43 5.13
C GLN A 61 6.18 -4.87 5.47
N TYR A 62 7.05 -5.21 6.41
CA TYR A 62 7.26 -6.58 6.83
C TYR A 62 6.97 -6.78 8.32
N PRO A 63 5.78 -7.16 8.70
CA PRO A 63 5.47 -7.50 10.07
C PRO A 63 5.79 -8.96 10.32
N VAL A 64 6.97 -9.19 10.82
CA VAL A 64 7.45 -10.52 11.08
C VAL A 64 7.69 -10.63 12.54
N GLY A 65 8.02 -11.78 13.03
CA GLY A 65 8.13 -11.97 14.42
C GLY A 65 9.55 -12.32 14.74
N ALA A 1 -4.76 4.45 22.22
CA ALA A 1 -4.43 3.80 20.97
C ALA A 1 -2.95 3.64 20.85
N ARG A 2 -2.54 2.55 20.27
CA ARG A 2 -1.15 2.23 20.05
C ARG A 2 -0.78 2.71 18.67
N PRO A 3 0.44 3.29 18.53
CA PRO A 3 0.92 3.88 17.28
C PRO A 3 1.03 2.87 16.14
N LYS A 4 0.98 1.58 16.49
CA LYS A 4 1.06 0.62 15.46
C LYS A 4 -0.02 -0.48 15.60
N ASP A 5 -1.09 -0.27 14.86
CA ASP A 5 -2.15 -1.28 14.79
C ASP A 5 -1.69 -2.04 13.60
N ARG A 6 -2.51 -2.82 12.99
CA ARG A 6 -2.26 -3.05 11.62
C ARG A 6 -2.95 -1.87 10.95
N PRO A 7 -2.16 -0.89 10.44
CA PRO A 7 -2.66 0.34 9.83
C PRO A 7 -3.42 0.24 8.61
N SER A 8 -4.62 -0.31 8.79
CA SER A 8 -5.78 -0.31 7.90
C SER A 8 -5.46 -0.40 6.46
N TYR A 9 -4.83 0.65 5.96
CA TYR A 9 -4.42 0.80 4.61
C TYR A 9 -3.46 -0.27 4.27
N CYS A 10 -2.60 -0.65 5.28
CA CYS A 10 -1.67 -1.74 5.12
C CYS A 10 -2.38 -2.89 4.49
N ASN A 11 -3.53 -3.21 5.04
CA ASN A 11 -4.14 -4.50 4.68
C ASN A 11 -5.09 -4.38 3.49
N LEU A 12 -5.19 -3.19 2.93
CA LEU A 12 -6.13 -2.91 1.85
C LEU A 12 -5.56 -3.29 0.47
N PRO A 13 -6.43 -3.73 -0.45
CA PRO A 13 -6.04 -4.04 -1.82
C PRO A 13 -5.90 -2.78 -2.68
N ALA A 14 -4.97 -2.83 -3.62
CA ALA A 14 -4.69 -1.72 -4.52
C ALA A 14 -5.83 -1.51 -5.51
N ASP A 15 -6.13 -0.26 -5.88
CA ASP A 15 -7.06 0.03 -6.96
C ASP A 15 -6.46 1.08 -7.87
N SER A 16 -6.29 0.71 -9.11
CA SER A 16 -5.54 1.49 -10.03
C SER A 16 -6.33 2.64 -10.70
N GLY A 17 -7.63 2.44 -10.91
CA GLY A 17 -8.40 3.43 -11.68
C GLY A 17 -8.15 3.30 -13.19
N SER A 18 -8.72 4.27 -13.87
CA SER A 18 -8.78 4.18 -15.36
C SER A 18 -7.58 4.88 -15.98
N GLY A 19 -6.79 5.30 -15.08
CA GLY A 19 -5.51 5.75 -15.46
C GLY A 19 -5.43 7.18 -15.82
N THR A 20 -4.40 7.76 -15.38
CA THR A 20 -3.99 9.07 -15.67
C THR A 20 -2.48 9.16 -15.50
N LYS A 21 -2.00 8.87 -14.34
CA LYS A 21 -0.58 8.80 -14.16
C LYS A 21 -0.22 7.41 -13.66
N PRO A 22 0.24 6.54 -14.58
CA PRO A 22 0.57 5.16 -14.25
C PRO A 22 1.99 5.05 -13.73
N GLU A 23 2.12 4.68 -12.50
CA GLU A 23 3.39 4.64 -11.83
C GLU A 23 3.56 3.29 -11.18
N GLN A 24 4.73 3.03 -10.66
CA GLN A 24 4.90 1.94 -9.76
C GLN A 24 4.61 2.54 -8.46
N ARG A 25 3.86 1.91 -7.67
CA ARG A 25 3.60 2.34 -6.33
C ARG A 25 3.68 1.21 -5.45
N ILE A 26 3.52 1.39 -4.17
CA ILE A 26 3.87 0.32 -3.29
C ILE A 26 2.82 0.19 -2.16
N TYR A 27 2.29 -0.99 -1.94
CA TYR A 27 1.17 -1.17 -1.02
C TYR A 27 1.48 -2.45 -0.26
N TYR A 28 0.89 -2.63 0.91
CA TYR A 28 1.12 -3.79 1.72
C TYR A 28 0.17 -4.93 1.27
N ASN A 29 0.76 -6.07 1.14
CA ASN A 29 -0.07 -7.23 0.81
C ASN A 29 -0.84 -7.59 2.04
N SER A 30 -2.06 -8.00 1.75
CA SER A 30 -3.14 -8.24 2.70
C SER A 30 -2.91 -9.66 3.24
N ALA A 31 -3.02 -10.60 2.28
CA ALA A 31 -2.71 -12.03 2.52
C ALA A 31 -1.28 -12.22 3.04
N LYS A 32 -0.41 -11.75 2.16
CA LYS A 32 1.02 -12.12 2.09
C LYS A 32 1.92 -11.35 3.02
N LYS A 33 1.31 -10.28 3.50
CA LYS A 33 1.86 -9.44 4.55
C LYS A 33 3.27 -8.93 4.19
N GLN A 34 3.35 -8.48 2.97
CA GLN A 34 4.59 -7.95 2.37
C GLN A 34 4.25 -6.55 1.90
N CYS A 35 5.12 -5.95 1.17
CA CYS A 35 4.86 -4.62 0.65
C CYS A 35 5.32 -4.74 -0.73
N VAL A 36 4.48 -4.65 -1.70
CA VAL A 36 4.85 -4.94 -3.04
C VAL A 36 4.34 -3.78 -3.85
N THR A 37 4.76 -3.69 -5.06
CA THR A 37 4.34 -2.66 -5.92
C THR A 37 3.03 -2.95 -6.64
N PHE A 38 2.37 -1.90 -7.06
CA PHE A 38 1.16 -2.01 -7.76
C PHE A 38 1.13 -0.96 -8.78
N THR A 39 0.30 -1.18 -9.71
CA THR A 39 0.05 -0.29 -10.78
C THR A 39 -0.86 0.81 -10.26
N TYR A 40 -0.31 1.97 -10.07
CA TYR A 40 -1.13 3.05 -9.62
C TYR A 40 -1.41 3.96 -10.75
N ASN A 41 -2.65 3.98 -11.20
CA ASN A 41 -2.99 4.76 -12.34
C ASN A 41 -3.44 6.11 -11.90
N GLY A 42 -3.98 6.17 -10.69
CA GLY A 42 -4.15 7.45 -10.09
C GLY A 42 -5.53 8.01 -9.98
N LYS A 43 -6.60 7.24 -10.16
CA LYS A 43 -7.94 7.78 -10.07
C LYS A 43 -8.80 6.80 -9.23
N GLY A 44 -9.90 6.46 -9.87
CA GLY A 44 -10.85 5.45 -9.46
C GLY A 44 -10.52 4.52 -8.32
N GLY A 45 -11.28 4.68 -7.27
CA GLY A 45 -11.24 3.74 -6.19
C GLY A 45 -10.17 3.99 -5.17
N ASN A 46 -9.77 2.88 -4.56
CA ASN A 46 -8.76 2.97 -3.51
C ASN A 46 -7.39 3.45 -3.90
N GLY A 47 -6.93 4.22 -2.96
CA GLY A 47 -5.66 4.85 -3.06
C GLY A 47 -4.70 4.32 -2.07
N ASN A 48 -4.78 3.04 -1.79
CA ASN A 48 -3.81 2.42 -0.94
C ASN A 48 -2.50 2.40 -1.69
N ASN A 49 -1.68 3.34 -1.39
CA ASN A 49 -0.45 3.63 -2.02
C ASN A 49 0.50 4.18 -1.01
N PHE A 50 1.64 3.59 -0.91
CA PHE A 50 2.71 4.17 -0.16
C PHE A 50 3.78 4.45 -1.20
N SER A 51 4.30 5.64 -1.23
CA SER A 51 5.15 6.07 -2.31
C SER A 51 6.59 6.16 -1.89
N ARG A 52 6.84 5.80 -0.70
CA ARG A 52 8.16 5.63 -0.24
C ARG A 52 8.24 4.24 0.23
N THR A 53 9.33 3.58 -0.10
CA THR A 53 9.61 2.26 0.37
C THR A 53 9.60 2.33 1.91
N ASN A 54 10.16 3.44 2.42
CA ASN A 54 10.23 3.72 3.84
C ASN A 54 8.86 4.01 4.43
N ASP A 55 7.91 4.47 3.61
CA ASP A 55 6.57 4.76 4.13
C ASP A 55 5.83 3.52 4.43
N CYS A 56 5.95 2.51 3.57
CA CYS A 56 5.31 1.30 3.93
C CYS A 56 5.94 0.66 5.06
N ARG A 57 7.19 0.81 5.23
CA ARG A 57 7.89 0.27 6.42
C ARG A 57 7.24 0.73 7.71
N GLN A 58 6.97 2.03 7.77
CA GLN A 58 6.26 2.65 8.91
C GLN A 58 5.04 1.88 9.28
N THR A 59 4.20 1.90 8.36
CA THR A 59 3.04 1.20 8.25
C THR A 59 3.29 -0.28 8.53
N CYS A 60 3.82 -0.89 7.57
CA CYS A 60 3.81 -2.31 7.43
C CYS A 60 4.46 -2.67 6.12
N GLN A 61 5.59 -3.25 6.15
CA GLN A 61 5.92 -4.01 5.02
C GLN A 61 5.89 -5.43 5.45
N TYR A 62 6.79 -5.69 6.37
CA TYR A 62 7.03 -6.99 6.89
C TYR A 62 6.75 -7.05 8.39
N PRO A 63 5.65 -7.65 8.78
CA PRO A 63 5.36 -7.92 10.16
C PRO A 63 5.92 -9.30 10.49
N VAL A 64 7.22 -9.37 10.49
CA VAL A 64 7.87 -10.65 10.56
C VAL A 64 8.52 -10.90 11.89
N GLY A 65 8.33 -12.10 12.32
CA GLY A 65 8.95 -12.59 13.50
C GLY A 65 8.24 -13.83 13.87
N ALA A 1 -3.64 6.15 23.72
CA ALA A 1 -2.26 6.05 23.28
C ALA A 1 -2.22 5.28 21.97
N ARG A 2 -1.45 5.78 21.02
CA ARG A 2 -1.35 5.14 19.73
C ARG A 2 -0.38 3.97 19.72
N PRO A 3 -0.89 2.78 19.39
CA PRO A 3 -0.13 1.58 19.24
C PRO A 3 -0.03 1.26 17.74
N LYS A 4 -0.06 -0.01 17.40
CA LYS A 4 -0.01 -0.34 15.99
C LYS A 4 -1.07 -1.33 15.63
N ASP A 5 -2.01 -0.86 14.83
CA ASP A 5 -3.10 -1.71 14.42
C ASP A 5 -2.53 -2.33 13.18
N ARG A 6 -3.31 -3.10 12.50
CA ARG A 6 -3.02 -3.31 11.13
C ARG A 6 -3.81 -2.24 10.41
N PRO A 7 -3.14 -1.20 9.92
CA PRO A 7 -3.75 -0.11 9.21
C PRO A 7 -4.23 -0.35 7.89
N SER A 8 -5.46 -0.95 7.88
CA SER A 8 -6.41 -1.03 6.77
C SER A 8 -5.71 -1.14 5.45
N TYR A 9 -5.22 0.03 5.02
CA TYR A 9 -4.39 0.21 3.88
C TYR A 9 -3.39 -0.85 3.71
N CYS A 10 -2.63 -1.25 4.76
CA CYS A 10 -1.67 -2.31 4.70
C CYS A 10 -2.24 -3.48 3.94
N ASN A 11 -3.42 -3.93 4.31
CA ASN A 11 -3.94 -5.19 3.75
C ASN A 11 -4.81 -5.01 2.53
N LEU A 12 -4.93 -3.79 2.09
CA LEU A 12 -5.84 -3.47 0.99
C LEU A 12 -5.20 -3.73 -0.38
N PRO A 13 -6.03 -4.06 -1.38
CA PRO A 13 -5.59 -4.23 -2.76
C PRO A 13 -5.48 -2.85 -3.47
N ALA A 14 -4.53 -2.76 -4.38
CA ALA A 14 -4.31 -1.54 -5.15
C ALA A 14 -5.46 -1.29 -6.16
N ASP A 15 -5.76 -0.03 -6.45
CA ASP A 15 -6.67 0.37 -7.52
C ASP A 15 -6.05 1.46 -8.35
N SER A 16 -5.82 1.17 -9.60
CA SER A 16 -5.04 2.03 -10.43
C SER A 16 -5.81 3.21 -11.07
N GLY A 17 -7.09 3.02 -11.37
CA GLY A 17 -7.84 4.04 -12.10
C GLY A 17 -7.53 4.00 -13.61
N SER A 18 -8.07 5.02 -14.29
CA SER A 18 -8.07 4.99 -15.77
C SER A 18 -6.84 5.70 -16.30
N GLY A 19 -6.07 6.07 -15.35
CA GLY A 19 -4.77 6.54 -15.64
C GLY A 19 -4.70 8.00 -15.89
N THR A 20 -3.68 8.56 -15.35
CA THR A 20 -3.27 9.88 -15.57
C THR A 20 -1.76 9.97 -15.29
N LYS A 21 -1.35 9.65 -14.12
CA LYS A 21 0.08 9.51 -13.94
C LYS A 21 0.37 8.11 -13.52
N PRO A 22 0.79 7.25 -14.44
CA PRO A 22 1.16 5.88 -14.13
C PRO A 22 2.55 5.87 -13.52
N GLU A 23 2.63 5.57 -12.26
CA GLU A 23 3.85 5.66 -11.52
C GLU A 23 4.07 4.33 -10.86
N GLN A 24 5.23 4.12 -10.30
CA GLN A 24 5.43 3.01 -9.45
C GLN A 24 5.08 3.45 -8.10
N ARG A 25 4.32 2.71 -7.40
CA ARG A 25 3.99 3.02 -6.03
C ARG A 25 4.08 1.77 -5.30
N ILE A 26 3.89 1.78 -4.02
CA ILE A 26 4.25 0.63 -3.28
C ILE A 26 3.18 0.34 -2.18
N TYR A 27 2.75 -0.89 -2.02
CA TYR A 27 1.60 -1.20 -1.15
C TYR A 27 1.95 -2.51 -0.41
N TYR A 28 1.34 -2.74 0.77
CA TYR A 28 1.59 -3.95 1.53
C TYR A 28 0.77 -5.07 0.97
N ASN A 29 1.41 -6.13 0.86
CA ASN A 29 0.77 -7.34 0.42
C ASN A 29 0.05 -7.95 1.56
N SER A 30 -1.11 -8.49 1.22
CA SER A 30 -2.10 -8.94 2.22
C SER A 30 -1.59 -10.33 2.68
N ALA A 31 -1.50 -11.21 1.66
CA ALA A 31 -0.91 -12.55 1.84
C ALA A 31 0.57 -12.47 2.31
N LYS A 32 1.42 -11.93 1.41
CA LYS A 32 2.89 -12.13 1.35
C LYS A 32 3.73 -11.35 2.36
N LYS A 33 3.00 -10.45 2.97
CA LYS A 33 3.55 -9.56 4.00
C LYS A 33 4.76 -8.80 3.48
N GLN A 34 4.67 -8.39 2.25
CA GLN A 34 5.75 -7.72 1.57
C GLN A 34 5.29 -6.34 1.19
N CYS A 35 6.14 -5.62 0.50
CA CYS A 35 5.78 -4.27 0.15
C CYS A 35 6.17 -4.23 -1.26
N VAL A 36 5.26 -4.40 -2.15
CA VAL A 36 5.56 -4.50 -3.53
C VAL A 36 4.98 -3.31 -4.20
N THR A 37 5.40 -3.09 -5.38
CA THR A 37 4.92 -2.00 -6.13
C THR A 37 3.63 -2.32 -6.90
N PHE A 38 2.94 -1.25 -7.27
CA PHE A 38 1.76 -1.36 -8.01
C PHE A 38 1.72 -0.24 -8.95
N THR A 39 0.91 -0.41 -9.92
CA THR A 39 0.69 0.53 -10.93
C THR A 39 -0.28 1.58 -10.37
N TYR A 40 0.24 2.72 -10.09
CA TYR A 40 -0.62 3.76 -9.56
C TYR A 40 -0.83 4.78 -10.60
N ASN A 41 -2.01 4.84 -11.11
CA ASN A 41 -2.33 5.79 -12.13
C ASN A 41 -2.80 7.06 -11.49
N GLY A 42 -3.35 6.97 -10.27
CA GLY A 42 -3.58 8.18 -9.55
C GLY A 42 -4.98 8.71 -9.51
N LYS A 43 -6.00 7.95 -9.81
CA LYS A 43 -7.34 8.44 -10.03
C LYS A 43 -8.41 7.89 -9.03
N GLY A 44 -9.51 7.64 -9.71
CA GLY A 44 -10.60 6.94 -9.03
C GLY A 44 -10.25 5.64 -8.31
N GLY A 45 -11.07 5.37 -7.32
CA GLY A 45 -10.97 4.14 -6.62
C GLY A 45 -10.00 4.20 -5.47
N ASN A 46 -9.67 3.03 -4.94
CA ASN A 46 -8.74 3.06 -3.80
C ASN A 46 -7.34 3.53 -4.09
N GLY A 47 -6.92 4.27 -3.11
CA GLY A 47 -5.64 4.89 -3.13
C GLY A 47 -4.72 4.30 -2.14
N ASN A 48 -4.81 3.00 -1.99
CA ASN A 48 -3.86 2.29 -1.17
C ASN A 48 -2.54 2.34 -1.87
N ASN A 49 -1.76 3.25 -1.45
CA ASN A 49 -0.53 3.67 -2.00
C ASN A 49 0.36 4.16 -0.88
N PHE A 50 1.53 3.59 -0.78
CA PHE A 50 2.56 4.14 0.08
C PHE A 50 3.66 4.50 -0.90
N SER A 51 4.24 5.66 -0.82
CA SER A 51 5.18 6.11 -1.83
C SER A 51 6.58 6.17 -1.28
N ARG A 52 6.74 5.79 -0.06
CA ARG A 52 7.99 5.77 0.59
C ARG A 52 8.12 4.40 1.17
N THR A 53 9.23 3.78 0.89
CA THR A 53 9.54 2.43 1.31
C THR A 53 9.52 2.35 2.85
N ASN A 54 10.02 3.40 3.48
CA ASN A 54 10.03 3.49 4.95
C ASN A 54 8.62 3.67 5.48
N ASP A 55 7.73 4.19 4.64
CA ASP A 55 6.39 4.51 5.10
C ASP A 55 5.51 3.32 5.05
N CYS A 56 5.75 2.43 4.11
CA CYS A 56 4.98 1.23 4.12
C CYS A 56 5.43 0.37 5.28
N ARG A 57 6.70 0.42 5.57
CA ARG A 57 7.24 -0.33 6.71
C ARG A 57 6.67 0.14 8.03
N GLN A 58 6.39 1.44 8.13
CA GLN A 58 5.72 2.05 9.30
C GLN A 58 4.46 1.36 9.61
N THR A 59 3.66 1.44 8.64
CA THR A 59 2.49 0.76 8.45
C THR A 59 2.64 -0.70 8.80
N CYS A 60 3.19 -1.39 7.95
CA CYS A 60 3.08 -2.81 8.02
C CYS A 60 3.95 -3.45 7.10
N GLN A 61 5.20 -3.44 7.28
CA GLN A 61 5.80 -4.35 6.38
C GLN A 61 6.21 -5.62 7.03
N TYR A 62 7.17 -5.57 7.88
CA TYR A 62 7.55 -6.72 8.61
C TYR A 62 7.38 -6.52 10.10
N PRO A 63 6.19 -6.83 10.64
CA PRO A 63 5.92 -6.80 12.06
C PRO A 63 6.15 -8.20 12.63
N VAL A 64 7.19 -8.81 12.14
CA VAL A 64 7.52 -10.17 12.43
C VAL A 64 8.73 -10.27 13.35
N GLY A 65 8.92 -11.44 13.84
CA GLY A 65 9.96 -11.71 14.76
C GLY A 65 9.70 -13.06 15.33
N ALA A 1 -7.23 0.68 18.81
CA ALA A 1 -7.01 0.60 20.27
C ALA A 1 -5.53 0.72 20.56
N ARG A 2 -4.79 -0.05 19.81
CA ARG A 2 -3.34 0.08 19.87
C ARG A 2 -2.92 1.45 19.29
N PRO A 3 -1.74 2.04 19.72
CA PRO A 3 -1.23 3.34 19.16
C PRO A 3 -1.43 3.33 17.65
N LYS A 4 -0.94 2.28 17.09
CA LYS A 4 -1.28 1.84 15.80
C LYS A 4 -1.67 0.42 15.96
N ASP A 5 -2.75 0.04 15.35
CA ASP A 5 -3.16 -1.36 15.36
C ASP A 5 -2.48 -1.91 14.14
N ARG A 6 -2.97 -2.97 13.58
CA ARG A 6 -2.64 -3.24 12.23
C ARG A 6 -3.66 -2.52 11.39
N PRO A 7 -3.22 -1.47 10.72
CA PRO A 7 -4.07 -0.57 10.01
C PRO A 7 -4.51 -0.95 8.70
N SER A 8 -5.45 -1.93 8.68
CA SER A 8 -6.43 -2.19 7.61
C SER A 8 -5.94 -1.86 6.20
N TYR A 9 -5.75 -0.55 5.93
CA TYR A 9 -5.05 -0.03 4.75
C TYR A 9 -3.85 -0.87 4.41
N CYS A 10 -3.06 -1.21 5.45
CA CYS A 10 -1.91 -2.05 5.27
C CYS A 10 -2.36 -3.32 4.54
N ASN A 11 -3.46 -3.86 4.95
CA ASN A 11 -3.86 -5.20 4.49
C ASN A 11 -4.67 -5.16 3.21
N LEU A 12 -4.90 -4.00 2.66
CA LEU A 12 -5.79 -3.83 1.51
C LEU A 12 -5.12 -4.17 0.17
N PRO A 13 -5.88 -4.78 -0.75
CA PRO A 13 -5.42 -5.15 -2.10
C PRO A 13 -5.40 -3.95 -3.06
N ALA A 14 -4.41 -3.96 -3.95
CA ALA A 14 -4.23 -2.90 -4.94
C ALA A 14 -5.36 -2.90 -5.99
N ASP A 15 -5.82 -1.72 -6.37
CA ASP A 15 -6.75 -1.52 -7.48
C ASP A 15 -6.26 -0.38 -8.35
N SER A 16 -5.94 -0.70 -9.58
CA SER A 16 -5.25 0.23 -10.42
C SER A 16 -6.15 1.32 -11.10
N GLY A 17 -7.40 0.97 -11.40
CA GLY A 17 -8.27 1.90 -12.14
C GLY A 17 -7.94 1.89 -13.64
N SER A 18 -8.57 2.86 -14.31
CA SER A 18 -8.51 2.85 -15.78
C SER A 18 -7.34 3.71 -16.26
N GLY A 19 -6.67 4.16 -15.27
CA GLY A 19 -5.41 4.77 -15.50
C GLY A 19 -5.46 6.22 -15.81
N THR A 20 -4.52 6.87 -15.25
CA THR A 20 -4.22 8.23 -15.44
C THR A 20 -2.74 8.48 -15.13
N LYS A 21 -2.35 8.17 -13.96
CA LYS A 21 -0.94 8.24 -13.66
C LYS A 21 -0.45 6.84 -13.39
N PRO A 22 0.21 6.20 -14.38
CA PRO A 22 0.74 4.84 -14.24
C PRO A 22 2.11 4.88 -13.59
N GLU A 23 2.17 4.51 -12.35
CA GLU A 23 3.38 4.64 -11.58
C GLU A 23 3.59 3.34 -10.81
N GLN A 24 4.74 3.21 -10.20
CA GLN A 24 4.94 2.23 -9.17
C GLN A 24 4.57 2.85 -7.94
N ARG A 25 3.85 2.16 -7.19
CA ARG A 25 3.50 2.57 -5.86
C ARG A 25 3.68 1.41 -5.02
N ILE A 26 3.41 1.51 -3.77
CA ILE A 26 3.80 0.44 -2.91
C ILE A 26 2.71 0.20 -1.85
N TYR A 27 2.35 -1.04 -1.62
CA TYR A 27 1.21 -1.37 -0.77
C TYR A 27 1.66 -2.58 0.06
N TYR A 28 1.02 -2.81 1.19
CA TYR A 28 1.37 -3.89 2.07
C TYR A 28 0.64 -5.16 1.62
N ASN A 29 1.39 -6.20 1.55
CA ASN A 29 0.78 -7.47 1.20
C ASN A 29 -0.05 -7.91 2.37
N SER A 30 -1.16 -8.48 1.99
CA SER A 30 -2.26 -8.86 2.86
C SER A 30 -1.85 -10.24 3.41
N ALA A 31 -1.73 -11.16 2.43
CA ALA A 31 -1.22 -12.50 2.64
C ALA A 31 0.19 -12.47 3.27
N LYS A 32 1.05 -11.85 2.47
CA LYS A 32 2.52 -12.05 2.56
C LYS A 32 3.23 -11.14 3.53
N LYS A 33 2.45 -10.15 3.93
CA LYS A 33 2.83 -9.20 4.97
C LYS A 33 4.18 -8.51 4.68
N GLN A 34 4.28 -8.05 3.45
CA GLN A 34 5.47 -7.35 2.92
C GLN A 34 4.96 -6.00 2.44
N CYS A 35 5.79 -5.25 1.75
CA CYS A 35 5.32 -3.97 1.23
C CYS A 35 5.85 -4.00 -0.15
N VAL A 36 5.04 -4.31 -1.10
CA VAL A 36 5.49 -4.47 -2.44
C VAL A 36 4.86 -3.42 -3.31
N THR A 37 5.38 -3.28 -4.49
CA THR A 37 4.87 -2.33 -5.43
C THR A 37 3.68 -2.84 -6.21
N PHE A 38 2.91 -1.90 -6.69
CA PHE A 38 1.78 -2.20 -7.48
C PHE A 38 1.69 -1.19 -8.53
N THR A 39 0.97 -1.55 -9.49
CA THR A 39 0.69 -0.74 -10.60
C THR A 39 -0.39 0.25 -10.20
N TYR A 40 0.01 1.45 -9.94
CA TYR A 40 -0.95 2.41 -9.56
C TYR A 40 -1.31 3.23 -10.73
N ASN A 41 -2.50 3.07 -11.24
CA ASN A 41 -2.89 3.82 -12.39
C ASN A 41 -3.62 5.04 -11.95
N GLY A 42 -4.21 4.97 -10.77
CA GLY A 42 -4.61 6.17 -10.13
C GLY A 42 -6.06 6.53 -10.09
N LYS A 43 -7.00 5.64 -10.38
CA LYS A 43 -8.39 5.98 -10.35
C LYS A 43 -9.15 4.86 -9.65
N GLY A 44 -10.14 4.41 -10.39
CA GLY A 44 -10.99 3.26 -10.10
C GLY A 44 -10.63 2.34 -8.98
N GLY A 45 -11.48 2.36 -7.98
CA GLY A 45 -11.41 1.44 -6.91
C GLY A 45 -10.48 1.83 -5.81
N ASN A 46 -9.96 0.78 -5.17
CA ASN A 46 -9.06 1.03 -4.05
C ASN A 46 -7.77 1.74 -4.38
N GLY A 47 -7.51 2.58 -3.43
CA GLY A 47 -6.37 3.42 -3.49
C GLY A 47 -5.42 3.14 -2.41
N ASN A 48 -5.28 1.88 -2.07
CA ASN A 48 -4.26 1.49 -1.12
C ASN A 48 -2.94 1.69 -1.80
N ASN A 49 -2.35 2.80 -1.50
CA ASN A 49 -1.20 3.32 -2.12
C ASN A 49 -0.34 3.95 -1.08
N PHE A 50 0.84 3.48 -0.92
CA PHE A 50 1.79 4.17 -0.15
C PHE A 50 2.83 4.56 -1.15
N SER A 51 3.14 5.80 -1.21
CA SER A 51 3.94 6.37 -2.26
C SER A 51 5.28 6.74 -1.73
N ARG A 52 5.50 6.43 -0.51
CA ARG A 52 6.71 6.73 0.15
C ARG A 52 7.12 5.47 0.87
N THR A 53 8.33 5.05 0.60
CA THR A 53 8.89 3.78 1.05
C THR A 53 8.95 3.70 2.58
N ASN A 54 9.34 4.80 3.19
CA ASN A 54 9.47 4.88 4.65
C ASN A 54 8.11 5.12 5.27
N ASP A 55 7.19 5.49 4.41
CA ASP A 55 5.84 5.70 4.86
C ASP A 55 5.02 4.44 4.87
N CYS A 56 5.34 3.47 4.02
CA CYS A 56 4.68 2.22 4.24
C CYS A 56 5.26 1.56 5.41
N ARG A 57 6.49 1.83 5.67
CA ARG A 57 7.09 1.35 6.94
C ARG A 57 6.29 1.78 8.14
N GLN A 58 5.87 3.05 8.14
CA GLN A 58 5.02 3.63 9.20
C GLN A 58 3.87 2.74 9.48
N THR A 59 3.11 2.64 8.50
CA THR A 59 2.09 1.77 8.31
C THR A 59 2.53 0.35 8.73
N CYS A 60 3.22 -0.27 7.86
CA CYS A 60 3.43 -1.70 7.86
C CYS A 60 4.19 -2.07 6.61
N GLN A 61 5.39 -2.52 6.71
CA GLN A 61 5.92 -3.22 5.61
C GLN A 61 6.05 -4.66 6.00
N TYR A 62 6.92 -4.83 6.96
CA TYR A 62 7.26 -6.12 7.46
C TYR A 62 6.98 -6.23 8.94
N PRO A 63 6.17 -7.16 9.35
CA PRO A 63 6.10 -7.52 10.74
C PRO A 63 7.24 -8.48 11.04
N VAL A 64 7.71 -8.51 12.25
CA VAL A 64 8.75 -9.42 12.60
C VAL A 64 8.21 -10.47 13.54
N GLY A 65 8.57 -11.68 13.29
CA GLY A 65 8.11 -12.78 14.07
C GLY A 65 8.48 -14.05 13.41
N ALA A 1 -0.19 10.91 19.20
CA ALA A 1 -1.48 10.37 19.53
C ALA A 1 -1.35 8.86 19.71
N ARG A 2 -2.21 8.08 19.12
CA ARG A 2 -2.05 6.65 19.14
C ARG A 2 -1.57 6.29 17.75
N PRO A 3 -0.61 5.36 17.59
CA PRO A 3 0.01 5.09 16.28
C PRO A 3 -1.00 4.70 15.20
N LYS A 4 -1.17 3.43 14.99
CA LYS A 4 -2.15 2.92 14.09
C LYS A 4 -2.95 1.88 14.83
N ASP A 5 -4.03 1.44 14.26
CA ASP A 5 -4.56 0.20 14.79
C ASP A 5 -4.11 -0.92 13.90
N ARG A 6 -4.55 -2.15 14.20
CA ARG A 6 -4.22 -3.31 13.36
C ARG A 6 -4.33 -2.93 11.88
N PRO A 7 -3.31 -3.32 11.07
CA PRO A 7 -3.10 -2.99 9.67
C PRO A 7 -4.18 -2.21 8.94
N SER A 8 -5.34 -2.80 8.76
CA SER A 8 -6.45 -2.19 8.05
C SER A 8 -6.08 -1.92 6.58
N TYR A 9 -5.39 -0.79 6.30
CA TYR A 9 -5.05 -0.34 4.96
C TYR A 9 -4.03 -1.21 4.36
N CYS A 10 -3.17 -1.65 5.27
CA CYS A 10 -2.07 -2.49 4.91
C CYS A 10 -2.57 -3.69 4.05
N ASN A 11 -3.76 -4.17 4.35
CA ASN A 11 -4.29 -5.40 3.74
C ASN A 11 -5.21 -5.12 2.57
N LEU A 12 -5.36 -3.88 2.23
CA LEU A 12 -6.32 -3.47 1.21
C LEU A 12 -5.74 -3.66 -0.20
N PRO A 13 -6.55 -4.12 -1.15
CA PRO A 13 -6.14 -4.26 -2.56
C PRO A 13 -5.95 -2.89 -3.24
N ALA A 14 -5.04 -2.83 -4.19
CA ALA A 14 -4.79 -1.62 -4.94
C ALA A 14 -5.98 -1.27 -5.89
N ASP A 15 -6.26 0.02 -6.04
CA ASP A 15 -7.22 0.53 -7.01
C ASP A 15 -6.54 1.59 -7.84
N SER A 16 -6.38 1.32 -9.10
CA SER A 16 -5.58 2.16 -9.93
C SER A 16 -6.33 3.39 -10.49
N GLY A 17 -7.62 3.24 -10.77
CA GLY A 17 -8.36 4.29 -11.47
C GLY A 17 -8.12 4.24 -12.98
N SER A 18 -8.70 5.27 -13.60
CA SER A 18 -8.76 5.27 -15.09
C SER A 18 -7.53 6.00 -15.66
N GLY A 19 -6.75 6.32 -14.71
CA GLY A 19 -5.46 6.81 -15.04
C GLY A 19 -5.40 8.27 -15.27
N THR A 20 -4.39 8.83 -14.74
CA THR A 20 -4.04 10.19 -14.93
C THR A 20 -2.53 10.37 -14.84
N LYS A 21 -2.00 10.00 -13.70
CA LYS A 21 -0.56 9.89 -13.61
C LYS A 21 -0.21 8.48 -13.21
N PRO A 22 0.16 7.63 -14.17
CA PRO A 22 0.54 6.26 -13.88
C PRO A 22 1.93 6.21 -13.29
N GLU A 23 2.02 5.75 -12.09
CA GLU A 23 3.26 5.72 -11.37
C GLU A 23 3.44 4.33 -10.82
N GLN A 24 4.60 4.04 -10.32
CA GLN A 24 4.78 2.87 -9.54
C GLN A 24 4.53 3.29 -8.15
N ARG A 25 3.77 2.56 -7.43
CA ARG A 25 3.55 2.84 -6.01
C ARG A 25 3.63 1.58 -5.30
N ILE A 26 3.46 1.58 -4.00
CA ILE A 26 3.76 0.39 -3.27
C ILE A 26 2.70 0.11 -2.17
N TYR A 27 2.24 -1.12 -2.07
CA TYR A 27 1.14 -1.47 -1.18
C TYR A 27 1.53 -2.80 -0.49
N TYR A 28 0.96 -3.09 0.70
CA TYR A 28 1.22 -4.33 1.42
C TYR A 28 0.37 -5.43 0.86
N ASN A 29 0.99 -6.53 0.68
CA ASN A 29 0.27 -7.70 0.26
C ASN A 29 -0.51 -8.24 1.41
N SER A 30 -1.69 -8.67 1.05
CA SER A 30 -2.74 -9.08 1.98
C SER A 30 -2.40 -10.56 2.33
N ALA A 31 -2.42 -11.37 1.26
CA ALA A 31 -1.98 -12.78 1.35
C ALA A 31 -0.50 -12.87 1.81
N LYS A 32 0.35 -12.26 0.98
CA LYS A 32 1.82 -12.56 0.91
C LYS A 32 2.69 -11.88 1.96
N LYS A 33 2.06 -10.88 2.54
CA LYS A 33 2.61 -10.11 3.66
C LYS A 33 3.95 -9.45 3.32
N GLN A 34 3.98 -8.86 2.15
CA GLN A 34 5.16 -8.19 1.59
C GLN A 34 4.77 -6.76 1.22
N CYS A 35 5.67 -6.07 0.53
CA CYS A 35 5.51 -4.65 0.19
C CYS A 35 5.86 -4.65 -1.23
N VAL A 36 4.91 -4.68 -2.12
CA VAL A 36 5.14 -4.76 -3.50
C VAL A 36 4.54 -3.53 -4.17
N THR A 37 4.95 -3.31 -5.38
CA THR A 37 4.44 -2.19 -6.12
C THR A 37 3.14 -2.48 -6.89
N PHE A 38 2.45 -1.40 -7.24
CA PHE A 38 1.25 -1.44 -7.99
C PHE A 38 1.23 -0.28 -8.89
N THR A 39 0.38 -0.38 -9.83
CA THR A 39 0.14 0.66 -10.77
C THR A 39 -0.80 1.68 -10.14
N TYR A 40 -0.27 2.82 -9.81
CA TYR A 40 -1.12 3.82 -9.24
C TYR A 40 -1.40 4.87 -10.25
N ASN A 41 -2.62 4.96 -10.68
CA ASN A 41 -2.97 5.88 -11.72
C ASN A 41 -3.42 7.17 -11.13
N GLY A 42 -3.90 7.12 -9.88
CA GLY A 42 -4.07 8.35 -9.16
C GLY A 42 -5.45 8.95 -9.10
N LYS A 43 -6.53 8.25 -9.41
CA LYS A 43 -7.82 8.90 -9.46
C LYS A 43 -8.87 8.22 -8.50
N GLY A 44 -9.98 8.07 -9.18
CA GLY A 44 -11.07 7.29 -8.61
C GLY A 44 -10.74 6.01 -7.88
N GLY A 45 -11.53 5.79 -6.86
CA GLY A 45 -11.45 4.57 -6.13
C GLY A 45 -10.42 4.60 -5.02
N ASN A 46 -10.13 3.39 -4.54
CA ASN A 46 -9.20 3.31 -3.41
C ASN A 46 -7.76 3.68 -3.64
N GLY A 47 -7.27 4.27 -2.59
CA GLY A 47 -5.93 4.78 -2.59
C GLY A 47 -5.04 4.10 -1.61
N ASN A 48 -5.11 2.78 -1.54
CA ASN A 48 -4.11 2.06 -0.76
C ASN A 48 -2.82 2.18 -1.52
N ASN A 49 -2.05 3.11 -1.12
CA ASN A 49 -0.87 3.58 -1.77
C ASN A 49 0.13 4.01 -0.74
N PHE A 50 1.26 3.40 -0.70
CA PHE A 50 2.32 3.89 0.10
C PHE A 50 3.37 4.32 -0.90
N SER A 51 3.92 5.48 -0.76
CA SER A 51 4.79 6.08 -1.73
C SER A 51 6.20 6.25 -1.21
N ARG A 52 6.41 5.77 -0.03
CA ARG A 52 7.67 5.83 0.59
C ARG A 52 8.01 4.45 1.02
N THR A 53 9.19 4.04 0.61
CA THR A 53 9.71 2.74 0.91
C THR A 53 9.79 2.53 2.41
N ASN A 54 10.12 3.58 3.14
CA ASN A 54 10.20 3.50 4.60
C ASN A 54 8.80 3.55 5.22
N ASP A 55 7.84 4.02 4.46
CA ASP A 55 6.49 4.17 4.99
C ASP A 55 5.62 2.98 4.85
N CYS A 56 5.82 2.16 3.81
CA CYS A 56 5.06 0.93 3.76
C CYS A 56 5.51 0.11 4.94
N ARG A 57 6.80 0.15 5.20
CA ARG A 57 7.39 -0.57 6.31
C ARG A 57 6.75 -0.12 7.64
N GLN A 58 6.54 1.19 7.78
CA GLN A 58 5.88 1.79 8.98
C GLN A 58 4.62 1.12 9.27
N THR A 59 3.77 1.28 8.34
CA THR A 59 2.59 0.65 8.18
C THR A 59 2.69 -0.82 8.56
N CYS A 60 3.15 -1.60 7.71
CA CYS A 60 2.94 -3.02 7.84
C CYS A 60 3.66 -3.76 6.84
N GLN A 61 4.90 -3.88 6.94
CA GLN A 61 5.40 -4.77 5.91
C GLN A 61 5.77 -6.13 6.39
N TYR A 62 6.77 -6.18 7.17
CA TYR A 62 7.37 -7.42 7.53
C TYR A 62 6.72 -8.09 8.70
N PRO A 63 6.24 -9.34 8.51
CA PRO A 63 5.67 -10.16 9.57
C PRO A 63 6.78 -10.98 10.25
N VAL A 64 7.89 -10.32 10.45
CA VAL A 64 9.12 -10.88 10.97
C VAL A 64 9.84 -9.82 11.75
N GLY A 65 10.75 -10.20 12.59
CA GLY A 65 11.47 -9.24 13.36
C GLY A 65 12.94 -9.42 13.13
N ALA A 1 -3.23 1.92 24.85
CA ALA A 1 -2.97 1.12 23.67
C ALA A 1 -1.76 1.67 22.99
N ARG A 2 -1.10 0.87 22.20
CA ARG A 2 0.01 1.38 21.46
C ARG A 2 -0.45 1.91 20.11
N PRO A 3 0.20 2.99 19.63
CA PRO A 3 -0.21 3.80 18.45
C PRO A 3 -0.70 3.10 17.17
N LYS A 4 -0.38 1.84 16.91
CA LYS A 4 -0.81 1.27 15.66
C LYS A 4 -1.74 0.03 15.82
N ASP A 5 -2.80 0.13 15.04
CA ASP A 5 -3.76 -0.97 14.85
C ASP A 5 -3.16 -1.63 13.64
N ARG A 6 -3.79 -2.60 13.05
CA ARG A 6 -3.47 -2.95 11.69
C ARG A 6 -3.95 -1.78 10.83
N PRO A 7 -3.01 -1.04 10.23
CA PRO A 7 -3.29 0.15 9.42
C PRO A 7 -3.97 -0.03 8.16
N SER A 8 -5.20 -0.54 8.31
CA SER A 8 -6.29 -0.59 7.36
C SER A 8 -5.86 -0.81 5.94
N TYR A 9 -5.28 0.23 5.37
CA TYR A 9 -4.85 0.32 4.05
C TYR A 9 -3.77 -0.67 3.79
N CYS A 10 -2.92 -0.94 4.85
CA CYS A 10 -1.87 -1.92 4.76
C CYS A 10 -2.41 -3.14 4.11
N ASN A 11 -3.54 -3.58 4.59
CA ASN A 11 -3.99 -4.94 4.21
C ASN A 11 -4.85 -4.92 2.95
N LEU A 12 -5.05 -3.78 2.36
CA LEU A 12 -5.98 -3.63 1.23
C LEU A 12 -5.33 -3.99 -0.13
N PRO A 13 -6.13 -4.39 -1.13
CA PRO A 13 -5.68 -4.64 -2.50
C PRO A 13 -5.58 -3.33 -3.30
N ALA A 14 -4.62 -3.27 -4.21
CA ALA A 14 -4.39 -2.10 -5.05
C ALA A 14 -5.52 -1.91 -6.09
N ASP A 15 -5.87 -0.68 -6.40
CA ASP A 15 -6.77 -0.33 -7.50
C ASP A 15 -6.20 0.77 -8.36
N SER A 16 -5.94 0.45 -9.59
CA SER A 16 -5.18 1.31 -10.44
C SER A 16 -6.03 2.43 -11.10
N GLY A 17 -7.29 2.13 -11.39
CA GLY A 17 -8.11 3.03 -12.19
C GLY A 17 -7.77 2.89 -13.69
N SER A 18 -8.37 3.85 -14.41
CA SER A 18 -8.34 3.75 -15.90
C SER A 18 -7.14 4.53 -16.46
N GLY A 19 -6.42 4.97 -15.51
CA GLY A 19 -5.16 5.52 -15.81
C GLY A 19 -5.15 6.94 -16.17
N THR A 20 -4.19 7.58 -15.65
CA THR A 20 -3.84 8.91 -15.91
C THR A 20 -2.35 9.08 -15.61
N LYS A 21 -1.94 8.79 -14.42
CA LYS A 21 -0.53 8.76 -14.15
C LYS A 21 -0.09 7.31 -14.08
N PRO A 22 0.60 6.78 -15.07
CA PRO A 22 1.15 5.44 -14.99
C PRO A 22 2.48 5.49 -14.22
N GLU A 23 2.46 5.14 -12.94
CA GLU A 23 3.64 5.24 -12.10
C GLU A 23 3.82 3.91 -11.37
N GLN A 24 4.98 3.71 -10.77
CA GLN A 24 5.15 2.61 -9.84
C GLN A 24 4.73 3.12 -8.54
N ARG A 25 4.02 2.36 -7.78
CA ARG A 25 3.71 2.71 -6.41
C ARG A 25 3.86 1.51 -5.61
N ILE A 26 3.62 1.60 -4.34
CA ILE A 26 3.97 0.50 -3.51
C ILE A 26 2.88 0.33 -2.41
N TYR A 27 2.47 -0.88 -2.14
CA TYR A 27 1.32 -1.14 -1.25
C TYR A 27 1.69 -2.39 -0.43
N TYR A 28 1.04 -2.61 0.73
CA TYR A 28 1.34 -3.73 1.59
C TYR A 28 0.54 -4.97 1.11
N ASN A 29 1.26 -6.05 1.06
CA ASN A 29 0.57 -7.30 0.72
C ASN A 29 -0.22 -7.75 1.92
N SER A 30 -1.36 -8.30 1.57
CA SER A 30 -2.43 -8.66 2.51
C SER A 30 -2.03 -10.03 3.05
N ALA A 31 -1.98 -10.98 2.11
CA ALA A 31 -1.49 -12.34 2.36
C ALA A 31 -0.05 -12.30 2.92
N LYS A 32 0.80 -11.73 2.06
CA LYS A 32 2.26 -11.94 2.08
C LYS A 32 3.03 -11.05 3.04
N LYS A 33 2.27 -10.10 3.53
CA LYS A 33 2.74 -9.21 4.59
C LYS A 33 4.02 -8.46 4.20
N GLN A 34 4.06 -8.01 2.97
CA GLN A 34 5.22 -7.34 2.37
C GLN A 34 4.79 -5.95 1.92
N CYS A 35 5.65 -5.27 1.20
CA CYS A 35 5.39 -3.92 0.68
C CYS A 35 5.88 -4.02 -0.70
N VAL A 36 5.05 -4.09 -1.68
CA VAL A 36 5.44 -4.40 -3.00
C VAL A 36 4.81 -3.35 -3.90
N THR A 37 5.29 -3.25 -5.08
CA THR A 37 4.80 -2.30 -6.02
C THR A 37 3.56 -2.70 -6.80
N PHE A 38 2.83 -1.68 -7.25
CA PHE A 38 1.65 -1.84 -8.01
C PHE A 38 1.58 -0.70 -8.94
N THR A 39 0.82 -0.90 -9.93
CA THR A 39 0.56 0.09 -10.90
C THR A 39 -0.49 1.06 -10.35
N TYR A 40 -0.06 2.26 -10.12
CA TYR A 40 -0.99 3.23 -9.63
C TYR A 40 -1.26 4.22 -10.67
N ASN A 41 -2.44 4.17 -11.20
CA ASN A 41 -2.80 5.05 -12.25
C ASN A 41 -3.39 6.30 -11.73
N GLY A 42 -4.07 6.22 -10.60
CA GLY A 42 -4.39 7.45 -9.98
C GLY A 42 -5.82 7.88 -9.98
N LYS A 43 -6.81 7.06 -10.26
CA LYS A 43 -8.17 7.52 -10.34
C LYS A 43 -9.09 6.57 -9.54
N GLY A 44 -10.13 6.20 -10.27
CA GLY A 44 -11.11 5.20 -9.87
C GLY A 44 -10.72 4.13 -8.88
N GLY A 45 -11.56 4.05 -7.86
CA GLY A 45 -11.47 2.99 -6.92
C GLY A 45 -10.51 3.24 -5.78
N ASN A 46 -10.13 2.13 -5.16
CA ASN A 46 -9.24 2.24 -3.98
C ASN A 46 -7.84 2.72 -4.20
N GLY A 47 -7.48 3.51 -3.22
CA GLY A 47 -6.23 4.18 -3.22
C GLY A 47 -5.24 3.64 -2.24
N ASN A 48 -5.18 2.35 -2.12
CA ASN A 48 -4.13 1.75 -1.31
C ASN A 48 -2.82 1.92 -2.05
N ASN A 49 -2.10 2.93 -1.68
CA ASN A 49 -0.89 3.38 -2.27
C ASN A 49 -0.01 3.95 -1.20
N PHE A 50 1.18 3.45 -1.05
CA PHE A 50 2.13 4.05 -0.18
C PHE A 50 3.19 4.65 -1.09
N SER A 51 3.08 5.95 -1.25
CA SER A 51 3.78 6.66 -2.32
C SER A 51 5.17 7.05 -1.84
N ARG A 52 5.48 6.75 -0.62
CA ARG A 52 6.81 6.98 -0.15
C ARG A 52 7.27 5.67 0.38
N THR A 53 8.49 5.33 0.02
CA THR A 53 9.11 4.09 0.39
C THR A 53 9.18 3.96 1.92
N ASN A 54 9.41 5.07 2.61
CA ASN A 54 9.44 5.06 4.08
C ASN A 54 8.03 5.12 4.66
N ASP A 55 7.08 5.43 3.81
CA ASP A 55 5.71 5.51 4.29
C ASP A 55 5.02 4.18 4.41
N CYS A 56 5.32 3.22 3.53
CA CYS A 56 4.76 1.90 3.75
C CYS A 56 5.38 1.30 4.96
N ARG A 57 6.63 1.61 5.18
CA ARG A 57 7.36 1.14 6.35
C ARG A 57 6.60 1.50 7.63
N GLN A 58 6.18 2.77 7.70
CA GLN A 58 5.37 3.31 8.81
C GLN A 58 4.25 2.40 9.12
N THR A 59 3.43 2.34 8.16
CA THR A 59 2.36 1.50 8.01
C THR A 59 2.73 0.09 8.39
N CYS A 60 3.36 -0.53 7.52
CA CYS A 60 3.45 -1.94 7.51
C CYS A 60 4.26 -2.39 6.39
N GLN A 61 5.45 -2.74 6.60
CA GLN A 61 5.93 -3.67 5.68
C GLN A 61 6.09 -4.95 6.43
N TYR A 62 7.05 -4.87 7.34
CA TYR A 62 7.51 -5.94 8.14
C TYR A 62 7.27 -5.62 9.63
N PRO A 63 6.11 -5.93 10.19
CA PRO A 63 5.89 -5.80 11.62
C PRO A 63 6.50 -7.02 12.29
N VAL A 64 7.77 -6.94 12.63
CA VAL A 64 8.48 -8.13 13.04
C VAL A 64 8.86 -8.15 14.50
N GLY A 65 8.64 -9.27 15.08
CA GLY A 65 9.10 -9.50 16.41
C GLY A 65 9.49 -10.93 16.51
N ALA A 1 -6.91 4.48 20.22
CA ALA A 1 -6.06 4.62 19.05
C ALA A 1 -4.67 4.13 19.40
N ARG A 2 -4.39 2.89 19.09
CA ARG A 2 -3.11 2.28 19.38
C ARG A 2 -2.08 2.72 18.37
N PRO A 3 -0.76 2.56 18.66
CA PRO A 3 0.32 2.92 17.72
C PRO A 3 0.01 2.43 16.30
N LYS A 4 -0.30 1.14 16.20
CA LYS A 4 -0.69 0.56 14.94
C LYS A 4 -1.90 -0.26 15.38
N ASP A 5 -2.96 -0.05 14.66
CA ASP A 5 -4.28 -0.58 15.02
C ASP A 5 -4.55 -1.89 14.33
N ARG A 6 -5.44 -1.77 13.45
CA ARG A 6 -5.68 -2.73 12.44
C ARG A 6 -5.11 -2.11 11.23
N PRO A 7 -4.11 -2.77 10.62
CA PRO A 7 -3.30 -2.22 9.54
C PRO A 7 -4.07 -1.55 8.43
N SER A 8 -5.25 -2.09 8.11
CA SER A 8 -6.17 -1.58 7.10
C SER A 8 -5.43 -1.17 5.83
N TYR A 9 -5.01 0.09 5.78
CA TYR A 9 -4.19 0.66 4.71
C TYR A 9 -3.11 -0.25 4.26
N CYS A 10 -2.36 -0.78 5.21
CA CYS A 10 -1.28 -1.67 4.90
C CYS A 10 -1.82 -2.86 4.06
N ASN A 11 -2.95 -3.38 4.41
CA ASN A 11 -3.44 -4.64 3.85
C ASN A 11 -4.33 -4.43 2.65
N LEU A 12 -4.50 -3.19 2.26
CA LEU A 12 -5.41 -2.88 1.18
C LEU A 12 -4.84 -3.28 -0.18
N PRO A 13 -5.69 -3.86 -1.03
CA PRO A 13 -5.29 -4.25 -2.38
C PRO A 13 -5.17 -3.02 -3.28
N ALA A 14 -4.26 -3.09 -4.25
CA ALA A 14 -4.04 -2.00 -5.18
C ALA A 14 -5.22 -1.80 -6.12
N ASP A 15 -5.59 -0.57 -6.34
CA ASP A 15 -6.57 -0.17 -7.32
C ASP A 15 -6.01 0.88 -8.20
N SER A 16 -5.84 0.53 -9.41
CA SER A 16 -5.14 1.37 -10.32
C SER A 16 -6.02 2.48 -10.94
N GLY A 17 -7.30 2.20 -11.18
CA GLY A 17 -8.15 3.13 -11.89
C GLY A 17 -7.93 3.05 -13.41
N SER A 18 -8.56 4.02 -14.05
CA SER A 18 -8.64 3.95 -15.54
C SER A 18 -7.45 4.70 -16.15
N GLY A 19 -6.66 5.13 -15.23
CA GLY A 19 -5.40 5.64 -15.60
C GLY A 19 -5.39 7.09 -15.90
N THR A 20 -4.39 7.70 -15.40
CA THR A 20 -4.04 9.04 -15.66
C THR A 20 -2.53 9.22 -15.48
N LYS A 21 -2.02 8.93 -14.33
CA LYS A 21 -0.59 8.95 -14.19
C LYS A 21 -0.11 7.61 -13.71
N PRO A 22 0.39 6.78 -14.65
CA PRO A 22 0.90 5.45 -14.36
C PRO A 22 2.33 5.51 -13.84
N GLU A 23 2.50 5.12 -12.62
CA GLU A 23 3.78 5.18 -11.96
C GLU A 23 4.00 3.86 -11.25
N GLN A 24 5.20 3.67 -10.72
CA GLN A 24 5.43 2.57 -9.81
C GLN A 24 5.10 3.14 -8.49
N ARG A 25 4.39 2.43 -7.70
CA ARG A 25 4.11 2.84 -6.35
C ARG A 25 4.22 1.65 -5.52
N ILE A 26 4.04 1.76 -4.23
CA ILE A 26 4.37 0.65 -3.39
C ILE A 26 3.32 0.43 -2.26
N TYR A 27 2.90 -0.79 -2.03
CA TYR A 27 1.80 -1.10 -1.10
C TYR A 27 2.22 -2.39 -0.34
N TYR A 28 1.63 -2.62 0.87
CA TYR A 28 1.86 -3.81 1.70
C TYR A 28 1.04 -4.99 1.20
N ASN A 29 1.74 -6.05 0.99
CA ASN A 29 1.05 -7.29 0.66
C ASN A 29 0.31 -7.76 1.87
N SER A 30 -0.85 -8.29 1.56
CA SER A 30 -1.90 -8.62 2.53
C SER A 30 -1.51 -10.02 3.08
N ALA A 31 -1.55 -10.96 2.13
CA ALA A 31 -1.06 -12.34 2.40
C ALA A 31 0.39 -12.32 2.90
N LYS A 32 1.21 -11.76 2.01
CA LYS A 32 2.67 -12.01 2.00
C LYS A 32 3.48 -11.15 2.93
N LYS A 33 2.81 -10.11 3.39
CA LYS A 33 3.33 -9.21 4.41
C LYS A 33 4.65 -8.55 3.98
N GLN A 34 4.68 -8.10 2.75
CA GLN A 34 5.87 -7.49 2.13
C GLN A 34 5.45 -6.10 1.65
N CYS A 35 6.31 -5.45 0.89
CA CYS A 35 6.20 -4.04 0.42
C CYS A 35 6.55 -4.21 -0.98
N VAL A 36 5.64 -4.19 -1.93
CA VAL A 36 5.89 -4.47 -3.28
C VAL A 36 5.25 -3.34 -4.06
N THR A 37 5.66 -3.20 -5.28
CA THR A 37 5.15 -2.17 -6.12
C THR A 37 3.84 -2.53 -6.84
N PHE A 38 3.10 -1.48 -7.21
CA PHE A 38 1.90 -1.65 -7.92
C PHE A 38 1.83 -0.61 -8.95
N THR A 39 0.99 -0.88 -9.88
CA THR A 39 0.71 -0.02 -10.97
C THR A 39 -0.28 1.04 -10.49
N TYR A 40 0.21 2.21 -10.23
CA TYR A 40 -0.68 3.23 -9.77
C TYR A 40 -1.05 4.11 -10.89
N ASN A 41 -2.29 4.04 -11.33
CA ASN A 41 -2.72 4.85 -12.43
C ASN A 41 -3.29 6.12 -11.90
N GLY A 42 -3.82 6.06 -10.69
CA GLY A 42 -4.10 7.28 -10.01
C GLY A 42 -5.52 7.73 -9.92
N LYS A 43 -6.55 6.93 -10.17
CA LYS A 43 -7.91 7.42 -10.15
C LYS A 43 -8.80 6.50 -9.28
N GLY A 44 -9.88 6.15 -9.94
CA GLY A 44 -10.85 5.16 -9.48
C GLY A 44 -10.43 4.11 -8.48
N GLY A 45 -11.19 4.09 -7.42
CA GLY A 45 -11.08 3.06 -6.44
C GLY A 45 -10.03 3.32 -5.38
N ASN A 46 -9.55 2.22 -4.81
CA ASN A 46 -8.54 2.39 -3.74
C ASN A 46 -7.23 3.00 -4.13
N GLY A 47 -6.81 3.75 -3.17
CA GLY A 47 -5.59 4.46 -3.27
C GLY A 47 -4.62 4.03 -2.25
N ASN A 48 -4.56 2.74 -1.99
CA ASN A 48 -3.51 2.22 -1.13
C ASN A 48 -2.23 2.36 -1.88
N ASN A 49 -1.53 3.39 -1.57
CA ASN A 49 -0.40 3.85 -2.25
C ASN A 49 0.56 4.42 -1.25
N PHE A 50 1.72 3.87 -1.14
CA PHE A 50 2.75 4.49 -0.38
C PHE A 50 3.79 4.89 -1.39
N SER A 51 4.32 6.07 -1.29
CA SER A 51 5.18 6.64 -2.29
C SER A 51 6.59 6.79 -1.80
N ARG A 52 6.83 6.38 -0.61
CA ARG A 52 8.14 6.41 -0.07
C ARG A 52 8.44 5.04 0.39
N THR A 53 9.62 4.61 0.09
CA THR A 53 10.12 3.32 0.44
C THR A 53 10.18 3.20 1.98
N ASN A 54 10.40 4.33 2.65
CA ASN A 54 10.37 4.36 4.10
C ASN A 54 8.95 4.39 4.62
N ASP A 55 8.02 4.90 3.82
CA ASP A 55 6.64 5.06 4.31
C ASP A 55 5.91 3.78 4.40
N CYS A 56 6.12 2.88 3.46
CA CYS A 56 5.47 1.59 3.55
C CYS A 56 6.01 0.93 4.80
N ARG A 57 7.29 1.03 5.02
CA ARG A 57 7.92 0.42 6.19
C ARG A 57 7.34 0.98 7.49
N GLN A 58 7.06 2.28 7.50
CA GLN A 58 6.41 2.99 8.63
C GLN A 58 5.20 2.28 9.07
N THR A 59 4.34 2.25 8.17
CA THR A 59 3.19 1.53 8.13
C THR A 59 3.42 0.09 8.60
N CYS A 60 3.94 -0.72 7.79
CA CYS A 60 3.78 -2.15 8.04
C CYS A 60 4.66 -3.07 7.31
N GLN A 61 5.83 -2.73 6.95
CA GLN A 61 6.46 -3.58 6.00
C GLN A 61 6.90 -4.95 6.35
N TYR A 62 7.82 -5.11 7.22
CA TYR A 62 8.29 -6.44 7.52
C TYR A 62 7.81 -6.97 8.87
N PRO A 63 6.64 -7.65 8.91
CA PRO A 63 6.17 -8.32 10.10
C PRO A 63 6.79 -9.71 10.17
N VAL A 64 8.04 -9.74 10.50
CA VAL A 64 8.79 -10.97 10.64
C VAL A 64 9.04 -11.16 12.12
N GLY A 65 9.40 -12.34 12.54
CA GLY A 65 9.52 -12.61 13.93
C GLY A 65 9.88 -14.04 14.13
N ALA A 1 -3.78 8.54 21.52
CA ALA A 1 -2.55 8.25 20.78
C ALA A 1 -2.76 6.97 20.03
N ARG A 2 -2.03 6.75 18.96
CA ARG A 2 -2.25 5.52 18.25
C ARG A 2 -1.11 4.52 18.32
N PRO A 3 -1.43 3.34 18.85
CA PRO A 3 -0.64 2.14 18.64
C PRO A 3 -1.16 1.58 17.31
N LYS A 4 -0.88 0.38 16.94
CA LYS A 4 -1.37 -0.14 15.70
C LYS A 4 -2.08 -1.43 15.91
N ASP A 5 -3.20 -1.55 15.26
CA ASP A 5 -3.92 -2.78 15.15
C ASP A 5 -3.32 -3.40 13.90
N ARG A 6 -4.03 -4.26 13.24
CA ARG A 6 -3.71 -4.56 11.86
C ARG A 6 -4.10 -3.31 11.07
N PRO A 7 -3.11 -2.56 10.55
CA PRO A 7 -3.30 -1.27 9.88
C PRO A 7 -3.95 -1.26 8.59
N SER A 8 -5.20 -1.71 8.63
CA SER A 8 -6.25 -1.61 7.63
C SER A 8 -5.73 -1.67 6.22
N TYR A 9 -5.12 -0.59 5.79
CA TYR A 9 -4.59 -0.41 4.49
C TYR A 9 -3.55 -1.42 4.19
N CYS A 10 -2.73 -1.78 5.22
CA CYS A 10 -1.71 -2.79 5.06
C CYS A 10 -2.28 -3.96 4.32
N ASN A 11 -3.43 -4.41 4.73
CA ASN A 11 -3.90 -5.72 4.23
C ASN A 11 -4.74 -5.59 2.98
N LEU A 12 -4.91 -4.40 2.48
CA LEU A 12 -5.82 -4.13 1.38
C LEU A 12 -5.12 -4.30 0.02
N PRO A 13 -5.83 -4.88 -0.96
CA PRO A 13 -5.31 -5.04 -2.32
C PRO A 13 -5.25 -3.69 -3.05
N ALA A 14 -4.27 -3.55 -3.94
CA ALA A 14 -4.05 -2.30 -4.67
C ALA A 14 -5.17 -2.02 -5.68
N ASP A 15 -5.50 -0.75 -5.91
CA ASP A 15 -6.45 -0.34 -6.95
C ASP A 15 -5.83 0.78 -7.79
N SER A 16 -5.58 0.48 -9.04
CA SER A 16 -4.82 1.35 -9.89
C SER A 16 -5.62 2.54 -10.52
N GLY A 17 -6.91 2.33 -10.82
CA GLY A 17 -7.67 3.35 -11.55
C GLY A 17 -7.36 3.32 -13.07
N SER A 18 -7.91 4.35 -13.71
CA SER A 18 -7.91 4.35 -15.21
C SER A 18 -6.67 5.08 -15.74
N GLY A 19 -5.92 5.44 -14.76
CA GLY A 19 -4.62 5.92 -15.04
C GLY A 19 -4.54 7.35 -15.35
N THR A 20 -3.55 7.93 -14.82
CA THR A 20 -3.15 9.26 -15.04
C THR A 20 -1.65 9.39 -14.75
N LYS A 21 -1.25 9.06 -13.58
CA LYS A 21 0.17 9.02 -13.29
C LYS A 21 0.52 7.56 -13.08
N PRO A 22 1.12 6.90 -14.07
CA PRO A 22 1.50 5.50 -13.98
C PRO A 22 2.86 5.39 -13.31
N GLU A 23 2.87 4.98 -12.08
CA GLU A 23 4.08 5.00 -11.30
C GLU A 23 4.28 3.60 -10.71
N GLN A 24 5.43 3.36 -10.13
CA GLN A 24 5.62 2.21 -9.30
C GLN A 24 5.29 2.67 -7.94
N ARG A 25 4.51 1.97 -7.22
CA ARG A 25 4.24 2.31 -5.85
C ARG A 25 4.32 1.08 -5.07
N ILE A 26 4.09 1.14 -3.79
CA ILE A 26 4.41 0.01 -2.98
C ILE A 26 3.31 -0.20 -1.90
N TYR A 27 2.83 -1.42 -1.74
CA TYR A 27 1.67 -1.68 -0.89
C TYR A 27 1.98 -3.01 -0.16
N TYR A 28 1.34 -3.24 0.99
CA TYR A 28 1.56 -4.45 1.78
C TYR A 28 0.72 -5.58 1.20
N ASN A 29 1.39 -6.66 1.00
CA ASN A 29 0.70 -7.85 0.54
C ASN A 29 -0.10 -8.39 1.67
N SER A 30 -1.27 -8.86 1.28
CA SER A 30 -2.38 -9.22 2.16
C SER A 30 -2.07 -10.66 2.63
N ALA A 31 -2.06 -11.53 1.62
CA ALA A 31 -1.67 -12.95 1.81
C ALA A 31 -0.26 -13.07 2.39
N LYS A 32 0.63 -12.46 1.63
CA LYS A 32 2.07 -12.75 1.67
C LYS A 32 2.87 -12.01 2.72
N LYS A 33 2.19 -11.01 3.22
CA LYS A 33 2.68 -10.20 4.35
C LYS A 33 4.04 -9.57 4.06
N GLN A 34 4.15 -9.09 2.84
CA GLN A 34 5.37 -8.47 2.30
C GLN A 34 4.97 -7.04 1.88
N CYS A 35 5.86 -6.35 1.20
CA CYS A 35 5.49 -5.01 0.74
C CYS A 35 5.97 -4.97 -0.67
N VAL A 36 5.11 -5.12 -1.63
CA VAL A 36 5.55 -5.17 -2.99
C VAL A 36 5.01 -3.97 -3.73
N THR A 37 5.50 -3.78 -4.93
CA THR A 37 5.06 -2.70 -5.73
C THR A 37 3.80 -3.01 -6.51
N PHE A 38 3.13 -1.95 -6.90
CA PHE A 38 1.94 -2.04 -7.66
C PHE A 38 1.93 -0.92 -8.60
N THR A 39 1.15 -1.09 -9.58
CA THR A 39 0.93 -0.13 -10.57
C THR A 39 -0.04 0.90 -10.02
N TYR A 40 0.46 2.04 -9.72
CA TYR A 40 -0.42 3.04 -9.22
C TYR A 40 -0.70 4.01 -10.29
N ASN A 41 -1.90 3.99 -10.80
CA ASN A 41 -2.25 4.85 -11.87
C ASN A 41 -2.80 6.14 -11.35
N GLY A 42 -3.23 6.15 -10.10
CA GLY A 42 -3.47 7.39 -9.45
C GLY A 42 -4.89 7.90 -9.40
N LYS A 43 -5.92 7.10 -9.67
CA LYS A 43 -7.29 7.59 -9.63
C LYS A 43 -8.21 6.62 -8.82
N GLY A 44 -9.27 6.30 -9.54
CA GLY A 44 -10.28 5.30 -9.14
C GLY A 44 -9.95 4.22 -8.13
N GLY A 45 -10.78 4.22 -7.10
CA GLY A 45 -10.77 3.16 -6.13
C GLY A 45 -9.77 3.34 -5.00
N ASN A 46 -9.40 2.20 -4.42
CA ASN A 46 -8.45 2.28 -3.30
C ASN A 46 -7.04 2.73 -3.55
N GLY A 47 -6.65 3.47 -2.56
CA GLY A 47 -5.38 4.09 -2.56
C GLY A 47 -4.45 3.51 -1.57
N ASN A 48 -4.45 2.21 -1.46
CA ASN A 48 -3.43 1.55 -0.67
C ASN A 48 -2.14 1.70 -1.44
N ASN A 49 -1.43 2.73 -1.12
CA ASN A 49 -0.29 3.22 -1.78
C ASN A 49 0.67 3.75 -0.80
N PHE A 50 1.82 3.16 -0.72
CA PHE A 50 2.87 3.75 0.02
C PHE A 50 3.94 4.07 -1.01
N SER A 51 4.45 5.28 -1.01
CA SER A 51 5.34 5.77 -2.04
C SER A 51 6.73 5.91 -1.52
N ARG A 52 6.88 5.52 -0.31
CA ARG A 52 8.10 5.53 0.36
C ARG A 52 8.19 4.20 0.95
N THR A 53 9.28 3.57 0.65
CA THR A 53 9.56 2.26 1.11
C THR A 53 9.48 2.20 2.63
N ASN A 54 9.91 3.28 3.30
CA ASN A 54 9.85 3.33 4.75
C ASN A 54 8.48 3.66 5.28
N ASP A 55 7.57 4.16 4.41
CA ASP A 55 6.19 4.39 4.85
C ASP A 55 5.48 3.11 5.02
N CYS A 56 5.70 2.16 4.10
CA CYS A 56 5.07 0.90 4.30
C CYS A 56 5.65 0.18 5.44
N ARG A 57 6.90 0.37 5.70
CA ARG A 57 7.54 -0.23 6.89
C ARG A 57 6.80 0.11 8.17
N GLN A 58 6.47 1.39 8.31
CA GLN A 58 5.70 1.89 9.46
C GLN A 58 4.50 1.05 9.69
N THR A 59 3.71 1.11 8.72
CA THR A 59 2.61 0.35 8.47
C THR A 59 2.93 -1.13 8.72
N CYS A 60 3.54 -1.69 7.79
CA CYS A 60 3.63 -3.11 7.65
C CYS A 60 4.39 -3.42 6.41
N GLN A 61 5.55 -3.95 6.52
CA GLN A 61 6.03 -4.62 5.38
C GLN A 61 6.05 -6.06 5.67
N TYR A 62 6.91 -6.39 6.63
CA TYR A 62 7.18 -7.74 7.05
C TYR A 62 6.80 -7.98 8.51
N PRO A 63 5.60 -8.43 8.79
CA PRO A 63 5.23 -8.97 10.06
C PRO A 63 5.19 -10.50 9.88
N VAL A 64 6.34 -11.11 9.96
CA VAL A 64 6.51 -12.47 9.52
C VAL A 64 7.17 -13.33 10.56
N GLY A 65 6.77 -14.56 10.60
CA GLY A 65 7.33 -15.52 11.47
C GLY A 65 6.48 -16.74 11.37
N ALA A 1 4.51 2.97 16.77
CA ALA A 1 3.24 3.65 16.66
C ALA A 1 2.36 3.26 17.81
N ARG A 2 1.74 4.23 18.44
CA ARG A 2 0.85 3.95 19.54
C ARG A 2 -0.50 3.44 18.98
N PRO A 3 -1.34 2.76 19.83
CA PRO A 3 -2.54 2.03 19.48
C PRO A 3 -2.95 1.98 18.01
N LYS A 4 -2.39 1.00 17.32
CA LYS A 4 -2.71 0.65 15.96
C LYS A 4 -3.03 -0.82 15.88
N ASP A 5 -4.06 -1.16 15.17
CA ASP A 5 -4.37 -2.56 14.86
C ASP A 5 -3.54 -2.86 13.63
N ARG A 6 -3.87 -3.90 12.93
CA ARG A 6 -3.33 -3.93 11.58
C ARG A 6 -4.39 -3.22 10.78
N PRO A 7 -4.11 -2.00 10.33
CA PRO A 7 -5.08 -1.16 9.73
C PRO A 7 -5.41 -1.39 8.35
N SER A 8 -6.38 -2.32 8.19
CA SER A 8 -7.28 -2.47 7.04
C SER A 8 -6.68 -2.08 5.72
N TYR A 9 -6.45 -0.76 5.59
CA TYR A 9 -5.71 -0.14 4.52
C TYR A 9 -4.50 -0.93 4.16
N CYS A 10 -3.72 -1.36 5.16
CA CYS A 10 -2.55 -2.17 4.95
C CYS A 10 -2.90 -3.34 4.03
N ASN A 11 -4.02 -3.99 4.30
CA ASN A 11 -4.36 -5.25 3.60
C ASN A 11 -5.16 -4.99 2.32
N LEU A 12 -5.38 -3.75 1.99
CA LEU A 12 -6.21 -3.40 0.83
C LEU A 12 -5.47 -3.56 -0.50
N PRO A 13 -6.22 -3.74 -1.61
CA PRO A 13 -5.67 -4.02 -2.93
C PRO A 13 -5.00 -2.83 -3.66
N ALA A 14 -4.01 -3.25 -4.49
CA ALA A 14 -3.37 -2.31 -5.35
C ALA A 14 -4.46 -2.07 -6.45
N ASP A 15 -4.94 -0.85 -6.65
CA ASP A 15 -5.86 -0.56 -7.75
C ASP A 15 -5.43 0.67 -8.50
N SER A 16 -5.10 0.45 -9.73
CA SER A 16 -4.47 1.45 -10.52
C SER A 16 -5.43 2.50 -11.14
N GLY A 17 -6.63 2.09 -11.50
CA GLY A 17 -7.53 3.01 -12.21
C GLY A 17 -7.12 3.16 -13.69
N SER A 18 -7.77 4.16 -14.29
CA SER A 18 -7.64 4.29 -15.78
C SER A 18 -6.51 5.27 -16.12
N GLY A 19 -5.92 5.68 -15.05
CA GLY A 19 -4.73 6.42 -15.18
C GLY A 19 -4.88 7.89 -15.27
N THR A 20 -4.00 8.51 -14.60
CA THR A 20 -3.76 9.90 -14.58
C THR A 20 -2.32 10.17 -14.16
N LYS A 21 -1.95 9.71 -13.03
CA LYS A 21 -0.58 9.80 -12.61
C LYS A 21 -0.06 8.39 -12.47
N PRO A 22 0.68 7.87 -13.47
CA PRO A 22 1.20 6.52 -13.42
C PRO A 22 2.53 6.51 -12.70
N GLU A 23 2.54 5.96 -11.53
CA GLU A 23 3.69 5.98 -10.70
C GLU A 23 3.86 4.62 -10.09
N GLN A 24 4.99 4.41 -9.47
CA GLN A 24 5.17 3.27 -8.66
C GLN A 24 4.65 3.67 -7.34
N ARG A 25 3.93 2.82 -6.69
CA ARG A 25 3.48 3.08 -5.34
C ARG A 25 3.60 1.84 -4.59
N ILE A 26 3.26 1.85 -3.35
CA ILE A 26 3.55 0.73 -2.53
C ILE A 26 2.39 0.36 -1.58
N TYR A 27 2.07 -0.89 -1.49
CA TYR A 27 0.90 -1.35 -0.73
C TYR A 27 1.40 -2.57 0.04
N TYR A 28 0.72 -2.91 1.13
CA TYR A 28 1.01 -4.08 1.94
C TYR A 28 0.39 -5.28 1.32
N ASN A 29 1.18 -6.27 1.18
CA ASN A 29 0.62 -7.51 0.73
C ASN A 29 -0.22 -8.06 1.83
N SER A 30 -1.30 -8.62 1.37
CA SER A 30 -2.40 -9.09 2.18
C SER A 30 -1.93 -10.50 2.62
N ALA A 31 -1.79 -11.34 1.59
CA ALA A 31 -1.20 -12.69 1.75
C ALA A 31 0.21 -12.64 2.39
N LYS A 32 1.09 -11.98 1.63
CA LYS A 32 2.56 -12.15 1.75
C LYS A 32 3.22 -11.37 2.88
N LYS A 33 2.41 -10.43 3.34
CA LYS A 33 2.79 -9.58 4.47
C LYS A 33 4.11 -8.85 4.21
N GLN A 34 4.16 -8.18 3.08
CA GLN A 34 5.33 -7.42 2.64
C GLN A 34 4.87 -5.99 2.32
N CYS A 35 5.76 -5.26 1.68
CA CYS A 35 5.63 -3.88 1.27
C CYS A 35 6.11 -3.95 -0.09
N VAL A 36 5.32 -3.93 -1.11
CA VAL A 36 5.69 -4.14 -2.44
C VAL A 36 5.03 -3.03 -3.21
N THR A 37 5.56 -2.77 -4.33
CA THR A 37 5.05 -1.77 -5.17
C THR A 37 3.91 -2.25 -6.10
N PHE A 38 3.10 -1.30 -6.52
CA PHE A 38 2.07 -1.53 -7.44
C PHE A 38 2.06 -0.40 -8.41
N THR A 39 1.38 -0.63 -9.46
CA THR A 39 1.18 0.31 -10.51
C THR A 39 0.05 1.23 -10.06
N TYR A 40 0.37 2.46 -9.75
CA TYR A 40 -0.68 3.35 -9.33
C TYR A 40 -0.92 4.38 -10.37
N ASN A 41 -2.08 4.33 -10.97
CA ASN A 41 -2.41 5.26 -12.00
C ASN A 41 -3.20 6.40 -11.46
N GLY A 42 -3.89 6.19 -10.35
CA GLY A 42 -4.37 7.31 -9.63
C GLY A 42 -5.84 7.61 -9.62
N LYS A 43 -6.75 6.74 -10.04
CA LYS A 43 -8.16 7.09 -10.09
C LYS A 43 -9.01 5.95 -9.48
N GLY A 44 -9.97 5.58 -10.30
CA GLY A 44 -10.84 4.44 -10.10
C GLY A 44 -10.41 3.30 -9.20
N GLY A 45 -11.28 3.03 -8.27
CA GLY A 45 -11.12 1.90 -7.42
C GLY A 45 -10.26 2.18 -6.22
N ASN A 46 -9.72 1.10 -5.69
CA ASN A 46 -8.89 1.30 -4.48
C ASN A 46 -7.63 2.08 -4.65
N GLY A 47 -7.41 2.77 -3.58
CA GLY A 47 -6.29 3.61 -3.49
C GLY A 47 -5.42 3.30 -2.36
N ASN A 48 -5.25 2.02 -2.08
CA ASN A 48 -4.30 1.63 -1.08
C ASN A 48 -2.94 1.90 -1.64
N ASN A 49 -2.36 2.96 -1.18
CA ASN A 49 -1.18 3.53 -1.65
C ASN A 49 -0.37 4.04 -0.50
N PHE A 50 0.83 3.57 -0.39
CA PHE A 50 1.76 4.16 0.52
C PHE A 50 2.89 4.64 -0.37
N SER A 51 3.34 5.82 -0.20
CA SER A 51 4.29 6.44 -1.09
C SER A 51 5.66 6.59 -0.46
N ARG A 52 5.85 6.11 0.72
CA ARG A 52 7.13 6.22 1.35
C ARG A 52 7.48 4.86 1.91
N THR A 53 8.72 4.47 1.69
CA THR A 53 9.23 3.16 2.05
C THR A 53 9.21 2.99 3.57
N ASN A 54 9.46 4.07 4.29
CA ASN A 54 9.45 4.01 5.75
C ASN A 54 8.03 4.07 6.27
N ASP A 55 7.14 4.66 5.47
CA ASP A 55 5.75 4.84 5.90
C ASP A 55 4.96 3.59 5.74
N CYS A 56 5.30 2.76 4.78
CA CYS A 56 4.61 1.51 4.68
C CYS A 56 5.04 0.67 5.87
N ARG A 57 6.29 0.76 6.23
CA ARG A 57 6.82 -0.04 7.32
C ARG A 57 6.15 0.30 8.64
N GLN A 58 5.75 1.56 8.75
CA GLN A 58 4.95 2.05 9.89
C GLN A 58 3.70 1.31 10.02
N THR A 59 2.97 1.45 9.01
CA THR A 59 1.82 0.81 8.69
C THR A 59 1.85 -0.67 9.03
N CYS A 60 2.50 -1.45 8.25
CA CYS A 60 2.29 -2.91 8.40
C CYS A 60 3.18 -3.81 7.67
N GLN A 61 4.30 -3.42 7.25
CA GLN A 61 4.87 -4.20 6.19
C GLN A 61 5.42 -5.52 6.56
N TYR A 62 6.31 -5.57 7.49
CA TYR A 62 6.91 -6.85 7.78
C TYR A 62 6.64 -7.36 9.18
N PRO A 63 5.52 -8.05 9.38
CA PRO A 63 5.19 -8.68 10.64
C PRO A 63 5.51 -10.18 10.58
N VAL A 64 6.41 -10.53 9.67
CA VAL A 64 6.81 -11.89 9.45
C VAL A 64 8.32 -11.98 9.39
N GLY A 65 8.83 -13.02 9.97
CA GLY A 65 10.23 -13.28 9.93
C GLY A 65 10.57 -14.17 11.05
N ALA A 1 -1.14 7.96 21.16
CA ALA A 1 -2.53 7.73 20.80
C ALA A 1 -2.76 6.24 20.59
N ARG A 2 -2.23 5.72 19.51
CA ARG A 2 -2.35 4.32 19.22
C ARG A 2 -0.97 3.72 19.10
N PRO A 3 -0.80 2.43 19.33
CA PRO A 3 0.42 1.79 18.99
C PRO A 3 0.34 1.44 17.50
N LYS A 4 -0.08 0.23 17.19
CA LYS A 4 -0.43 -0.13 15.85
C LYS A 4 -1.72 -0.93 16.02
N ASP A 5 -2.74 -0.44 15.35
CA ASP A 5 -4.09 -0.98 15.42
C ASP A 5 -4.18 -2.22 14.56
N ARG A 6 -5.18 -2.26 13.79
CA ARG A 6 -5.26 -3.29 12.82
C ARG A 6 -4.64 -2.69 11.62
N PRO A 7 -3.70 -3.39 10.96
CA PRO A 7 -2.95 -2.88 9.81
C PRO A 7 -3.73 -2.00 8.88
N SER A 8 -4.99 -2.41 8.59
CA SER A 8 -5.98 -1.66 7.80
C SER A 8 -5.37 -1.06 6.55
N TYR A 9 -4.82 0.17 6.68
CA TYR A 9 -4.01 0.81 5.64
C TYR A 9 -3.03 -0.13 5.01
N CYS A 10 -2.33 -0.85 5.85
CA CYS A 10 -1.41 -1.83 5.36
C CYS A 10 -2.19 -2.85 4.47
N ASN A 11 -3.35 -3.26 4.88
CA ASN A 11 -4.03 -4.40 4.25
C ASN A 11 -4.93 -3.96 3.11
N LEU A 12 -4.96 -2.67 2.82
CA LEU A 12 -5.86 -2.15 1.80
C LEU A 12 -5.31 -2.41 0.41
N PRO A 13 -6.10 -3.09 -0.43
CA PRO A 13 -5.72 -3.46 -1.78
C PRO A 13 -5.72 -2.26 -2.75
N ALA A 14 -4.90 -2.36 -3.77
CA ALA A 14 -4.72 -1.30 -4.75
C ALA A 14 -5.98 -1.06 -5.61
N ASP A 15 -6.30 0.21 -5.82
CA ASP A 15 -7.31 0.63 -6.78
C ASP A 15 -6.66 1.66 -7.68
N SER A 16 -6.59 1.39 -8.95
CA SER A 16 -5.79 2.17 -9.84
C SER A 16 -6.48 3.43 -10.45
N GLY A 17 -7.78 3.37 -10.64
CA GLY A 17 -8.45 4.42 -11.39
C GLY A 17 -8.30 4.18 -12.89
N SER A 18 -9.02 5.07 -13.59
CA SER A 18 -9.13 4.64 -15.08
C SER A 18 -7.94 5.28 -15.88
N GLY A 19 -7.12 5.80 -15.05
CA GLY A 19 -5.87 6.26 -15.57
C GLY A 19 -5.84 7.71 -15.96
N THR A 20 -4.80 8.33 -15.56
CA THR A 20 -4.43 9.66 -15.89
C THR A 20 -2.93 9.83 -15.77
N LYS A 21 -2.40 9.42 -14.64
CA LYS A 21 -0.98 9.40 -14.42
C LYS A 21 -0.57 7.99 -14.09
N PRO A 22 -0.02 7.23 -15.04
CA PRO A 22 0.47 5.89 -14.78
C PRO A 22 1.76 6.00 -13.98
N GLU A 23 1.70 5.68 -12.73
CA GLU A 23 2.76 5.88 -11.79
C GLU A 23 3.03 4.56 -11.08
N GLN A 24 4.25 4.34 -10.65
CA GLN A 24 4.50 3.22 -9.77
C GLN A 24 4.26 3.71 -8.37
N ARG A 25 3.50 2.98 -7.62
CA ARG A 25 3.28 3.31 -6.21
C ARG A 25 3.49 2.07 -5.42
N ILE A 26 3.41 2.13 -4.10
CA ILE A 26 3.81 0.99 -3.30
C ILE A 26 2.84 0.77 -2.10
N TYR A 27 2.29 -0.42 -1.94
CA TYR A 27 1.20 -0.67 -0.95
C TYR A 27 1.54 -2.06 -0.34
N TYR A 28 1.00 -2.35 0.85
CA TYR A 28 1.23 -3.60 1.56
C TYR A 28 0.27 -4.68 1.03
N ASN A 29 0.83 -5.81 0.77
CA ASN A 29 -0.02 -6.92 0.40
C ASN A 29 -0.74 -7.40 1.63
N SER A 30 -1.98 -7.78 1.39
CA SER A 30 -3.00 -8.11 2.36
C SER A 30 -2.74 -9.59 2.68
N ALA A 31 -2.86 -10.36 1.59
CA ALA A 31 -2.56 -11.78 1.58
C ALA A 31 -1.10 -12.05 2.01
N LYS A 32 -0.26 -11.46 1.16
CA LYS A 32 1.16 -11.86 1.02
C LYS A 32 2.12 -11.17 1.97
N LYS A 33 1.55 -10.13 2.58
CA LYS A 33 2.17 -9.36 3.66
C LYS A 33 3.54 -8.82 3.30
N GLN A 34 3.55 -8.17 2.17
CA GLN A 34 4.74 -7.54 1.59
C GLN A 34 4.42 -6.06 1.36
N CYS A 35 5.30 -5.39 0.65
CA CYS A 35 5.10 -4.00 0.30
C CYS A 35 5.51 -4.01 -1.10
N VAL A 36 4.62 -3.87 -1.99
CA VAL A 36 4.87 -4.10 -3.35
C VAL A 36 4.32 -2.92 -4.07
N THR A 37 4.68 -2.78 -5.29
CA THR A 37 4.21 -1.73 -6.10
C THR A 37 2.86 -2.01 -6.74
N PHE A 38 2.16 -0.95 -7.06
CA PHE A 38 0.94 -1.08 -7.72
C PHE A 38 0.89 -0.06 -8.79
N THR A 39 0.00 -0.30 -9.66
CA THR A 39 -0.27 0.53 -10.77
C THR A 39 -1.18 1.64 -10.29
N TYR A 40 -0.66 2.82 -10.14
CA TYR A 40 -1.50 3.88 -9.69
C TYR A 40 -1.76 4.85 -10.77
N ASN A 41 -3.00 4.91 -11.17
CA ASN A 41 -3.37 5.68 -12.30
C ASN A 41 -3.81 7.06 -11.92
N GLY A 42 -4.20 7.26 -10.67
CA GLY A 42 -4.43 8.61 -10.27
C GLY A 42 -5.85 9.13 -10.34
N LYS A 43 -6.89 8.30 -10.38
CA LYS A 43 -8.23 8.73 -10.65
C LYS A 43 -9.22 8.35 -9.54
N GLY A 44 -10.39 8.10 -10.10
CA GLY A 44 -11.42 7.46 -9.29
C GLY A 44 -10.99 6.33 -8.38
N GLY A 45 -11.68 6.30 -7.27
CA GLY A 45 -11.47 5.23 -6.36
C GLY A 45 -10.32 5.44 -5.42
N ASN A 46 -9.88 4.31 -4.92
CA ASN A 46 -8.79 4.30 -3.95
C ASN A 46 -7.39 4.66 -4.42
N GLY A 47 -6.69 5.12 -3.41
CA GLY A 47 -5.30 5.47 -3.56
C GLY A 47 -4.51 5.12 -2.34
N ASN A 48 -4.65 3.90 -1.90
CA ASN A 48 -3.93 3.46 -0.70
C ASN A 48 -2.46 3.07 -0.97
N ASN A 49 -1.73 3.99 -1.53
CA ASN A 49 -0.28 3.95 -1.70
C ASN A 49 0.47 4.37 -0.46
N PHE A 50 1.65 3.83 -0.29
CA PHE A 50 2.52 4.43 0.65
C PHE A 50 3.63 5.10 -0.16
N SER A 51 3.32 6.41 -0.43
CA SER A 51 4.42 7.23 -1.11
C SER A 51 5.85 7.20 -0.60
N ARG A 52 6.12 6.69 0.54
CA ARG A 52 7.46 6.61 1.00
C ARG A 52 7.68 5.18 1.44
N THR A 53 8.71 4.56 0.90
CA THR A 53 8.99 3.16 1.10
C THR A 53 9.31 2.84 2.58
N ASN A 54 10.03 3.73 3.25
CA ASN A 54 10.30 3.55 4.70
C ASN A 54 9.05 3.83 5.50
N ASP A 55 8.13 4.46 4.81
CA ASP A 55 6.86 4.74 5.45
C ASP A 55 5.95 3.56 5.35
N CYS A 56 6.05 2.76 4.26
CA CYS A 56 5.33 1.53 4.30
C CYS A 56 5.96 0.63 5.29
N ARG A 57 7.26 0.70 5.44
CA ARG A 57 7.96 -0.10 6.48
C ARG A 57 7.40 0.21 7.86
N GLN A 58 7.17 1.50 8.13
CA GLN A 58 6.54 1.99 9.39
C GLN A 58 5.34 1.20 9.68
N THR A 59 4.45 1.37 8.81
CA THR A 59 3.27 0.70 8.65
C THR A 59 3.52 -0.80 8.75
N CYS A 60 3.97 -1.31 7.71
CA CYS A 60 3.92 -2.70 7.45
C CYS A 60 4.53 -2.97 6.12
N GLN A 61 5.64 -3.60 6.07
CA GLN A 61 5.95 -4.25 4.86
C GLN A 61 5.83 -5.70 5.07
N TYR A 62 6.68 -6.19 5.91
CA TYR A 62 6.70 -7.56 6.31
C TYR A 62 6.46 -7.60 7.80
N PRO A 63 5.49 -8.40 8.26
CA PRO A 63 5.20 -8.54 9.69
C PRO A 63 6.34 -9.26 10.42
N VAL A 64 7.31 -8.50 10.86
CA VAL A 64 8.49 -9.07 11.47
C VAL A 64 8.60 -8.74 12.94
N GLY A 65 9.25 -9.62 13.64
CA GLY A 65 9.54 -9.46 15.03
C GLY A 65 10.21 -10.70 15.49
N ALA A 1 3.43 9.30 10.47
CA ALA A 1 2.85 8.04 10.90
C ALA A 1 3.31 7.69 12.31
N ARG A 2 2.70 6.70 12.89
CA ARG A 2 2.95 6.31 14.27
C ARG A 2 2.53 4.85 14.37
N PRO A 3 3.16 4.01 15.25
CA PRO A 3 2.79 2.58 15.45
C PRO A 3 1.27 2.42 15.57
N LYS A 4 0.74 1.37 14.99
CA LYS A 4 -0.68 1.10 14.85
C LYS A 4 -1.02 -0.32 15.36
N ASP A 5 -2.05 -0.90 14.76
CA ASP A 5 -2.35 -2.34 14.84
C ASP A 5 -1.61 -2.88 13.64
N ARG A 6 -2.11 -3.89 12.99
CA ARG A 6 -1.73 -4.04 11.62
C ARG A 6 -2.78 -3.20 10.89
N PRO A 7 -2.41 -2.04 10.37
CA PRO A 7 -3.36 -1.12 9.80
C PRO A 7 -3.91 -1.37 8.48
N SER A 8 -4.93 -2.28 8.48
CA SER A 8 -5.97 -2.47 7.43
C SER A 8 -5.51 -2.21 6.03
N TYR A 9 -5.25 -0.93 5.76
CA TYR A 9 -4.56 -0.43 4.58
C TYR A 9 -3.42 -1.32 4.19
N CYS A 10 -2.64 -1.77 5.19
CA CYS A 10 -1.57 -2.68 4.95
C CYS A 10 -2.09 -3.82 4.13
N ASN A 11 -3.20 -4.37 4.54
CA ASN A 11 -3.60 -5.67 3.98
C ASN A 11 -4.45 -5.53 2.74
N LEU A 12 -4.66 -4.31 2.31
CA LEU A 12 -5.54 -4.04 1.18
C LEU A 12 -4.83 -4.32 -0.16
N PRO A 13 -5.56 -4.81 -1.14
CA PRO A 13 -5.03 -5.07 -2.47
C PRO A 13 -4.97 -3.77 -3.32
N ALA A 14 -4.00 -3.71 -4.21
CA ALA A 14 -3.79 -2.55 -5.08
C ALA A 14 -4.94 -2.38 -6.10
N ASP A 15 -5.34 -1.14 -6.35
CA ASP A 15 -6.29 -0.77 -7.40
C ASP A 15 -5.75 0.40 -8.19
N SER A 16 -5.45 0.14 -9.42
CA SER A 16 -4.76 1.09 -10.22
C SER A 16 -5.66 2.20 -10.82
N GLY A 17 -6.92 1.87 -11.12
CA GLY A 17 -7.77 2.81 -11.83
C GLY A 17 -7.40 2.88 -13.32
N SER A 18 -8.06 3.85 -13.95
CA SER A 18 -8.04 3.90 -15.44
C SER A 18 -6.90 4.82 -15.91
N GLY A 19 -6.23 5.26 -14.91
CA GLY A 19 -5.02 5.93 -15.15
C GLY A 19 -5.13 7.39 -15.34
N THR A 20 -4.20 8.05 -14.76
CA THR A 20 -3.95 9.43 -14.86
C THR A 20 -2.48 9.67 -14.51
N LYS A 21 -2.09 9.29 -13.35
CA LYS A 21 -0.69 9.40 -13.00
C LYS A 21 -0.17 7.99 -12.91
N PRO A 22 0.52 7.49 -13.93
CA PRO A 22 1.09 6.16 -13.90
C PRO A 22 2.44 6.20 -13.21
N GLU A 23 2.50 5.73 -12.00
CA GLU A 23 3.70 5.80 -11.20
C GLU A 23 3.98 4.41 -10.64
N GLN A 24 5.15 4.23 -10.05
CA GLN A 24 5.39 3.06 -9.27
C GLN A 24 4.97 3.43 -7.92
N ARG A 25 4.26 2.60 -7.26
CA ARG A 25 3.93 2.85 -5.89
C ARG A 25 4.17 1.62 -5.14
N ILE A 26 3.89 1.61 -3.86
CA ILE A 26 4.29 0.51 -3.05
C ILE A 26 3.21 0.20 -2.00
N TYR A 27 2.81 -1.03 -1.84
CA TYR A 27 1.65 -1.40 -1.01
C TYR A 27 2.04 -2.69 -0.31
N TYR A 28 1.38 -3.01 0.82
CA TYR A 28 1.65 -4.21 1.58
C TYR A 28 0.87 -5.40 0.97
N ASN A 29 1.62 -6.44 0.79
CA ASN A 29 0.97 -7.67 0.33
C ASN A 29 0.17 -8.25 1.46
N SER A 30 -0.96 -8.80 1.06
CA SER A 30 -2.04 -9.25 1.95
C SER A 30 -1.65 -10.67 2.39
N ALA A 31 -1.59 -11.55 1.37
CA ALA A 31 -1.09 -12.92 1.55
C ALA A 31 0.34 -12.92 2.12
N LYS A 32 1.18 -12.27 1.32
CA LYS A 32 2.66 -12.42 1.37
C LYS A 32 3.36 -11.63 2.43
N LYS A 33 2.59 -10.68 2.95
CA LYS A 33 2.99 -9.86 4.08
C LYS A 33 4.31 -9.13 3.82
N GLN A 34 4.39 -8.57 2.65
CA GLN A 34 5.56 -7.85 2.14
C GLN A 34 5.12 -6.42 1.79
N CYS A 35 5.98 -5.67 1.15
CA CYS A 35 5.68 -4.29 0.75
C CYS A 35 6.22 -4.21 -0.61
N VAL A 36 5.42 -4.24 -1.60
CA VAL A 36 5.89 -4.41 -2.92
C VAL A 36 5.29 -3.30 -3.73
N THR A 37 5.79 -3.11 -4.90
CA THR A 37 5.32 -2.09 -5.77
C THR A 37 4.11 -2.49 -6.60
N PHE A 38 3.33 -1.49 -6.99
CA PHE A 38 2.18 -1.71 -7.78
C PHE A 38 2.07 -0.60 -8.75
N THR A 39 1.34 -0.87 -9.74
CA THR A 39 1.05 0.05 -10.76
C THR A 39 -0.04 0.99 -10.25
N TYR A 40 0.34 2.19 -9.99
CA TYR A 40 -0.64 3.11 -9.51
C TYR A 40 -0.98 4.06 -10.59
N ASN A 41 -2.18 3.94 -11.10
CA ASN A 41 -2.59 4.77 -12.19
C ASN A 41 -3.29 5.99 -11.65
N GLY A 42 -3.89 5.83 -10.48
CA GLY A 42 -4.28 6.99 -9.76
C GLY A 42 -5.74 7.35 -9.71
N LYS A 43 -6.70 6.48 -10.04
CA LYS A 43 -8.09 6.82 -10.04
C LYS A 43 -8.87 5.69 -9.36
N GLY A 44 -9.86 5.27 -10.12
CA GLY A 44 -10.70 4.10 -9.85
C GLY A 44 -10.31 3.16 -8.74
N GLY A 45 -11.16 3.16 -7.74
CA GLY A 45 -11.07 2.20 -6.70
C GLY A 45 -10.13 2.55 -5.59
N ASN A 46 -9.62 1.49 -4.99
CA ASN A 46 -8.69 1.70 -3.88
C ASN A 46 -7.35 2.32 -4.16
N GLY A 47 -7.01 3.05 -3.13
CA GLY A 47 -5.80 3.77 -3.11
C GLY A 47 -4.86 3.29 -2.08
N ASN A 48 -4.78 1.98 -1.93
CA ASN A 48 -3.78 1.43 -1.06
C ASN A 48 -2.45 1.63 -1.70
N ASN A 49 -1.79 2.65 -1.28
CA ASN A 49 -0.58 3.16 -1.79
C ASN A 49 0.24 3.66 -0.63
N PHE A 50 1.42 3.18 -0.48
CA PHE A 50 2.32 3.73 0.48
C PHE A 50 3.37 4.44 -0.33
N SER A 51 3.21 5.74 -0.37
CA SER A 51 3.90 6.56 -1.35
C SER A 51 5.30 6.89 -0.84
N ARG A 52 5.60 6.48 0.34
CA ARG A 52 6.90 6.64 0.90
C ARG A 52 7.30 5.31 1.43
N THR A 53 8.49 4.88 1.02
CA THR A 53 9.04 3.59 1.36
C THR A 53 9.14 3.40 2.89
N ASN A 54 9.51 4.46 3.62
CA ASN A 54 9.61 4.39 5.10
C ASN A 54 8.23 4.43 5.72
N ASP A 55 7.29 4.82 4.90
CA ASP A 55 5.93 4.90 5.38
C ASP A 55 5.24 3.60 5.34
N CYS A 56 5.56 2.71 4.38
CA CYS A 56 4.99 1.39 4.47
C CYS A 56 5.61 0.67 5.59
N ARG A 57 6.85 0.95 5.85
CA ARG A 57 7.56 0.35 7.01
C ARG A 57 6.75 0.56 8.28
N GLN A 58 6.31 1.80 8.47
CA GLN A 58 5.48 2.20 9.62
C GLN A 58 4.30 1.31 9.75
N THR A 59 3.54 1.39 8.76
CA THR A 59 2.46 0.60 8.48
C THR A 59 2.81 -0.88 8.71
N CYS A 60 3.47 -1.41 7.79
CA CYS A 60 3.64 -2.83 7.62
C CYS A 60 4.41 -3.07 6.37
N GLN A 61 5.58 -3.60 6.44
CA GLN A 61 6.05 -4.21 5.27
C GLN A 61 6.04 -5.67 5.53
N TYR A 62 6.86 -6.05 6.48
CA TYR A 62 6.98 -7.40 6.94
C TYR A 62 6.60 -7.47 8.42
N PRO A 63 5.48 -8.14 8.75
CA PRO A 63 5.08 -8.34 10.13
C PRO A 63 5.83 -9.53 10.75
N VAL A 64 7.11 -9.34 10.85
CA VAL A 64 7.99 -10.34 11.38
C VAL A 64 8.44 -9.93 12.75
N GLY A 65 9.04 -10.83 13.46
CA GLY A 65 9.42 -10.59 14.80
C GLY A 65 10.57 -11.48 15.08
N ALA A 1 4.50 7.94 15.93
CA ALA A 1 3.90 6.62 15.95
C ALA A 1 2.84 6.57 17.04
N ARG A 2 2.24 5.40 17.21
CA ARG A 2 1.19 5.14 18.19
C ARG A 2 0.79 3.69 17.97
N PRO A 3 0.23 2.98 18.99
CA PRO A 3 -0.30 1.62 18.83
C PRO A 3 -1.12 1.44 17.53
N LYS A 4 -0.87 0.34 16.89
CA LYS A 4 -1.49 0.09 15.60
C LYS A 4 -2.20 -1.23 15.63
N ASP A 5 -3.35 -1.26 15.02
CA ASP A 5 -4.07 -2.50 14.75
C ASP A 5 -3.52 -2.99 13.46
N ARG A 6 -4.27 -3.81 12.77
CA ARG A 6 -4.03 -3.97 11.36
C ARG A 6 -4.47 -2.64 10.73
N PRO A 7 -3.53 -1.83 10.22
CA PRO A 7 -3.78 -0.50 9.65
C PRO A 7 -4.47 -0.43 8.37
N SER A 8 -5.68 -1.01 8.41
CA SER A 8 -6.78 -0.90 7.46
C SER A 8 -6.39 -0.79 6.04
N TYR A 9 -5.77 0.32 5.69
CA TYR A 9 -5.37 0.64 4.39
C TYR A 9 -4.31 -0.33 3.95
N CYS A 10 -3.44 -0.71 4.93
CA CYS A 10 -2.41 -1.70 4.70
C CYS A 10 -2.99 -2.90 4.00
N ASN A 11 -4.14 -3.30 4.44
CA ASN A 11 -4.68 -4.59 3.99
C ASN A 11 -5.63 -4.46 2.80
N LEU A 12 -5.80 -3.28 2.30
CA LEU A 12 -6.76 -3.01 1.24
C LEU A 12 -6.16 -3.19 -0.17
N PRO A 13 -6.92 -3.77 -1.10
CA PRO A 13 -6.49 -3.93 -2.49
C PRO A 13 -6.42 -2.57 -3.21
N ALA A 14 -5.46 -2.47 -4.12
CA ALA A 14 -5.25 -1.26 -4.88
C ALA A 14 -6.39 -1.02 -5.84
N ASP A 15 -6.72 0.23 -6.13
CA ASP A 15 -7.66 0.57 -7.18
C ASP A 15 -7.07 1.60 -8.08
N SER A 16 -6.89 1.22 -9.31
CA SER A 16 -6.17 2.02 -10.25
C SER A 16 -6.99 3.16 -10.91
N GLY A 17 -8.27 2.95 -11.15
CA GLY A 17 -9.05 3.94 -11.89
C GLY A 17 -8.82 3.86 -13.40
N SER A 18 -9.38 4.88 -14.03
CA SER A 18 -9.45 4.86 -15.53
C SER A 18 -8.22 5.57 -16.11
N GLY A 19 -7.44 5.92 -15.17
CA GLY A 19 -6.14 6.32 -15.51
C GLY A 19 -5.99 7.75 -15.85
N THR A 20 -4.97 8.28 -15.33
CA THR A 20 -4.50 9.58 -15.52
C THR A 20 -2.99 9.58 -15.26
N LYS A 21 -2.61 9.15 -14.13
CA LYS A 21 -1.22 8.97 -13.85
C LYS A 21 -0.85 7.51 -14.13
N PRO A 22 0.18 7.26 -14.90
CA PRO A 22 0.66 5.92 -15.14
C PRO A 22 1.94 5.67 -14.35
N GLU A 23 1.84 5.27 -13.10
CA GLU A 23 3.00 5.21 -12.26
C GLU A 23 3.08 3.87 -11.53
N GLN A 24 4.25 3.58 -11.01
CA GLN A 24 4.42 2.54 -10.05
C GLN A 24 4.17 3.14 -8.76
N ARG A 25 3.41 2.51 -7.99
CA ARG A 25 3.25 2.89 -6.62
C ARG A 25 3.36 1.68 -5.84
N ILE A 26 3.19 1.75 -4.56
CA ILE A 26 3.56 0.62 -3.77
C ILE A 26 2.53 0.46 -2.61
N TYR A 27 1.99 -0.71 -2.41
CA TYR A 27 0.86 -0.90 -1.46
C TYR A 27 1.15 -2.18 -0.68
N TYR A 28 0.54 -2.32 0.52
CA TYR A 28 0.76 -3.48 1.34
C TYR A 28 -0.17 -4.57 0.84
N ASN A 29 0.38 -5.67 0.66
CA ASN A 29 -0.43 -6.80 0.23
C ASN A 29 -1.21 -7.32 1.39
N SER A 30 -2.39 -7.74 1.03
CA SER A 30 -3.50 -8.11 1.90
C SER A 30 -3.21 -9.57 2.30
N ALA A 31 -3.21 -10.41 1.24
CA ALA A 31 -2.80 -11.82 1.34
C ALA A 31 -1.35 -11.94 1.83
N LYS A 32 -0.47 -11.36 1.01
CA LYS A 32 0.98 -11.68 0.96
C LYS A 32 1.83 -10.96 1.97
N LYS A 33 1.20 -9.92 2.49
CA LYS A 33 1.74 -9.09 3.57
C LYS A 33 3.14 -8.55 3.26
N GLN A 34 3.23 -8.05 2.05
CA GLN A 34 4.43 -7.47 1.46
C GLN A 34 4.04 -6.11 0.95
N CYS A 35 4.92 -5.49 0.20
CA CYS A 35 4.56 -4.17 -0.29
C CYS A 35 4.97 -4.24 -1.69
N VAL A 36 4.07 -4.42 -2.59
CA VAL A 36 4.38 -4.58 -3.94
C VAL A 36 3.84 -3.40 -4.65
N THR A 37 4.28 -3.23 -5.83
CA THR A 37 3.87 -2.15 -6.62
C THR A 37 2.56 -2.42 -7.36
N PHE A 38 1.91 -1.34 -7.67
CA PHE A 38 0.68 -1.39 -8.35
C PHE A 38 0.64 -0.31 -9.31
N THR A 39 -0.18 -0.49 -10.24
CA THR A 39 -0.43 0.44 -11.26
C THR A 39 -1.34 1.51 -10.68
N TYR A 40 -0.76 2.61 -10.35
CA TYR A 40 -1.55 3.66 -9.77
C TYR A 40 -1.95 4.59 -10.82
N ASN A 41 -3.18 4.53 -11.22
CA ASN A 41 -3.62 5.36 -12.27
C ASN A 41 -4.14 6.63 -11.75
N GLY A 42 -4.42 6.64 -10.47
CA GLY A 42 -4.64 7.87 -9.84
C GLY A 42 -6.03 8.37 -9.76
N LYS A 43 -7.06 7.59 -10.01
CA LYS A 43 -8.42 8.05 -9.95
C LYS A 43 -9.23 7.02 -9.14
N GLY A 44 -10.29 6.63 -9.82
CA GLY A 44 -11.19 5.56 -9.43
C GLY A 44 -10.80 4.63 -8.29
N GLY A 45 -11.58 4.77 -7.24
CA GLY A 45 -11.52 3.86 -6.14
C GLY A 45 -10.46 4.15 -5.11
N ASN A 46 -10.00 3.05 -4.51
CA ASN A 46 -8.99 3.15 -3.44
C ASN A 46 -7.64 3.71 -3.81
N GLY A 47 -7.20 4.41 -2.80
CA GLY A 47 -5.94 5.07 -2.83
C GLY A 47 -4.98 4.45 -1.89
N ASN A 48 -5.02 3.13 -1.79
CA ASN A 48 -3.99 2.44 -1.04
C ASN A 48 -2.73 2.51 -1.85
N ASN A 49 -2.00 3.53 -1.57
CA ASN A 49 -0.85 3.96 -2.27
C ASN A 49 0.18 4.45 -1.31
N PHE A 50 1.30 3.80 -1.26
CA PHE A 50 2.41 4.34 -0.55
C PHE A 50 3.46 4.59 -1.62
N SER A 51 4.05 5.76 -1.62
CA SER A 51 4.93 6.19 -2.69
C SER A 51 6.34 6.20 -2.23
N ARG A 52 6.54 5.76 -1.05
CA ARG A 52 7.81 5.61 -0.48
C ARG A 52 7.76 4.31 0.22
N THR A 53 8.77 3.51 -0.02
CA THR A 53 8.90 2.20 0.53
C THR A 53 8.96 2.34 2.05
N ASN A 54 9.56 3.44 2.48
CA ASN A 54 9.66 3.80 3.88
C ASN A 54 8.28 3.99 4.46
N ASP A 55 7.36 4.55 3.66
CA ASP A 55 6.01 4.84 4.11
C ASP A 55 5.19 3.61 4.26
N CYS A 56 5.31 2.67 3.34
CA CYS A 56 4.58 1.44 3.54
C CYS A 56 5.13 0.67 4.68
N ARG A 57 6.39 0.77 4.90
CA ARG A 57 6.96 0.13 6.09
C ARG A 57 6.40 0.69 7.40
N GLN A 58 6.18 2.00 7.44
CA GLN A 58 5.53 2.71 8.57
C GLN A 58 4.26 2.02 8.98
N THR A 59 3.41 2.06 8.07
CA THR A 59 2.24 1.35 7.95
C THR A 59 2.49 -0.11 8.30
N CYS A 60 3.01 -0.76 7.41
CA CYS A 60 2.98 -2.16 7.41
C CYS A 60 3.87 -2.71 6.45
N GLN A 61 5.07 -2.87 6.77
CA GLN A 61 5.71 -3.82 6.01
C GLN A 61 6.04 -5.13 6.61
N TYR A 62 7.01 -5.15 7.46
CA TYR A 62 7.48 -6.38 8.02
C TYR A 62 7.00 -6.55 9.43
N PRO A 63 5.95 -7.34 9.62
CA PRO A 63 5.42 -7.63 10.91
C PRO A 63 5.98 -8.95 11.41
N VAL A 64 7.17 -8.87 11.95
CA VAL A 64 7.88 -10.05 12.38
C VAL A 64 7.89 -10.13 13.89
N GLY A 65 8.17 -11.28 14.38
CA GLY A 65 8.13 -11.53 15.78
C GLY A 65 8.81 -12.83 16.06
N ALA A 1 3.88 6.21 19.23
CA ALA A 1 3.17 6.10 20.51
C ALA A 1 1.80 5.48 20.31
N ARG A 2 1.01 6.08 19.41
CA ARG A 2 -0.30 5.56 19.05
C ARG A 2 -0.12 4.22 18.35
N PRO A 3 -0.72 3.15 18.90
CA PRO A 3 -0.57 1.77 18.41
C PRO A 3 -1.13 1.58 17.01
N LYS A 4 -0.77 0.47 16.43
CA LYS A 4 -1.22 0.17 15.12
C LYS A 4 -2.16 -1.02 15.14
N ASP A 5 -3.21 -0.84 14.38
CA ASP A 5 -4.23 -1.89 14.22
C ASP A 5 -3.70 -2.63 13.04
N ARG A 6 -4.47 -3.49 12.43
CA ARG A 6 -4.14 -3.84 11.06
C ARG A 6 -4.47 -2.55 10.33
N PRO A 7 -3.47 -1.83 9.82
CA PRO A 7 -3.64 -0.51 9.24
C PRO A 7 -4.23 -0.47 7.92
N SER A 8 -5.45 -1.08 7.84
CA SER A 8 -6.40 -1.04 6.73
C SER A 8 -5.71 -0.99 5.42
N TYR A 9 -5.27 0.21 5.06
CA TYR A 9 -4.41 0.46 3.97
C TYR A 9 -3.35 -0.56 3.75
N CYS A 10 -2.62 -1.03 4.77
CA CYS A 10 -1.67 -2.08 4.61
C CYS A 10 -2.33 -3.27 3.93
N ASN A 11 -3.46 -3.71 4.41
CA ASN A 11 -3.98 -5.03 3.98
C ASN A 11 -4.87 -4.95 2.77
N LEU A 12 -5.04 -3.80 2.23
CA LEU A 12 -6.01 -3.58 1.16
C LEU A 12 -5.41 -3.85 -0.21
N PRO A 13 -6.28 -4.19 -1.18
CA PRO A 13 -5.91 -4.34 -2.57
C PRO A 13 -5.96 -2.99 -3.31
N ALA A 14 -5.02 -2.80 -4.19
CA ALA A 14 -4.87 -1.55 -4.94
C ALA A 14 -6.03 -1.35 -5.94
N ASP A 15 -6.33 -0.10 -6.26
CA ASP A 15 -7.28 0.26 -7.29
C ASP A 15 -6.68 1.30 -8.21
N SER A 16 -6.48 0.93 -9.45
CA SER A 16 -5.73 1.75 -10.35
C SER A 16 -6.54 2.89 -11.02
N GLY A 17 -7.83 2.68 -11.27
CA GLY A 17 -8.63 3.65 -12.02
C GLY A 17 -8.37 3.54 -13.54
N SER A 18 -8.94 4.52 -14.23
CA SER A 18 -8.98 4.44 -15.72
C SER A 18 -7.78 5.18 -16.32
N GLY A 19 -7.01 5.61 -15.39
CA GLY A 19 -5.74 6.10 -15.74
C GLY A 19 -5.69 7.54 -16.06
N THR A 20 -4.68 8.13 -15.59
CA THR A 20 -4.28 9.45 -15.86
C THR A 20 -2.77 9.56 -15.67
N LYS A 21 -2.30 9.29 -14.51
CA LYS A 21 -0.87 9.19 -14.37
C LYS A 21 -0.50 7.78 -13.98
N PRO A 22 -0.08 6.96 -14.97
CA PRO A 22 0.31 5.58 -14.75
C PRO A 22 1.72 5.53 -14.20
N GLU A 23 1.83 5.18 -12.95
CA GLU A 23 3.09 5.17 -12.27
C GLU A 23 3.20 3.90 -11.46
N GLN A 24 4.36 3.65 -10.91
CA GLN A 24 4.55 2.54 -10.02
C GLN A 24 4.26 3.01 -8.68
N ARG A 25 3.57 2.27 -7.94
CA ARG A 25 3.42 2.57 -6.55
C ARG A 25 3.61 1.30 -5.83
N ILE A 26 3.44 1.29 -4.53
CA ILE A 26 3.80 0.16 -3.73
C ILE A 26 2.74 -0.05 -2.62
N TYR A 27 2.30 -1.26 -2.38
CA TYR A 27 1.16 -1.50 -1.49
C TYR A 27 1.47 -2.79 -0.72
N TYR A 28 0.88 -2.96 0.44
CA TYR A 28 1.16 -4.10 1.30
C TYR A 28 0.28 -5.29 0.87
N ASN A 29 0.93 -6.37 0.77
CA ASN A 29 0.23 -7.60 0.45
C ASN A 29 -0.52 -8.06 1.66
N SER A 30 -1.69 -8.59 1.36
CA SER A 30 -2.76 -8.92 2.29
C SER A 30 -2.42 -10.32 2.84
N ALA A 31 -2.46 -11.28 1.91
CA ALA A 31 -2.04 -12.67 2.18
C ALA A 31 -0.60 -12.68 2.69
N LYS A 32 0.24 -12.15 1.82
CA LYS A 32 1.69 -12.41 1.81
C LYS A 32 2.50 -11.56 2.77
N LYS A 33 1.81 -10.52 3.21
CA LYS A 33 2.33 -9.57 4.19
C LYS A 33 3.67 -8.99 3.75
N GLN A 34 3.71 -8.58 2.51
CA GLN A 34 4.87 -7.99 1.85
C GLN A 34 4.48 -6.61 1.39
N CYS A 35 5.33 -5.96 0.63
CA CYS A 35 4.95 -4.64 0.13
C CYS A 35 5.39 -4.64 -1.29
N VAL A 36 4.50 -4.82 -2.20
CA VAL A 36 4.89 -4.96 -3.58
C VAL A 36 4.34 -3.78 -4.38
N THR A 37 4.79 -3.63 -5.59
CA THR A 37 4.34 -2.57 -6.44
C THR A 37 3.05 -2.85 -7.20
N PHE A 38 2.37 -1.77 -7.59
CA PHE A 38 1.15 -1.86 -8.31
C PHE A 38 1.09 -0.73 -9.27
N THR A 39 0.27 -0.94 -10.21
CA THR A 39 -0.02 0.01 -11.24
C THR A 39 -0.99 1.06 -10.67
N TYR A 40 -0.51 2.25 -10.54
CA TYR A 40 -1.36 3.29 -10.02
C TYR A 40 -1.65 4.26 -11.09
N ASN A 41 -2.86 4.24 -11.57
CA ASN A 41 -3.25 5.10 -12.62
C ASN A 41 -3.75 6.41 -12.09
N GLY A 42 -4.25 6.40 -10.86
CA GLY A 42 -4.45 7.65 -10.20
C GLY A 42 -5.85 8.17 -10.07
N LYS A 43 -6.90 7.39 -10.28
CA LYS A 43 -8.24 7.90 -10.23
C LYS A 43 -9.14 6.99 -9.37
N GLY A 44 -10.23 6.64 -10.05
CA GLY A 44 -11.22 5.69 -9.57
C GLY A 44 -10.86 4.68 -8.49
N GLY A 45 -11.66 4.73 -7.43
CA GLY A 45 -11.57 3.72 -6.40
C GLY A 45 -10.55 4.00 -5.29
N ASN A 46 -10.19 2.92 -4.61
CA ASN A 46 -9.27 3.06 -3.45
C ASN A 46 -7.85 3.47 -3.69
N GLY A 47 -7.41 4.26 -2.71
CA GLY A 47 -6.11 4.84 -2.69
C GLY A 47 -5.13 4.05 -1.90
N ASN A 48 -5.23 2.77 -2.03
CA ASN A 48 -4.25 1.83 -1.50
C ASN A 48 -3.00 2.01 -2.31
N ASN A 49 -2.16 2.94 -1.89
CA ASN A 49 -0.96 3.40 -2.50
C ASN A 49 0.05 3.87 -1.45
N PHE A 50 1.24 3.30 -1.45
CA PHE A 50 2.34 3.86 -0.71
C PHE A 50 3.41 4.09 -1.78
N SER A 51 3.98 5.23 -1.85
CA SER A 51 4.88 5.58 -2.94
C SER A 51 6.31 5.66 -2.49
N ARG A 52 6.57 5.37 -1.27
CA ARG A 52 7.90 5.35 -0.79
C ARG A 52 8.15 4.11 0.00
N THR A 53 9.22 3.39 -0.28
CA THR A 53 9.51 2.12 0.39
C THR A 53 9.37 2.25 1.91
N ASN A 54 9.98 3.30 2.45
CA ASN A 54 9.97 3.53 3.86
C ASN A 54 8.62 3.96 4.37
N ASP A 55 7.72 4.45 3.51
CA ASP A 55 6.39 4.82 3.92
C ASP A 55 5.57 3.61 4.11
N CYS A 56 5.76 2.59 3.25
CA CYS A 56 5.10 1.40 3.54
C CYS A 56 5.68 0.73 4.68
N ARG A 57 6.94 0.91 4.90
CA ARG A 57 7.56 0.37 6.13
C ARG A 57 6.88 0.87 7.39
N GLN A 58 6.54 2.16 7.41
CA GLN A 58 5.80 2.77 8.54
C GLN A 58 4.62 1.95 8.87
N THR A 59 3.78 1.95 7.93
CA THR A 59 2.68 1.17 7.78
C THR A 59 3.01 -0.29 8.09
N CYS A 60 3.59 -0.89 7.17
CA CYS A 60 3.67 -2.33 7.07
C CYS A 60 4.37 -2.70 5.80
N GLN A 61 5.55 -3.21 5.86
CA GLN A 61 5.93 -3.99 4.76
C GLN A 61 6.00 -5.40 5.24
N TYR A 62 6.93 -5.56 6.16
CA TYR A 62 7.29 -6.82 6.74
C TYR A 62 6.67 -6.95 8.12
N PRO A 63 5.98 -8.03 8.38
CA PRO A 63 5.48 -8.33 9.70
C PRO A 63 6.56 -9.02 10.53
N VAL A 64 7.33 -8.27 11.26
CA VAL A 64 8.42 -8.85 11.99
C VAL A 64 8.14 -8.86 13.48
N GLY A 65 8.47 -9.96 14.10
CA GLY A 65 8.29 -10.15 15.49
C GLY A 65 8.83 -11.49 15.82
N ALA A 1 -0.75 11.03 19.42
CA ALA A 1 -1.24 10.00 18.54
C ALA A 1 -0.50 8.72 18.83
N ARG A 2 -1.12 7.63 18.53
CA ARG A 2 -0.52 6.35 18.73
C ARG A 2 -0.26 5.86 17.31
N PRO A 3 0.98 5.46 16.99
CA PRO A 3 1.39 5.13 15.61
C PRO A 3 0.42 4.24 14.80
N LYS A 4 0.44 2.96 15.03
CA LYS A 4 -0.42 2.08 14.26
C LYS A 4 -1.29 1.15 15.08
N ASP A 5 -2.50 0.90 14.61
CA ASP A 5 -3.19 -0.27 15.13
C ASP A 5 -2.86 -1.39 14.21
N ARG A 6 -3.37 -2.59 14.45
CA ARG A 6 -3.11 -3.68 13.55
C ARG A 6 -3.53 -3.30 12.10
N PRO A 7 -2.61 -3.59 11.16
CA PRO A 7 -2.61 -3.22 9.75
C PRO A 7 -3.77 -2.40 9.18
N SER A 8 -4.91 -3.02 8.87
CA SER A 8 -6.03 -2.34 8.20
C SER A 8 -5.58 -1.79 6.80
N TYR A 9 -5.12 -0.50 6.70
CA TYR A 9 -4.46 0.07 5.46
C TYR A 9 -3.47 -0.85 4.83
N CYS A 10 -2.73 -1.43 5.69
CA CYS A 10 -1.70 -2.31 5.26
C CYS A 10 -2.30 -3.48 4.42
N ASN A 11 -3.50 -3.89 4.72
CA ASN A 11 -4.08 -5.07 4.07
C ASN A 11 -4.92 -4.69 2.88
N LEU A 12 -4.99 -3.41 2.58
CA LEU A 12 -5.89 -2.93 1.57
C LEU A 12 -5.35 -3.12 0.16
N PRO A 13 -6.19 -3.67 -0.71
CA PRO A 13 -5.85 -3.94 -2.09
C PRO A 13 -5.81 -2.65 -2.92
N ALA A 14 -4.93 -2.65 -3.89
CA ALA A 14 -4.69 -1.51 -4.74
C ALA A 14 -5.87 -1.25 -5.66
N ASP A 15 -6.17 0.00 -5.90
CA ASP A 15 -7.15 0.40 -6.89
C ASP A 15 -6.49 1.39 -7.81
N SER A 16 -6.39 1.05 -9.04
CA SER A 16 -5.60 1.83 -9.95
C SER A 16 -6.38 2.96 -10.64
N GLY A 17 -7.69 2.81 -10.76
CA GLY A 17 -8.43 3.78 -11.56
C GLY A 17 -8.26 3.47 -13.00
N SER A 18 -8.94 4.32 -13.76
CA SER A 18 -8.96 3.85 -15.19
C SER A 18 -7.71 4.49 -15.90
N GLY A 19 -6.94 5.09 -15.04
CA GLY A 19 -5.66 5.55 -15.50
C GLY A 19 -5.61 6.99 -15.84
N THR A 20 -4.55 7.60 -15.40
CA THR A 20 -4.16 8.92 -15.71
C THR A 20 -2.64 9.05 -15.59
N LYS A 21 -2.12 8.73 -14.44
CA LYS A 21 -0.68 8.70 -14.26
C LYS A 21 -0.24 7.26 -14.02
N PRO A 22 0.66 6.74 -14.83
CA PRO A 22 1.21 5.40 -14.64
C PRO A 22 2.47 5.45 -13.77
N GLU A 23 2.38 5.01 -12.53
CA GLU A 23 3.49 5.10 -11.60
C GLU A 23 3.70 3.75 -10.96
N GLN A 24 4.90 3.50 -10.47
CA GLN A 24 5.06 2.38 -9.58
C GLN A 24 4.76 2.91 -8.24
N ARG A 25 3.98 2.22 -7.50
CA ARG A 25 3.71 2.57 -6.14
C ARG A 25 3.80 1.35 -5.37
N ILE A 26 3.67 1.39 -4.07
CA ILE A 26 3.99 0.21 -3.31
C ILE A 26 2.97 -0.01 -2.15
N TYR A 27 2.46 -1.22 -2.00
CA TYR A 27 1.38 -1.48 -1.01
C TYR A 27 1.73 -2.83 -0.33
N TYR A 28 1.15 -3.09 0.86
CA TYR A 28 1.37 -4.33 1.62
C TYR A 28 0.46 -5.40 1.07
N ASN A 29 1.03 -6.52 0.83
CA ASN A 29 0.23 -7.66 0.42
C ASN A 29 -0.52 -8.09 1.61
N SER A 30 -1.73 -8.51 1.34
CA SER A 30 -2.78 -8.77 2.30
C SER A 30 -2.52 -10.22 2.76
N ALA A 31 -2.66 -11.09 1.75
CA ALA A 31 -2.34 -12.52 1.91
C ALA A 31 -0.88 -12.71 2.41
N LYS A 32 0.00 -12.17 1.57
CA LYS A 32 1.43 -12.57 1.45
C LYS A 32 2.40 -11.85 2.36
N LYS A 33 1.87 -10.77 2.91
CA LYS A 33 2.53 -10.00 3.97
C LYS A 33 3.90 -9.45 3.55
N GLN A 34 3.92 -8.89 2.38
CA GLN A 34 5.10 -8.32 1.76
C GLN A 34 4.76 -6.89 1.35
N CYS A 35 5.67 -6.26 0.62
CA CYS A 35 5.49 -4.86 0.22
C CYS A 35 5.83 -4.89 -1.20
N VAL A 36 4.86 -4.96 -2.08
CA VAL A 36 5.08 -5.06 -3.46
C VAL A 36 4.52 -3.82 -4.13
N THR A 37 4.91 -3.60 -5.34
CA THR A 37 4.44 -2.49 -6.08
C THR A 37 3.10 -2.76 -6.75
N PHE A 38 2.42 -1.68 -7.09
CA PHE A 38 1.18 -1.77 -7.78
C PHE A 38 1.14 -0.72 -8.81
N THR A 39 0.26 -0.93 -9.71
CA THR A 39 -0.02 -0.02 -10.77
C THR A 39 -0.90 1.08 -10.19
N TYR A 40 -0.34 2.22 -9.98
CA TYR A 40 -1.13 3.29 -9.47
C TYR A 40 -1.47 4.20 -10.58
N ASN A 41 -2.70 4.22 -10.98
CA ASN A 41 -3.06 5.02 -12.11
C ASN A 41 -3.61 6.32 -11.74
N GLY A 42 -4.05 6.44 -10.52
CA GLY A 42 -4.28 7.72 -10.01
C GLY A 42 -5.66 8.27 -10.05
N LYS A 43 -6.73 7.52 -10.27
CA LYS A 43 -8.06 8.08 -10.27
C LYS A 43 -8.95 7.24 -9.35
N GLY A 44 -10.10 6.94 -9.95
CA GLY A 44 -11.07 5.99 -9.47
C GLY A 44 -10.72 5.09 -8.31
N GLY A 45 -11.43 5.30 -7.23
CA GLY A 45 -11.36 4.40 -6.13
C GLY A 45 -10.25 4.66 -5.15
N ASN A 46 -9.81 3.55 -4.60
CA ASN A 46 -8.76 3.62 -3.61
C ASN A 46 -7.39 4.07 -4.04
N GLY A 47 -6.83 4.73 -3.08
CA GLY A 47 -5.51 5.22 -3.19
C GLY A 47 -4.67 4.69 -2.09
N ASN A 48 -4.87 3.44 -1.79
CA ASN A 48 -4.04 2.77 -0.83
C ASN A 48 -2.70 2.53 -1.45
N ASN A 49 -1.79 3.35 -1.04
CA ASN A 49 -0.49 3.46 -1.60
C ASN A 49 0.45 3.84 -0.51
N PHE A 50 1.57 3.21 -0.44
CA PHE A 50 2.59 3.63 0.46
C PHE A 50 3.68 4.22 -0.40
N SER A 51 3.69 5.53 -0.37
CA SER A 51 4.39 6.29 -1.37
C SER A 51 5.86 6.45 -1.03
N ARG A 52 6.24 6.05 0.15
CA ARG A 52 7.63 6.06 0.53
C ARG A 52 7.95 4.61 0.88
N THR A 53 9.09 4.17 0.39
CA THR A 53 9.53 2.79 0.47
C THR A 53 9.71 2.30 1.93
N ASN A 54 10.22 3.15 2.81
CA ASN A 54 10.34 2.81 4.24
C ASN A 54 9.02 3.01 4.93
N ASP A 55 8.16 3.70 4.23
CA ASP A 55 6.89 4.01 4.84
C ASP A 55 5.93 2.89 4.77
N CYS A 56 6.04 2.03 3.76
CA CYS A 56 5.24 0.84 3.77
C CYS A 56 5.73 0.01 4.91
N ARG A 57 7.02 0.00 5.10
CA ARG A 57 7.64 -0.77 6.16
C ARG A 57 7.13 -0.30 7.52
N GLN A 58 7.00 1.02 7.68
CA GLN A 58 6.45 1.65 8.91
C GLN A 58 5.18 1.05 9.29
N THR A 59 4.33 1.17 8.38
CA THR A 59 3.14 0.57 8.29
C THR A 59 3.23 -0.92 8.68
N CYS A 60 3.63 -1.74 7.81
CA CYS A 60 3.31 -3.15 8.07
C CYS A 60 4.00 -4.21 7.33
N GLN A 61 5.12 -4.02 6.83
CA GLN A 61 5.55 -4.97 5.84
C GLN A 61 6.05 -6.27 6.44
N TYR A 62 7.10 -6.16 7.15
CA TYR A 62 7.83 -7.31 7.56
C TYR A 62 7.34 -8.03 8.82
N PRO A 63 6.92 -9.30 8.65
CA PRO A 63 6.59 -10.20 9.75
C PRO A 63 7.84 -11.04 10.06
N VAL A 64 8.95 -10.51 9.65
CA VAL A 64 10.26 -11.10 9.73
C VAL A 64 11.22 -10.03 10.20
N GLY A 65 12.14 -10.39 11.02
CA GLY A 65 13.06 -9.44 11.55
C GLY A 65 14.36 -9.61 10.84
N ALA A 1 2.02 -2.28 24.22
CA ALA A 1 2.01 -0.93 23.69
C ALA A 1 2.19 -0.97 22.19
N ARG A 2 1.57 0.00 21.53
CA ARG A 2 1.51 0.20 20.07
C ARG A 2 0.65 1.39 19.77
N PRO A 3 1.14 2.32 18.93
CA PRO A 3 0.34 3.46 18.48
C PRO A 3 -0.52 3.04 17.30
N LYS A 4 -0.37 1.79 16.93
CA LYS A 4 -1.07 1.26 15.82
C LYS A 4 -1.86 -0.03 16.15
N ASP A 5 -2.99 -0.08 15.46
CA ASP A 5 -3.87 -1.24 15.44
C ASP A 5 -3.27 -1.98 14.27
N ARG A 6 -3.80 -3.04 13.75
CA ARG A 6 -3.36 -3.45 12.45
C ARG A 6 -4.22 -2.63 11.51
N PRO A 7 -3.62 -1.67 10.84
CA PRO A 7 -4.32 -0.69 10.07
C PRO A 7 -4.68 -1.01 8.72
N SER A 8 -5.74 -1.84 8.61
CA SER A 8 -6.63 -1.94 7.43
C SER A 8 -5.95 -1.64 6.13
N TYR A 9 -5.67 -0.33 5.94
CA TYR A 9 -4.90 0.20 4.83
C TYR A 9 -3.75 -0.67 4.49
N CYS A 10 -2.95 -1.10 5.47
CA CYS A 10 -1.83 -1.96 5.24
C CYS A 10 -2.31 -3.17 4.43
N ASN A 11 -3.39 -3.76 4.82
CA ASN A 11 -3.79 -5.08 4.26
C ASN A 11 -4.64 -4.90 2.99
N LEU A 12 -4.85 -3.67 2.58
CA LEU A 12 -5.77 -3.37 1.47
C LEU A 12 -5.13 -3.56 0.07
N PRO A 13 -5.96 -3.93 -0.92
CA PRO A 13 -5.56 -4.14 -2.31
C PRO A 13 -5.05 -2.88 -3.08
N ALA A 14 -4.16 -3.21 -4.03
CA ALA A 14 -3.66 -2.17 -4.88
C ALA A 14 -4.85 -1.87 -5.89
N ASP A 15 -5.25 -0.60 -6.10
CA ASP A 15 -6.27 -0.29 -7.13
C ASP A 15 -5.82 0.88 -8.00
N SER A 16 -5.63 0.60 -9.27
CA SER A 16 -5.02 1.56 -10.14
C SER A 16 -5.98 2.66 -10.72
N GLY A 17 -7.23 2.32 -10.98
CA GLY A 17 -8.12 3.27 -11.66
C GLY A 17 -7.86 3.27 -13.17
N SER A 18 -8.53 4.23 -13.84
CA SER A 18 -8.51 4.19 -15.34
C SER A 18 -7.37 5.06 -15.87
N GLY A 19 -6.66 5.52 -14.92
CA GLY A 19 -5.44 6.15 -15.23
C GLY A 19 -5.52 7.61 -15.50
N THR A 20 -4.57 8.25 -14.98
CA THR A 20 -4.26 9.61 -15.16
C THR A 20 -2.76 9.79 -14.93
N LYS A 21 -2.29 9.44 -13.78
CA LYS A 21 -0.86 9.46 -13.58
C LYS A 21 -0.40 8.06 -13.22
N PRO A 22 0.13 7.31 -14.18
CA PRO A 22 0.66 5.96 -13.92
C PRO A 22 2.02 6.07 -13.28
N GLU A 23 2.10 5.64 -12.05
CA GLU A 23 3.27 5.75 -11.24
C GLU A 23 3.30 4.49 -10.43
N GLN A 24 4.36 3.65 -10.53
CA GLN A 24 4.53 2.56 -9.59
C GLN A 24 4.33 3.08 -8.21
N ARG A 25 3.65 2.35 -7.40
CA ARG A 25 3.44 2.68 -6.02
C ARG A 25 3.58 1.47 -5.25
N ILE A 26 3.37 1.53 -3.97
CA ILE A 26 3.71 0.41 -3.17
C ILE A 26 2.66 0.18 -2.05
N TYR A 27 2.30 -1.04 -1.81
CA TYR A 27 1.18 -1.38 -0.90
C TYR A 27 1.67 -2.59 -0.08
N TYR A 28 1.08 -2.79 1.11
CA TYR A 28 1.38 -3.94 1.95
C TYR A 28 0.65 -5.14 1.45
N ASN A 29 1.39 -6.14 1.27
CA ASN A 29 0.78 -7.37 0.87
C ASN A 29 0.06 -7.93 2.05
N SER A 30 -1.09 -8.47 1.70
CA SER A 30 -2.13 -8.90 2.62
C SER A 30 -1.67 -10.32 3.06
N ALA A 31 -1.60 -11.18 2.03
CA ALA A 31 -1.05 -12.55 2.16
C ALA A 31 0.42 -12.51 2.66
N LYS A 32 1.21 -11.85 1.83
CA LYS A 32 2.69 -12.01 1.78
C LYS A 32 3.49 -11.24 2.83
N LYS A 33 2.73 -10.34 3.42
CA LYS A 33 3.20 -9.53 4.55
C LYS A 33 4.52 -8.81 4.20
N GLN A 34 4.51 -8.28 3.01
CA GLN A 34 5.62 -7.59 2.39
C GLN A 34 5.12 -6.23 1.93
N CYS A 35 5.95 -5.54 1.16
CA CYS A 35 5.75 -4.17 0.68
C CYS A 35 6.13 -4.31 -0.74
N VAL A 36 5.24 -4.35 -1.67
CA VAL A 36 5.54 -4.56 -3.03
C VAL A 36 4.85 -3.47 -3.80
N THR A 37 5.27 -3.28 -4.99
CA THR A 37 4.72 -2.28 -5.82
C THR A 37 3.47 -2.69 -6.59
N PHE A 38 2.71 -1.68 -6.95
CA PHE A 38 1.56 -1.81 -7.73
C PHE A 38 1.53 -0.68 -8.68
N THR A 39 0.74 -0.83 -9.64
CA THR A 39 0.49 0.16 -10.64
C THR A 39 -0.56 1.12 -10.10
N TYR A 40 -0.20 2.36 -9.94
CA TYR A 40 -1.17 3.30 -9.46
C TYR A 40 -1.45 4.32 -10.52
N ASN A 41 -2.65 4.29 -11.01
CA ASN A 41 -3.02 5.13 -12.11
C ASN A 41 -3.64 6.41 -11.65
N GLY A 42 -4.20 6.41 -10.46
CA GLY A 42 -4.52 7.67 -9.84
C GLY A 42 -5.95 8.11 -9.80
N LYS A 43 -6.95 7.26 -10.05
CA LYS A 43 -8.33 7.71 -10.06
C LYS A 43 -9.25 6.74 -9.26
N GLY A 44 -10.33 6.44 -9.98
CA GLY A 44 -11.33 5.45 -9.58
C GLY A 44 -10.91 4.29 -8.72
N GLY A 45 -11.69 4.10 -7.69
CA GLY A 45 -11.51 2.99 -6.83
C GLY A 45 -10.54 3.23 -5.73
N ASN A 46 -10.14 2.12 -5.20
CA ASN A 46 -9.22 2.19 -4.08
C ASN A 46 -7.87 2.72 -4.33
N GLY A 47 -7.44 3.38 -3.31
CA GLY A 47 -6.19 4.03 -3.36
C GLY A 47 -5.31 3.66 -2.23
N ASN A 48 -5.25 2.38 -1.90
CA ASN A 48 -4.25 1.94 -0.95
C ASN A 48 -2.93 2.08 -1.63
N ASN A 49 -2.21 3.07 -1.24
CA ASN A 49 -1.00 3.50 -1.84
C ASN A 49 -0.07 3.99 -0.81
N PHE A 50 1.14 3.50 -0.82
CA PHE A 50 2.19 4.08 -0.04
C PHE A 50 3.24 4.38 -1.11
N SER A 51 3.67 5.59 -1.19
CA SER A 51 4.51 6.07 -2.29
C SER A 51 5.95 6.19 -1.84
N ARG A 52 6.24 5.79 -0.65
CA ARG A 52 7.59 5.78 -0.17
C ARG A 52 7.77 4.54 0.66
N THR A 53 8.89 3.87 0.40
CA THR A 53 9.22 2.60 1.01
C THR A 53 9.37 2.77 2.51
N ASN A 54 9.88 3.91 2.95
CA ASN A 54 10.00 4.13 4.36
C ASN A 54 8.67 4.47 4.98
N ASP A 55 7.68 4.82 4.17
CA ASP A 55 6.32 5.12 4.64
C ASP A 55 5.54 3.84 4.80
N CYS A 56 5.73 2.89 3.91
CA CYS A 56 5.00 1.64 3.99
C CYS A 56 5.47 0.88 5.21
N ARG A 57 6.75 0.97 5.48
CA ARG A 57 7.32 0.29 6.63
C ARG A 57 6.77 0.84 7.96
N GLN A 58 6.38 2.11 7.95
CA GLN A 58 5.71 2.77 9.11
C GLN A 58 4.48 2.05 9.43
N THR A 59 3.63 2.12 8.49
CA THR A 59 2.46 1.45 8.35
C THR A 59 2.59 0.02 8.82
N CYS A 60 3.14 -0.76 8.04
CA CYS A 60 3.08 -2.20 8.23
C CYS A 60 3.77 -2.84 7.17
N GLN A 61 5.00 -3.17 7.29
CA GLN A 61 5.48 -4.01 6.26
C GLN A 61 5.77 -5.40 6.66
N TYR A 62 6.71 -5.56 7.53
CA TYR A 62 7.17 -6.87 7.85
C TYR A 62 6.89 -7.27 9.28
N PRO A 63 5.85 -8.08 9.49
CA PRO A 63 5.55 -8.64 10.77
C PRO A 63 6.34 -9.93 10.95
N VAL A 64 7.58 -9.77 11.30
CA VAL A 64 8.47 -10.89 11.51
C VAL A 64 8.72 -11.03 12.98
N GLY A 65 9.12 -12.19 13.42
CA GLY A 65 9.25 -12.49 14.80
C GLY A 65 10.23 -13.61 14.93
N ALA A 1 5.21 7.82 18.17
CA ALA A 1 5.42 7.32 19.53
C ALA A 1 4.79 5.95 19.72
N ARG A 2 3.80 5.64 18.89
CA ARG A 2 3.12 4.38 19.04
C ARG A 2 3.00 3.64 17.73
N PRO A 3 2.93 2.31 17.80
CA PRO A 3 2.50 1.48 16.69
C PRO A 3 0.97 1.64 16.58
N LYS A 4 0.30 0.84 15.79
CA LYS A 4 -1.10 0.98 15.51
C LYS A 4 -1.78 -0.38 15.68
N ASP A 5 -2.87 -0.55 14.95
CA ASP A 5 -3.44 -1.87 14.67
C ASP A 5 -2.65 -2.29 13.45
N ARG A 6 -3.19 -3.17 12.67
CA ARG A 6 -2.77 -3.20 11.34
C ARG A 6 -3.85 -2.39 10.60
N PRO A 7 -3.52 -1.16 10.17
CA PRO A 7 -4.44 -0.25 9.50
C PRO A 7 -4.93 -0.58 8.20
N SER A 8 -5.97 -1.44 8.25
CA SER A 8 -7.01 -1.72 7.26
C SER A 8 -6.57 -1.65 5.80
N TYR A 9 -6.05 -0.51 5.43
CA TYR A 9 -5.58 -0.22 4.13
C TYR A 9 -4.42 -1.08 3.85
N CYS A 10 -3.63 -1.33 4.94
CA CYS A 10 -2.47 -2.18 4.87
C CYS A 10 -2.80 -3.42 4.10
N ASN A 11 -3.95 -3.98 4.40
CA ASN A 11 -4.25 -5.34 3.87
C ASN A 11 -4.99 -5.27 2.55
N LEU A 12 -5.24 -4.08 2.05
CA LEU A 12 -6.08 -3.91 0.87
C LEU A 12 -5.31 -4.10 -0.44
N PRO A 13 -5.94 -4.76 -1.42
CA PRO A 13 -5.35 -4.94 -2.74
C PRO A 13 -5.42 -3.65 -3.55
N ALA A 14 -4.40 -3.42 -4.35
CA ALA A 14 -4.28 -2.21 -5.15
C ALA A 14 -5.36 -2.13 -6.25
N ASP A 15 -5.79 -0.94 -6.59
CA ASP A 15 -6.60 -0.67 -7.76
C ASP A 15 -6.03 0.47 -8.53
N SER A 16 -5.64 0.20 -9.74
CA SER A 16 -4.90 1.16 -10.50
C SER A 16 -5.75 2.23 -11.21
N GLY A 17 -6.96 1.88 -11.64
CA GLY A 17 -7.78 2.79 -12.43
C GLY A 17 -7.36 2.79 -13.90
N SER A 18 -7.95 3.76 -14.57
CA SER A 18 -7.84 3.80 -16.06
C SER A 18 -6.66 4.68 -16.47
N GLY A 19 -6.04 5.09 -15.44
CA GLY A 19 -4.80 5.74 -15.61
C GLY A 19 -4.88 7.18 -15.90
N THR A 20 -4.03 7.89 -15.25
CA THR A 20 -3.85 9.26 -15.42
C THR A 20 -2.39 9.65 -15.12
N LYS A 21 -1.99 9.39 -13.91
CA LYS A 21 -0.59 9.45 -13.58
C LYS A 21 -0.08 8.07 -13.22
N PRO A 22 0.56 7.39 -14.18
CA PRO A 22 1.18 6.08 -13.96
C PRO A 22 2.49 6.26 -13.20
N GLU A 23 2.48 5.87 -11.97
CA GLU A 23 3.58 6.06 -11.08
C GLU A 23 3.92 4.73 -10.43
N GLN A 24 5.06 4.67 -9.76
CA GLN A 24 5.32 3.56 -8.89
C GLN A 24 4.79 3.94 -7.57
N ARG A 25 4.06 3.08 -6.95
CA ARG A 25 3.64 3.29 -5.59
C ARG A 25 3.89 2.07 -4.85
N ILE A 26 3.58 2.03 -3.58
CA ILE A 26 4.00 0.92 -2.79
C ILE A 26 2.88 0.58 -1.76
N TYR A 27 2.51 -0.67 -1.64
CA TYR A 27 1.33 -1.07 -0.84
C TYR A 27 1.76 -2.30 -0.03
N TYR A 28 1.05 -2.57 1.09
CA TYR A 28 1.33 -3.72 1.94
C TYR A 28 0.68 -4.94 1.33
N ASN A 29 1.44 -5.95 1.27
CA ASN A 29 0.89 -7.20 0.76
C ASN A 29 0.02 -7.76 1.85
N SER A 30 -1.04 -8.35 1.35
CA SER A 30 -2.20 -8.82 2.12
C SER A 30 -1.79 -10.21 2.65
N ALA A 31 -1.57 -11.08 1.66
CA ALA A 31 -1.01 -12.43 1.93
C ALA A 31 0.38 -12.31 2.61
N LYS A 32 1.25 -11.61 1.91
CA LYS A 32 2.71 -11.76 2.09
C LYS A 32 3.34 -10.88 3.15
N LYS A 33 2.55 -9.91 3.52
CA LYS A 33 2.86 -9.02 4.65
C LYS A 33 4.21 -8.29 4.46
N GLN A 34 4.38 -7.80 3.25
CA GLN A 34 5.55 -7.08 2.79
C GLN A 34 5.06 -5.76 2.23
N CYS A 35 5.95 -5.02 1.56
CA CYS A 35 5.58 -3.70 1.05
C CYS A 35 6.12 -3.74 -0.32
N VAL A 36 5.33 -3.98 -1.31
CA VAL A 36 5.77 -4.07 -2.65
C VAL A 36 5.14 -2.95 -3.45
N THR A 37 5.67 -2.70 -4.58
CA THR A 37 5.15 -1.67 -5.43
C THR A 37 3.99 -2.10 -6.31
N PHE A 38 3.24 -1.12 -6.76
CA PHE A 38 2.14 -1.37 -7.61
C PHE A 38 2.03 -0.27 -8.58
N THR A 39 1.36 -0.57 -9.61
CA THR A 39 1.08 0.33 -10.66
C THR A 39 -0.05 1.24 -10.20
N TYR A 40 0.30 2.44 -9.86
CA TYR A 40 -0.73 3.33 -9.44
C TYR A 40 -1.03 4.25 -10.56
N ASN A 41 -2.19 4.12 -11.14
CA ASN A 41 -2.54 4.93 -12.24
C ASN A 41 -3.29 6.12 -11.77
N GLY A 42 -3.89 5.98 -10.61
CA GLY A 42 -4.36 7.13 -9.94
C GLY A 42 -5.80 7.42 -9.99
N LYS A 43 -6.70 6.52 -10.39
CA LYS A 43 -8.11 6.81 -10.48
C LYS A 43 -8.86 5.63 -9.82
N GLY A 44 -9.78 5.17 -10.63
CA GLY A 44 -10.60 3.99 -10.38
C GLY A 44 -10.27 3.04 -9.24
N GLY A 45 -11.16 3.03 -8.27
CA GLY A 45 -11.11 2.05 -7.22
C GLY A 45 -10.21 2.38 -6.04
N ASN A 46 -9.74 1.29 -5.43
CA ASN A 46 -8.89 1.43 -4.22
C ASN A 46 -7.52 2.06 -4.38
N GLY A 47 -7.27 2.79 -3.32
CA GLY A 47 -6.08 3.56 -3.22
C GLY A 47 -5.19 3.15 -2.09
N ASN A 48 -5.01 1.86 -1.90
CA ASN A 48 -3.97 1.42 -0.98
C ASN A 48 -2.67 1.74 -1.64
N ASN A 49 -2.15 2.86 -1.27
CA ASN A 49 -1.06 3.52 -1.86
C ASN A 49 -0.23 4.18 -0.81
N PHE A 50 0.97 3.74 -0.65
CA PHE A 50 1.91 4.48 0.13
C PHE A 50 3.04 4.88 -0.79
N SER A 51 3.49 6.09 -0.70
CA SER A 51 4.46 6.64 -1.63
C SER A 51 5.81 6.82 -0.98
N ARG A 52 5.90 6.41 0.24
CA ARG A 52 7.12 6.46 0.96
C ARG A 52 7.21 5.17 1.71
N THR A 53 8.35 4.52 1.55
CA THR A 53 8.63 3.23 2.11
C THR A 53 8.50 3.25 3.63
N ASN A 54 8.91 4.32 4.26
CA ASN A 54 8.78 4.41 5.70
C ASN A 54 7.35 4.63 6.13
N ASP A 55 6.51 5.11 5.21
CA ASP A 55 5.11 5.37 5.50
C ASP A 55 4.31 4.11 5.42
N CYS A 56 4.68 3.22 4.52
CA CYS A 56 4.04 1.95 4.52
C CYS A 56 4.44 1.19 5.76
N ARG A 57 5.64 1.41 6.20
CA ARG A 57 6.09 0.76 7.44
C ARG A 57 5.32 1.27 8.66
N GLN A 58 4.95 2.55 8.63
CA GLN A 58 4.09 3.19 9.68
C GLN A 58 2.89 2.36 9.93
N THR A 59 2.15 2.32 8.91
CA THR A 59 1.11 1.49 8.63
C THR A 59 1.43 0.06 9.10
N CYS A 60 2.12 -0.61 8.32
CA CYS A 60 2.22 -2.03 8.45
C CYS A 60 3.24 -2.56 7.63
N GLN A 61 4.47 -2.49 7.96
CA GLN A 61 5.26 -3.30 7.10
C GLN A 61 5.72 -4.58 7.62
N TYR A 62 6.58 -4.56 8.59
CA TYR A 62 7.16 -5.79 9.05
C TYR A 62 6.54 -6.35 10.33
N PRO A 63 5.70 -7.39 10.19
CA PRO A 63 5.18 -8.16 11.28
C PRO A 63 5.84 -9.54 11.26
N VAL A 64 7.09 -9.54 10.85
CA VAL A 64 7.81 -10.76 10.61
C VAL A 64 8.85 -11.01 11.68
N GLY A 65 9.02 -12.27 11.97
CA GLY A 65 9.94 -12.72 12.96
C GLY A 65 9.56 -14.10 13.33
N ALA A 1 1.14 7.79 16.09
CA ALA A 1 0.09 6.79 16.38
C ALA A 1 0.38 6.19 17.74
N ARG A 2 -0.39 5.18 18.14
CA ARG A 2 -0.28 4.47 19.41
C ARG A 2 -0.85 3.10 19.16
N PRO A 3 -0.58 2.05 20.01
CA PRO A 3 -0.95 0.64 19.82
C PRO A 3 -1.73 0.26 18.54
N LYS A 4 -1.02 0.47 17.42
CA LYS A 4 -1.48 0.10 16.07
C LYS A 4 -2.28 -1.23 16.10
N ASP A 5 -3.44 -1.21 15.48
CA ASP A 5 -4.28 -2.41 15.35
C ASP A 5 -3.82 -3.10 14.13
N ARG A 6 -4.59 -4.04 13.59
CA ARG A 6 -4.47 -4.66 12.30
C ARG A 6 -4.02 -3.66 11.28
N PRO A 7 -3.03 -4.09 10.49
CA PRO A 7 -2.50 -3.41 9.32
C PRO A 7 -3.50 -2.57 8.58
N SER A 8 -4.66 -3.16 8.28
CA SER A 8 -5.80 -2.50 7.63
C SER A 8 -5.45 -1.91 6.27
N TYR A 9 -4.73 -0.78 6.28
CA TYR A 9 -4.38 -0.04 5.07
C TYR A 9 -3.32 -0.82 4.34
N CYS A 10 -2.58 -1.49 5.21
CA CYS A 10 -1.57 -2.34 4.71
C CYS A 10 -2.25 -3.38 3.78
N ASN A 11 -3.45 -3.81 4.13
CA ASN A 11 -4.12 -4.91 3.46
C ASN A 11 -5.01 -4.46 2.32
N LEU A 12 -5.00 -3.18 2.03
CA LEU A 12 -5.89 -2.63 1.00
C LEU A 12 -5.30 -2.78 -0.42
N PRO A 13 -6.15 -3.19 -1.39
CA PRO A 13 -5.76 -3.48 -2.77
C PRO A 13 -5.65 -2.23 -3.68
N ALA A 14 -4.74 -2.33 -4.63
CA ALA A 14 -4.47 -1.29 -5.62
C ALA A 14 -5.67 -1.07 -6.55
N ASP A 15 -5.94 0.19 -6.90
CA ASP A 15 -6.81 0.57 -8.02
C ASP A 15 -6.15 1.70 -8.76
N SER A 16 -5.88 1.49 -10.03
CA SER A 16 -5.16 2.51 -10.74
C SER A 16 -5.93 3.77 -11.23
N GLY A 17 -7.22 3.68 -11.49
CA GLY A 17 -7.92 4.82 -12.09
C GLY A 17 -7.67 4.90 -13.60
N SER A 18 -8.15 6.01 -14.16
CA SER A 18 -8.16 6.13 -15.64
C SER A 18 -6.90 6.83 -16.15
N GLY A 19 -6.12 7.08 -15.17
CA GLY A 19 -4.80 7.50 -15.46
C GLY A 19 -4.64 8.96 -15.64
N THR A 20 -3.58 9.43 -15.11
CA THR A 20 -3.13 10.74 -15.22
C THR A 20 -1.61 10.88 -15.03
N LYS A 21 -1.14 10.43 -13.90
CA LYS A 21 0.29 10.31 -13.69
C LYS A 21 0.61 8.86 -13.40
N PRO A 22 1.15 8.12 -14.40
CA PRO A 22 1.48 6.69 -14.25
C PRO A 22 2.77 6.55 -13.49
N GLU A 23 2.71 6.03 -12.30
CA GLU A 23 3.85 5.97 -11.45
C GLU A 23 3.94 4.57 -10.86
N GLN A 24 5.13 4.21 -10.41
CA GLN A 24 5.28 3.06 -9.59
C GLN A 24 4.98 3.50 -8.24
N ARG A 25 4.20 2.78 -7.56
CA ARG A 25 3.93 3.07 -6.18
C ARG A 25 4.03 1.80 -5.43
N ILE A 26 3.82 1.81 -4.15
CA ILE A 26 4.12 0.61 -3.41
C ILE A 26 3.04 0.38 -2.32
N TYR A 27 2.51 -0.82 -2.21
CA TYR A 27 1.36 -1.10 -1.34
C TYR A 27 1.66 -2.47 -0.70
N TYR A 28 1.06 -2.78 0.42
CA TYR A 28 1.28 -4.03 1.13
C TYR A 28 0.35 -5.12 0.57
N ASN A 29 0.92 -6.27 0.32
CA ASN A 29 0.12 -7.39 -0.12
C ASN A 29 -0.68 -7.90 1.02
N SER A 30 -1.90 -8.24 0.66
CA SER A 30 -2.97 -8.57 1.54
C SER A 30 -2.78 -10.06 1.88
N ALA A 31 -2.90 -10.87 0.82
CA ALA A 31 -2.62 -12.32 0.89
C ALA A 31 -1.18 -12.61 1.32
N LYS A 32 -0.28 -11.98 0.56
CA LYS A 32 1.14 -12.35 0.52
C LYS A 32 2.01 -11.70 1.57
N LYS A 33 1.43 -10.63 2.11
CA LYS A 33 1.97 -9.87 3.21
C LYS A 33 3.38 -9.34 2.93
N GLN A 34 3.49 -8.73 1.77
CA GLN A 34 4.75 -8.14 1.26
C GLN A 34 4.46 -6.66 1.02
N CYS A 35 5.37 -5.94 0.38
CA CYS A 35 5.07 -4.54 0.08
C CYS A 35 5.54 -4.44 -1.30
N VAL A 36 4.66 -4.49 -2.22
CA VAL A 36 5.02 -4.56 -3.58
C VAL A 36 4.52 -3.33 -4.29
N THR A 37 4.97 -3.16 -5.46
CA THR A 37 4.59 -2.06 -6.26
C THR A 37 3.29 -2.27 -7.04
N PHE A 38 2.67 -1.16 -7.41
CA PHE A 38 1.48 -1.18 -8.17
C PHE A 38 1.49 -0.02 -9.08
N THR A 39 0.68 -0.10 -10.05
CA THR A 39 0.47 0.91 -11.03
C THR A 39 -0.45 1.96 -10.44
N TYR A 40 0.06 3.12 -10.21
CA TYR A 40 -0.77 4.15 -9.66
C TYR A 40 -0.97 5.23 -10.65
N ASN A 41 -2.17 5.37 -11.11
CA ASN A 41 -2.45 6.34 -12.12
C ASN A 41 -2.89 7.62 -11.50
N GLY A 42 -3.57 7.54 -10.36
CA GLY A 42 -3.73 8.75 -9.63
C GLY A 42 -5.09 9.41 -9.55
N LYS A 43 -6.22 8.78 -9.85
CA LYS A 43 -7.49 9.48 -9.85
C LYS A 43 -8.56 8.70 -9.06
N GLY A 44 -9.64 8.57 -9.78
CA GLY A 44 -10.73 7.73 -9.36
C GLY A 44 -10.43 6.38 -8.74
N GLY A 45 -11.26 6.08 -7.78
CA GLY A 45 -11.19 4.80 -7.16
C GLY A 45 -10.18 4.74 -6.04
N ASN A 46 -9.92 3.51 -5.60
CA ASN A 46 -8.95 3.40 -4.49
C ASN A 46 -7.52 3.81 -4.78
N GLY A 47 -7.03 4.46 -3.75
CA GLY A 47 -5.71 5.00 -3.79
C GLY A 47 -4.88 4.61 -2.64
N ASN A 48 -5.00 3.38 -2.23
CA ASN A 48 -4.16 2.86 -1.18
C ASN A 48 -2.78 2.67 -1.74
N ASN A 49 -1.88 3.51 -1.31
CA ASN A 49 -0.55 3.64 -1.79
C ASN A 49 0.34 4.04 -0.65
N PHE A 50 1.46 3.40 -0.51
CA PHE A 50 2.43 3.85 0.44
C PHE A 50 3.54 4.52 -0.36
N SER A 51 3.50 5.81 -0.28
CA SER A 51 4.24 6.65 -1.19
C SER A 51 5.69 6.78 -0.73
N ARG A 52 6.02 6.28 0.42
CA ARG A 52 7.40 6.26 0.81
C ARG A 52 7.82 4.87 1.24
N THR A 53 8.94 4.39 0.72
CA THR A 53 9.40 3.03 0.99
C THR A 53 9.42 2.69 2.50
N ASN A 54 10.10 3.54 3.30
CA ASN A 54 10.15 3.35 4.77
C ASN A 54 8.80 3.53 5.38
N ASP A 55 7.91 4.15 4.65
CA ASP A 55 6.61 4.41 5.18
C ASP A 55 5.69 3.27 5.00
N CYS A 56 5.87 2.44 3.97
CA CYS A 56 5.12 1.23 3.99
C CYS A 56 5.67 0.37 5.04
N ARG A 57 6.95 0.41 5.25
CA ARG A 57 7.57 -0.33 6.36
C ARG A 57 6.92 -0.01 7.70
N GLN A 58 6.72 1.29 7.95
CA GLN A 58 6.03 1.78 9.18
C GLN A 58 4.79 1.02 9.44
N THR A 59 3.95 1.15 8.53
CA THR A 59 2.81 0.44 8.29
C THR A 59 3.13 -1.07 8.42
N CYS A 60 3.70 -1.58 7.41
CA CYS A 60 3.75 -3.01 7.14
C CYS A 60 4.43 -3.26 5.82
N GLN A 61 5.55 -3.95 5.81
CA GLN A 61 5.91 -4.56 4.58
C GLN A 61 5.78 -6.04 4.71
N TYR A 62 6.60 -6.56 5.55
CA TYR A 62 6.66 -7.93 5.85
C TYR A 62 6.38 -8.17 7.32
N PRO A 63 5.45 -9.06 7.65
CA PRO A 63 5.25 -9.48 9.02
C PRO A 63 6.43 -10.36 9.46
N VAL A 64 7.51 -9.70 9.81
CA VAL A 64 8.72 -10.33 10.25
C VAL A 64 9.09 -9.82 11.62
N GLY A 65 9.74 -10.63 12.38
CA GLY A 65 10.14 -10.28 13.69
C GLY A 65 10.10 -11.49 14.54
#